data_2NPR
#
_entry.id   2NPR
#
_entity_poly.entity_id   1
_entity_poly.type   'polypeptide(L)'
_entity_poly.pdbx_seq_one_letter_code
;TMSSEHTCIDTNVPDNAACYRYLDGTEEWRCLLTFKEEGGKCVPASNVTCKDNNGGCAPEAECKMTDSNKIVCKCTKEGS
EPLFEGVFCS
;
_entity_poly.pdbx_strand_id   A
#
# COMPACT_ATOMS: atom_id res chain seq x y z
N THR A 1 -9.22 -4.07 19.14
CA THR A 1 -9.17 -4.32 17.68
C THR A 1 -10.14 -5.43 17.29
N MET A 2 -11.31 -5.45 17.89
CA MET A 2 -12.29 -6.52 17.55
C MET A 2 -11.76 -7.88 18.00
N SER A 3 -10.73 -8.36 17.36
CA SER A 3 -10.17 -9.69 17.74
C SER A 3 -8.68 -9.74 17.42
N SER A 4 -8.28 -9.19 16.30
CA SER A 4 -6.83 -9.21 15.92
C SER A 4 -6.64 -8.64 14.51
N GLU A 5 -7.32 -7.58 14.20
CA GLU A 5 -7.18 -6.98 12.85
C GLU A 5 -5.77 -6.39 12.68
N HIS A 6 -5.11 -6.10 13.76
CA HIS A 6 -3.73 -5.53 13.67
C HIS A 6 -3.78 -4.16 12.96
N THR A 7 -4.95 -3.63 12.74
CA THR A 7 -5.07 -2.31 12.07
C THR A 7 -4.94 -1.17 13.10
N CYS A 8 -4.31 -0.09 12.73
CA CYS A 8 -4.16 1.03 13.69
C CYS A 8 -5.47 1.26 14.45
N ILE A 9 -5.42 1.91 15.58
CA ILE A 9 -6.67 2.15 16.37
C ILE A 9 -7.15 3.58 16.17
N ASP A 10 -6.28 4.48 15.83
CA ASP A 10 -6.70 5.90 15.63
C ASP A 10 -5.57 6.72 15.03
N THR A 11 -4.82 6.14 14.12
CA THR A 11 -3.70 6.90 13.51
C THR A 11 -4.20 7.67 12.27
N ASN A 12 -3.30 8.25 11.52
CA ASN A 12 -3.73 9.00 10.31
C ASN A 12 -4.13 8.04 9.20
N VAL A 13 -5.39 7.98 8.89
CA VAL A 13 -5.85 7.05 7.81
C VAL A 13 -6.81 7.77 6.86
N PRO A 14 -6.24 8.52 5.97
CA PRO A 14 -7.05 9.29 4.98
C PRO A 14 -7.90 8.33 4.15
N ASP A 15 -8.97 8.82 3.58
CA ASP A 15 -9.84 7.94 2.74
C ASP A 15 -9.07 7.43 1.52
N ASN A 16 -9.60 6.45 0.85
CA ASN A 16 -8.90 5.90 -0.35
C ASN A 16 -7.53 5.35 0.05
N ALA A 17 -7.41 4.87 1.25
CA ALA A 17 -6.10 4.32 1.70
C ALA A 17 -6.31 3.16 2.68
N ALA A 18 -5.27 2.42 2.96
CA ALA A 18 -5.40 1.28 3.92
C ALA A 18 -4.39 1.44 5.04
N CYS A 19 -4.80 1.27 6.27
CA CYS A 19 -3.85 1.43 7.41
C CYS A 19 -3.66 0.10 8.14
N TYR A 20 -2.50 -0.12 8.70
CA TYR A 20 -2.25 -1.39 9.42
C TYR A 20 -1.28 -1.15 10.59
N ARG A 21 -1.58 -1.68 11.74
CA ARG A 21 -0.67 -1.47 12.91
C ARG A 21 0.31 -2.65 13.03
N TYR A 22 1.53 -2.37 13.41
CA TYR A 22 2.54 -3.46 13.53
C TYR A 22 2.35 -4.21 14.85
N LEU A 23 3.16 -5.21 15.09
CA LEU A 23 3.03 -6.00 16.34
C LEU A 23 3.56 -5.19 17.54
N ASP A 24 4.43 -4.25 17.29
CA ASP A 24 4.99 -3.43 18.41
C ASP A 24 3.97 -2.38 18.86
N GLY A 25 2.78 -2.43 18.34
CA GLY A 25 1.75 -1.44 18.75
C GLY A 25 1.90 -0.17 17.90
N THR A 26 2.82 -0.16 16.97
CA THR A 26 3.00 1.05 16.12
C THR A 26 1.79 1.22 15.19
N GLU A 27 1.85 2.17 14.29
CA GLU A 27 0.70 2.38 13.36
C GLU A 27 1.20 2.90 12.01
N GLU A 28 0.69 2.38 10.94
CA GLU A 28 1.14 2.85 9.59
C GLU A 28 -0.08 3.00 8.67
N TRP A 29 -0.12 4.03 7.87
CA TRP A 29 -1.27 4.21 6.94
C TRP A 29 -0.78 4.16 5.50
N ARG A 30 -1.34 3.26 4.72
CA ARG A 30 -0.92 3.16 3.29
C ARG A 30 -2.07 3.58 2.37
N CYS A 31 -1.77 3.91 1.14
CA CYS A 31 -2.85 4.33 0.21
C CYS A 31 -3.10 3.25 -0.84
N LEU A 32 -4.22 3.32 -1.51
CA LEU A 32 -4.55 2.29 -2.53
C LEU A 32 -3.51 2.31 -3.66
N LEU A 33 -3.75 1.59 -4.72
CA LEU A 33 -2.78 1.57 -5.85
C LEU A 33 -2.93 2.83 -6.70
N THR A 34 -4.05 3.48 -6.61
CA THR A 34 -4.27 4.73 -7.42
C THR A 34 -4.14 5.97 -6.54
N PHE A 35 -3.69 5.80 -5.33
CA PHE A 35 -3.55 6.99 -4.42
C PHE A 35 -2.12 7.08 -3.88
N LYS A 36 -1.57 8.26 -3.85
CA LYS A 36 -0.19 8.41 -3.31
C LYS A 36 -0.18 9.47 -2.21
N GLU A 37 0.35 9.15 -1.06
CA GLU A 37 0.36 10.15 0.05
C GLU A 37 1.66 10.97 0.01
N GLU A 38 1.54 12.25 -0.20
CA GLU A 38 2.75 13.11 -0.24
C GLU A 38 2.54 14.37 0.61
N GLY A 39 3.08 14.38 1.80
CA GLY A 39 2.90 15.58 2.67
C GLY A 39 1.79 15.31 3.69
N GLY A 40 1.49 14.06 3.93
CA GLY A 40 0.42 13.73 4.91
C GLY A 40 -0.92 13.62 4.18
N LYS A 41 -0.95 13.99 2.92
CA LYS A 41 -2.22 13.89 2.15
C LYS A 41 -2.05 12.92 0.97
N CYS A 42 -3.10 12.26 0.57
CA CYS A 42 -2.97 11.30 -0.56
C CYS A 42 -3.82 11.77 -1.75
N VAL A 43 -3.34 11.58 -2.94
CA VAL A 43 -4.10 12.01 -4.14
C VAL A 43 -4.00 10.95 -5.24
N PRO A 44 -4.83 11.09 -6.23
CA PRO A 44 -4.82 10.14 -7.37
C PRO A 44 -3.44 10.10 -8.01
N ALA A 45 -2.98 8.94 -8.37
CA ALA A 45 -1.63 8.84 -9.00
C ALA A 45 -1.74 9.03 -10.52
N SER A 46 -2.21 8.04 -11.22
CA SER A 46 -2.35 8.16 -12.70
C SER A 46 -0.96 8.23 -13.35
N ASN A 47 -0.15 9.19 -12.97
CA ASN A 47 1.21 9.29 -13.56
C ASN A 47 2.18 8.36 -12.85
N VAL A 48 1.78 7.83 -11.72
CA VAL A 48 2.69 6.91 -10.97
C VAL A 48 2.58 5.49 -11.53
N THR A 49 3.67 4.92 -11.95
CA THR A 49 3.63 3.54 -12.51
C THR A 49 5.02 2.90 -12.44
N CYS A 50 5.15 1.68 -12.88
CA CYS A 50 6.48 1.02 -12.84
C CYS A 50 7.58 1.99 -13.26
N LYS A 51 7.37 2.70 -14.34
CA LYS A 51 8.40 3.68 -14.79
C LYS A 51 8.82 4.56 -13.60
N ASP A 52 7.95 4.75 -12.66
CA ASP A 52 8.28 5.59 -11.47
C ASP A 52 8.61 4.68 -10.28
N ASN A 53 8.47 5.19 -9.09
CA ASN A 53 8.75 4.35 -7.89
C ASN A 53 7.46 3.67 -7.45
N ASN A 54 7.41 2.39 -7.61
CA ASN A 54 6.19 1.62 -7.20
C ASN A 54 4.92 2.41 -7.55
N GLY A 55 4.25 2.04 -8.61
CA GLY A 55 3.00 2.75 -8.99
C GLY A 55 1.90 2.44 -7.97
N GLY A 56 2.23 2.46 -6.71
CA GLY A 56 1.22 2.16 -5.66
C GLY A 56 1.49 0.77 -5.08
N CYS A 57 2.73 0.35 -5.11
CA CYS A 57 3.07 -1.00 -4.55
C CYS A 57 3.53 -0.89 -3.10
N ALA A 58 4.43 -1.73 -2.70
CA ALA A 58 4.92 -1.68 -1.29
C ALA A 58 6.45 -1.84 -1.26
N PRO A 59 7.02 -1.52 -0.13
CA PRO A 59 8.50 -1.62 0.02
C PRO A 59 8.98 -3.03 -0.34
N GLU A 60 8.10 -3.98 -0.41
CA GLU A 60 8.53 -5.36 -0.76
C GLU A 60 7.62 -5.94 -1.84
N ALA A 61 7.06 -5.11 -2.68
CA ALA A 61 6.15 -5.62 -3.75
C ALA A 61 6.80 -5.41 -5.12
N GLU A 62 6.47 -6.25 -6.08
CA GLU A 62 7.06 -6.10 -7.43
C GLU A 62 6.15 -5.23 -8.30
N CYS A 63 6.72 -4.44 -9.18
CA CYS A 63 5.89 -3.56 -10.04
C CYS A 63 5.77 -4.15 -11.45
N LYS A 64 4.58 -4.31 -11.92
CA LYS A 64 4.36 -4.86 -13.28
C LYS A 64 3.27 -4.04 -13.99
N MET A 65 3.47 -3.75 -15.25
CA MET A 65 2.44 -2.95 -15.98
C MET A 65 1.57 -3.84 -16.85
N THR A 66 0.32 -3.50 -17.00
CA THR A 66 -0.60 -4.32 -17.83
C THR A 66 -0.69 -3.76 -19.25
N ASP A 67 -1.46 -4.39 -20.10
CA ASP A 67 -1.59 -3.89 -21.51
C ASP A 67 -2.13 -2.45 -21.52
N SER A 68 -2.63 -1.99 -20.41
CA SER A 68 -3.17 -0.60 -20.37
C SER A 68 -2.14 0.34 -19.73
N ASN A 69 -0.95 -0.13 -19.55
CA ASN A 69 0.11 0.72 -18.93
C ASN A 69 -0.22 0.98 -17.46
N LYS A 70 -1.03 0.15 -16.87
CA LYS A 70 -1.39 0.35 -15.43
C LYS A 70 -0.38 -0.38 -14.54
N ILE A 71 0.21 0.30 -13.60
CA ILE A 71 1.20 -0.36 -12.71
C ILE A 71 0.50 -1.27 -11.69
N VAL A 72 0.76 -2.54 -11.72
CA VAL A 72 0.12 -3.45 -10.74
C VAL A 72 1.14 -3.83 -9.66
N CYS A 73 0.70 -3.92 -8.43
CA CYS A 73 1.66 -4.27 -7.33
C CYS A 73 1.26 -5.59 -6.67
N LYS A 74 2.22 -6.46 -6.46
CA LYS A 74 1.92 -7.76 -5.80
C LYS A 74 3.07 -8.15 -4.87
N CYS A 75 2.81 -8.26 -3.60
CA CYS A 75 3.89 -8.63 -2.64
C CYS A 75 3.92 -10.15 -2.45
N THR A 76 5.07 -10.75 -2.61
CA THR A 76 5.16 -12.23 -2.43
C THR A 76 6.62 -12.64 -2.18
N LYS A 77 7.26 -12.02 -1.22
CA LYS A 77 8.68 -12.37 -0.93
C LYS A 77 8.74 -13.59 0.00
N GLU A 78 8.18 -14.69 -0.41
CA GLU A 78 8.22 -15.91 0.46
C GLU A 78 7.61 -15.60 1.82
N GLY A 79 6.47 -16.14 2.12
CA GLY A 79 5.83 -15.89 3.44
C GLY A 79 5.31 -14.44 3.48
N SER A 80 5.19 -13.81 2.34
CA SER A 80 4.70 -12.41 2.31
C SER A 80 3.17 -12.39 2.13
N GLU A 81 2.49 -11.50 2.80
CA GLU A 81 1.02 -11.42 2.66
C GLU A 81 0.59 -10.00 2.29
N PRO A 82 0.38 -9.80 1.02
CA PRO A 82 -0.04 -8.46 0.52
C PRO A 82 -1.40 -8.08 1.10
N LEU A 83 -1.60 -6.83 1.41
CA LEU A 83 -2.91 -6.40 1.97
C LEU A 83 -3.75 -5.70 0.91
N PHE A 84 -4.91 -6.25 0.64
CA PHE A 84 -5.81 -5.67 -0.40
C PHE A 84 -5.05 -5.34 -1.66
N GLU A 85 -4.30 -4.27 -1.63
CA GLU A 85 -3.53 -3.85 -2.84
C GLU A 85 -2.11 -4.43 -2.82
N GLY A 86 -1.59 -4.72 -1.66
CA GLY A 86 -0.20 -5.26 -1.59
C GLY A 86 0.75 -4.15 -1.17
N VAL A 87 0.29 -2.92 -1.19
CA VAL A 87 1.17 -1.78 -0.79
C VAL A 87 1.81 -2.09 0.56
N PHE A 88 1.29 -3.05 1.26
CA PHE A 88 1.85 -3.44 2.56
C PHE A 88 1.59 -4.93 2.79
N CYS A 89 2.58 -5.76 2.59
CA CYS A 89 2.36 -7.22 2.78
C CYS A 89 3.04 -7.72 4.04
N SER A 90 2.33 -8.49 4.83
CA SER A 90 2.93 -9.02 6.09
C SER A 90 4.05 -10.00 5.76
N THR A 1 -2.76 -11.12 15.43
CA THR A 1 -2.11 -12.47 15.45
C THR A 1 -2.35 -13.19 14.13
N MET A 2 -2.55 -14.48 14.17
CA MET A 2 -2.79 -15.24 12.91
C MET A 2 -3.75 -14.48 12.00
N SER A 3 -4.93 -14.19 12.47
CA SER A 3 -5.92 -13.45 11.64
C SER A 3 -6.21 -12.08 12.26
N SER A 4 -5.74 -11.03 11.66
CA SER A 4 -5.99 -9.67 12.22
C SER A 4 -5.93 -8.62 11.11
N GLU A 5 -6.46 -7.46 11.35
CA GLU A 5 -6.44 -6.39 10.30
C GLU A 5 -5.05 -5.76 10.23
N HIS A 6 -4.34 -5.71 11.33
CA HIS A 6 -2.98 -5.10 11.31
C HIS A 6 -3.05 -3.65 10.83
N THR A 7 -4.22 -3.08 10.78
CA THR A 7 -4.35 -1.68 10.32
C THR A 7 -4.14 -0.72 11.49
N CYS A 8 -3.51 0.41 11.25
CA CYS A 8 -3.27 1.40 12.34
C CYS A 8 -4.41 1.34 13.38
N ILE A 9 -4.10 1.58 14.62
CA ILE A 9 -5.16 1.53 15.67
C ILE A 9 -5.88 2.87 15.79
N ASP A 10 -5.22 3.94 15.46
CA ASP A 10 -5.87 5.27 15.56
C ASP A 10 -4.94 6.36 15.01
N THR A 11 -4.16 6.04 14.02
CA THR A 11 -3.23 7.05 13.45
C THR A 11 -3.96 7.94 12.44
N ASN A 12 -3.29 8.91 11.90
CA ASN A 12 -3.95 9.81 10.91
C ASN A 12 -4.11 9.08 9.57
N VAL A 13 -5.32 8.77 9.21
CA VAL A 13 -5.54 8.04 7.93
C VAL A 13 -6.73 8.62 7.17
N PRO A 14 -6.43 9.46 6.21
CA PRO A 14 -7.49 10.09 5.39
C PRO A 14 -8.27 9.03 4.62
N ASP A 15 -9.48 9.33 4.23
CA ASP A 15 -10.28 8.33 3.46
C ASP A 15 -9.53 7.86 2.22
N ASN A 16 -10.14 7.05 1.41
CA ASN A 16 -9.48 6.56 0.18
C ASN A 16 -8.02 6.17 0.46
N ALA A 17 -7.73 5.73 1.65
CA ALA A 17 -6.33 5.33 1.97
C ALA A 17 -6.33 4.10 2.90
N ALA A 18 -5.24 3.39 2.95
CA ALA A 18 -5.16 2.19 3.83
C ALA A 18 -3.96 2.33 4.77
N CYS A 19 -4.15 2.05 6.03
CA CYS A 19 -3.01 2.16 6.99
C CYS A 19 -2.61 0.77 7.49
N TYR A 20 -1.35 0.56 7.71
CA TYR A 20 -0.90 -0.78 8.20
C TYR A 20 -0.02 -0.62 9.46
N ARG A 21 -0.25 -1.44 10.45
CA ARG A 21 0.57 -1.35 11.69
C ARG A 21 1.57 -2.51 11.75
N TYR A 22 2.78 -2.25 12.15
CA TYR A 22 3.80 -3.34 12.21
C TYR A 22 3.58 -4.18 13.46
N LEU A 23 4.37 -5.19 13.66
CA LEU A 23 4.21 -6.07 14.86
C LEU A 23 4.72 -5.35 16.11
N ASP A 24 5.60 -4.39 15.95
CA ASP A 24 6.14 -3.65 17.13
C ASP A 24 5.11 -2.64 17.63
N GLY A 25 3.95 -2.61 17.04
CA GLY A 25 2.90 -1.64 17.48
C GLY A 25 3.04 -0.34 16.70
N THR A 26 3.96 -0.28 15.78
CA THR A 26 4.15 0.97 14.99
C THR A 26 2.87 1.28 14.19
N GLU A 27 2.91 2.27 13.34
CA GLU A 27 1.71 2.61 12.54
C GLU A 27 2.12 3.19 11.18
N GLU A 28 1.36 2.94 10.16
CA GLU A 28 1.71 3.47 8.81
C GLU A 28 0.44 3.75 8.00
N TRP A 29 0.41 4.82 7.27
CA TRP A 29 -0.79 5.14 6.46
C TRP A 29 -0.42 5.25 4.97
N ARG A 30 -1.06 4.48 4.14
CA ARG A 30 -0.75 4.54 2.68
C ARG A 30 -2.04 4.64 1.88
N CYS A 31 -1.96 5.08 0.66
CA CYS A 31 -3.20 5.21 -0.17
C CYS A 31 -3.21 4.14 -1.26
N LEU A 32 -4.37 3.79 -1.74
CA LEU A 32 -4.47 2.75 -2.81
C LEU A 32 -3.65 3.17 -4.04
N LEU A 33 -3.68 2.39 -5.07
CA LEU A 33 -2.90 2.74 -6.30
C LEU A 33 -3.66 3.80 -7.11
N THR A 34 -4.96 3.83 -7.00
CA THR A 34 -5.75 4.83 -7.78
C THR A 34 -5.69 6.20 -7.08
N PHE A 35 -4.88 6.33 -6.07
CA PHE A 35 -4.78 7.64 -5.36
C PHE A 35 -3.31 8.01 -5.14
N LYS A 36 -3.04 9.27 -4.93
CA LYS A 36 -1.62 9.69 -4.69
C LYS A 36 -1.56 10.62 -3.48
N GLU A 37 -0.72 10.31 -2.53
CA GLU A 37 -0.62 11.18 -1.32
C GLU A 37 0.58 12.12 -1.43
N GLU A 38 0.38 13.39 -1.24
CA GLU A 38 1.51 14.36 -1.32
C GLU A 38 1.38 15.41 -0.22
N GLY A 39 2.12 15.26 0.85
CA GLY A 39 2.04 16.25 1.95
C GLY A 39 1.19 15.69 3.09
N GLY A 40 0.98 14.40 3.11
CA GLY A 40 0.15 13.80 4.19
C GLY A 40 -1.31 13.73 3.74
N LYS A 41 -1.61 14.29 2.61
CA LYS A 41 -3.02 14.26 2.11
C LYS A 41 -3.13 13.28 0.93
N CYS A 42 -4.29 12.75 0.68
CA CYS A 42 -4.44 11.79 -0.44
C CYS A 42 -5.33 12.40 -1.54
N VAL A 43 -4.85 12.44 -2.74
CA VAL A 43 -5.65 13.01 -3.86
C VAL A 43 -5.70 12.02 -5.02
N PRO A 44 -6.59 12.27 -5.94
CA PRO A 44 -6.72 11.39 -7.13
C PRO A 44 -5.36 11.28 -7.84
N ALA A 45 -5.00 10.11 -8.28
CA ALA A 45 -3.70 9.95 -8.98
C ALA A 45 -3.90 9.45 -10.41
N SER A 46 -2.89 8.85 -10.98
CA SER A 46 -3.02 8.35 -12.37
C SER A 46 -1.65 7.91 -12.90
N ASN A 47 -0.63 8.69 -12.64
CA ASN A 47 0.73 8.32 -13.12
C ASN A 47 1.44 7.43 -12.10
N VAL A 48 0.79 7.12 -11.01
CA VAL A 48 1.42 6.25 -9.99
C VAL A 48 1.87 4.93 -10.62
N THR A 49 3.10 4.54 -10.40
CA THR A 49 3.60 3.27 -10.99
C THR A 49 5.03 2.98 -10.52
N CYS A 50 5.64 1.94 -11.03
CA CYS A 50 7.03 1.62 -10.62
C CYS A 50 7.87 2.90 -10.55
N LYS A 51 7.76 3.74 -11.55
CA LYS A 51 8.55 5.00 -11.53
C LYS A 51 8.34 5.73 -10.20
N ASP A 52 7.22 5.49 -9.56
CA ASP A 52 6.96 6.15 -8.26
C ASP A 52 7.25 5.19 -7.11
N ASN A 53 6.42 5.19 -6.10
CA ASN A 53 6.65 4.26 -4.96
C ASN A 53 5.90 2.96 -5.20
N ASN A 54 6.62 1.91 -5.42
CA ASN A 54 5.99 0.57 -5.66
C ASN A 54 4.69 0.71 -6.46
N GLY A 55 4.59 1.73 -7.27
CA GLY A 55 3.34 1.92 -8.07
C GLY A 55 2.13 1.68 -7.18
N GLY A 56 2.24 1.94 -5.90
CA GLY A 56 1.10 1.71 -4.98
C GLY A 56 1.20 0.32 -4.38
N CYS A 57 2.37 -0.27 -4.47
CA CYS A 57 2.57 -1.64 -3.92
C CYS A 57 3.39 -1.58 -2.62
N ALA A 58 4.22 -2.56 -2.38
CA ALA A 58 5.03 -2.53 -1.13
C ALA A 58 6.40 -3.18 -1.39
N PRO A 59 7.33 -2.86 -0.53
CA PRO A 59 8.71 -3.40 -0.66
C PRO A 59 8.69 -4.94 -0.68
N GLU A 60 7.85 -5.53 0.12
CA GLU A 60 7.78 -7.03 0.15
C GLU A 60 7.09 -7.55 -1.11
N ALA A 61 6.69 -6.66 -1.99
CA ALA A 61 6.01 -7.12 -3.23
C ALA A 61 6.82 -6.67 -4.46
N GLU A 62 6.73 -7.40 -5.54
CA GLU A 62 7.49 -7.01 -6.76
C GLU A 62 6.63 -6.10 -7.63
N CYS A 63 7.24 -5.16 -8.31
CA CYS A 63 6.45 -4.23 -9.16
C CYS A 63 6.54 -4.62 -10.64
N LYS A 64 5.42 -4.94 -11.23
CA LYS A 64 5.41 -5.32 -12.67
C LYS A 64 4.29 -4.55 -13.37
N MET A 65 4.59 -3.89 -14.46
CA MET A 65 3.53 -3.11 -15.16
C MET A 65 3.45 -3.49 -16.64
N THR A 66 2.27 -3.46 -17.20
CA THR A 66 2.09 -3.81 -18.63
C THR A 66 2.62 -2.69 -19.54
N ASP A 67 2.52 -2.88 -20.83
CA ASP A 67 3.02 -1.86 -21.79
C ASP A 67 2.27 -0.53 -21.60
N SER A 68 1.19 -0.54 -20.88
CA SER A 68 0.42 0.72 -20.66
C SER A 68 0.97 1.43 -19.42
N ASN A 69 2.06 0.93 -18.91
CA ASN A 69 2.66 1.55 -17.70
C ASN A 69 1.75 1.34 -16.50
N LYS A 70 1.05 0.25 -16.46
CA LYS A 70 0.14 -0.02 -15.31
C LYS A 70 0.88 -0.82 -14.23
N ILE A 71 1.26 -0.19 -13.15
CA ILE A 71 1.99 -0.92 -12.10
C ILE A 71 1.06 -1.83 -11.29
N VAL A 72 1.43 -3.07 -11.12
CA VAL A 72 0.57 -4.01 -10.34
C VAL A 72 1.31 -4.44 -9.07
N CYS A 73 0.60 -4.89 -8.07
CA CYS A 73 1.30 -5.31 -6.82
C CYS A 73 1.34 -6.83 -6.71
N LYS A 74 2.51 -7.37 -6.46
CA LYS A 74 2.63 -8.85 -6.33
C LYS A 74 3.64 -9.18 -5.22
N CYS A 75 3.22 -9.84 -4.18
CA CYS A 75 4.17 -10.18 -3.09
C CYS A 75 4.08 -11.68 -2.77
N THR A 76 5.20 -12.35 -2.77
CA THR A 76 5.18 -13.81 -2.47
C THR A 76 6.56 -14.26 -1.99
N LYS A 77 7.19 -13.50 -1.14
CA LYS A 77 8.54 -13.89 -0.64
C LYS A 77 8.41 -15.04 0.36
N GLU A 78 7.77 -16.11 -0.03
CA GLU A 78 7.63 -17.27 0.89
C GLU A 78 6.95 -16.82 2.19
N GLY A 79 5.67 -17.06 2.32
CA GLY A 79 4.97 -16.65 3.56
C GLY A 79 4.60 -15.16 3.49
N SER A 80 4.50 -14.63 2.30
CA SER A 80 4.15 -13.19 2.16
C SER A 80 2.81 -13.03 1.42
N GLU A 81 1.94 -12.21 1.93
CA GLU A 81 0.62 -12.02 1.26
C GLU A 81 0.23 -10.54 1.24
N PRO A 82 0.12 -10.00 0.06
CA PRO A 82 -0.25 -8.57 -0.09
C PRO A 82 -1.67 -8.33 0.44
N LEU A 83 -1.95 -7.13 0.88
CA LEU A 83 -3.32 -6.85 1.41
C LEU A 83 -4.05 -5.84 0.54
N PHE A 84 -5.20 -6.21 0.05
CA PHE A 84 -6.00 -5.30 -0.83
C PHE A 84 -5.11 -4.61 -1.86
N GLU A 85 -4.33 -3.67 -1.43
CA GLU A 85 -3.44 -2.93 -2.38
C GLU A 85 -2.08 -3.60 -2.49
N GLY A 86 -1.66 -4.31 -1.48
CA GLY A 86 -0.33 -4.96 -1.53
C GLY A 86 0.65 -4.11 -0.73
N VAL A 87 0.38 -2.83 -0.64
CA VAL A 87 1.27 -1.93 0.14
C VAL A 87 1.71 -2.65 1.42
N PHE A 88 0.85 -3.45 1.95
CA PHE A 88 1.17 -4.21 3.19
C PHE A 88 1.01 -5.71 2.92
N CYS A 89 2.09 -6.41 2.72
CA CYS A 89 1.97 -7.86 2.43
C CYS A 89 2.45 -8.69 3.63
N SER A 90 1.63 -9.57 4.11
CA SER A 90 2.03 -10.41 5.28
C SER A 90 2.26 -9.54 6.51
N THR A 1 -11.86 -6.86 4.14
CA THR A 1 -11.65 -5.40 4.30
C THR A 1 -12.73 -4.82 5.22
N MET A 2 -12.97 -5.43 6.34
CA MET A 2 -14.01 -4.91 7.28
C MET A 2 -13.39 -4.64 8.65
N SER A 3 -12.84 -5.65 9.28
CA SER A 3 -12.22 -5.45 10.61
C SER A 3 -10.97 -6.32 10.75
N SER A 4 -9.94 -5.80 11.37
CA SER A 4 -8.69 -6.60 11.54
C SER A 4 -7.76 -5.93 12.56
N GLU A 5 -7.18 -6.69 13.44
CA GLU A 5 -6.27 -6.09 14.46
C GLU A 5 -4.96 -5.64 13.79
N HIS A 6 -4.81 -5.90 12.52
CA HIS A 6 -3.57 -5.49 11.82
C HIS A 6 -3.73 -4.08 11.25
N THR A 7 -4.94 -3.62 11.08
CA THR A 7 -5.16 -2.26 10.53
C THR A 7 -5.12 -1.22 11.65
N CYS A 8 -4.56 -0.07 11.40
CA CYS A 8 -4.50 0.97 12.47
C CYS A 8 -5.83 1.04 13.22
N ILE A 9 -5.79 1.30 14.50
CA ILE A 9 -7.06 1.37 15.28
C ILE A 9 -7.62 2.79 15.24
N ASP A 10 -6.77 3.77 15.03
CA ASP A 10 -7.25 5.18 14.99
C ASP A 10 -6.10 6.12 14.65
N THR A 11 -5.16 5.66 13.87
CA THR A 11 -4.01 6.53 13.49
C THR A 11 -4.40 7.46 12.33
N ASN A 12 -3.48 8.25 11.87
CA ASN A 12 -3.80 9.17 10.74
C ASN A 12 -3.87 8.36 9.44
N VAL A 13 -5.04 8.21 8.89
CA VAL A 13 -5.19 7.43 7.64
C VAL A 13 -6.32 8.01 6.78
N PRO A 14 -5.93 8.87 5.87
CA PRO A 14 -6.91 9.51 4.96
C PRO A 14 -7.70 8.46 4.19
N ASP A 15 -8.87 8.81 3.71
CA ASP A 15 -9.68 7.82 2.94
C ASP A 15 -8.91 7.33 1.71
N ASN A 16 -9.52 6.53 0.90
CA ASN A 16 -8.83 6.03 -0.33
C ASN A 16 -7.43 5.52 0.05
N ALA A 17 -7.25 5.09 1.27
CA ALA A 17 -5.91 4.59 1.69
C ALA A 17 -6.07 3.43 2.68
N ALA A 18 -5.01 2.71 2.95
CA ALA A 18 -5.09 1.58 3.91
C ALA A 18 -4.05 1.76 5.01
N CYS A 19 -4.44 1.58 6.25
CA CYS A 19 -3.47 1.75 7.36
C CYS A 19 -3.23 0.41 8.08
N TYR A 20 -2.01 0.13 8.42
CA TYR A 20 -1.71 -1.15 9.13
C TYR A 20 -0.92 -0.88 10.41
N ARG A 21 -1.21 -1.62 11.45
CA ARG A 21 -0.47 -1.42 12.74
C ARG A 21 0.54 -2.54 12.93
N TYR A 22 1.77 -2.21 13.24
CA TYR A 22 2.81 -3.26 13.43
C TYR A 22 2.54 -4.05 14.72
N LEU A 23 3.37 -5.01 15.02
CA LEU A 23 3.17 -5.82 16.25
C LEU A 23 3.55 -5.02 17.50
N ASP A 24 4.39 -4.03 17.35
CA ASP A 24 4.80 -3.21 18.54
C ASP A 24 3.68 -2.25 18.93
N GLY A 25 2.54 -2.35 18.30
CA GLY A 25 1.41 -1.42 18.64
C GLY A 25 1.52 -0.13 17.84
N THR A 26 2.52 -0.03 16.99
CA THR A 26 2.67 1.20 16.17
C THR A 26 1.55 1.29 15.13
N GLU A 27 1.60 2.25 14.26
CA GLU A 27 0.53 2.39 13.23
C GLU A 27 1.12 2.90 11.91
N GLU A 28 0.59 2.44 10.81
CA GLU A 28 1.11 2.90 9.49
C GLU A 28 -0.05 3.14 8.52
N TRP A 29 -0.03 4.25 7.82
CA TRP A 29 -1.14 4.53 6.87
C TRP A 29 -0.60 4.59 5.43
N ARG A 30 -1.13 3.77 4.57
CA ARG A 30 -0.65 3.77 3.16
C ARG A 30 -1.82 4.09 2.21
N CYS A 31 -1.52 4.52 1.01
CA CYS A 31 -2.61 4.85 0.06
C CYS A 31 -2.66 3.83 -1.08
N LEU A 32 -3.75 3.75 -1.78
CA LEU A 32 -3.86 2.78 -2.90
C LEU A 32 -2.91 3.16 -4.04
N LEU A 33 -2.94 2.43 -5.12
CA LEU A 33 -2.04 2.75 -6.27
C LEU A 33 -2.54 3.99 -7.00
N THR A 34 -3.83 4.22 -7.00
CA THR A 34 -4.38 5.41 -7.71
C THR A 34 -4.35 6.63 -6.79
N PHE A 35 -3.92 6.45 -5.56
CA PHE A 35 -3.88 7.61 -4.63
C PHE A 35 -2.45 7.84 -4.13
N LYS A 36 -2.03 9.06 -4.05
CA LYS A 36 -0.65 9.35 -3.57
C LYS A 36 -0.72 10.30 -2.37
N GLU A 37 -0.11 9.95 -1.28
CA GLU A 37 -0.15 10.83 -0.08
C GLU A 37 1.08 11.73 -0.03
N GLU A 38 0.89 13.02 -0.12
CA GLU A 38 2.05 13.96 -0.08
C GLU A 38 1.80 15.06 0.96
N GLY A 39 2.38 14.95 2.12
CA GLY A 39 2.18 15.98 3.16
C GLY A 39 1.11 15.51 4.15
N GLY A 40 0.87 14.23 4.21
CA GLY A 40 -0.16 13.71 5.15
C GLY A 40 -1.51 13.65 4.43
N LYS A 41 -1.58 14.21 3.25
CA LYS A 41 -2.87 14.19 2.49
C LYS A 41 -2.70 13.34 1.22
N CYS A 42 -3.70 12.61 0.84
CA CYS A 42 -3.59 11.78 -0.39
C CYS A 42 -4.53 12.28 -1.48
N VAL A 43 -4.09 12.24 -2.71
CA VAL A 43 -4.95 12.72 -3.82
C VAL A 43 -4.80 11.79 -5.04
N PRO A 44 -5.74 11.88 -5.93
CA PRO A 44 -5.71 11.03 -7.14
C PRO A 44 -4.39 11.25 -7.89
N ALA A 45 -3.80 10.20 -8.39
CA ALA A 45 -2.52 10.36 -9.12
C ALA A 45 -2.72 10.12 -10.62
N SER A 46 -1.66 9.96 -11.35
CA SER A 46 -1.80 9.72 -12.82
C SER A 46 -0.49 9.19 -13.40
N ASN A 47 0.60 9.85 -13.12
CA ASN A 47 1.91 9.38 -13.66
C ASN A 47 2.54 8.34 -12.73
N VAL A 48 1.84 7.98 -11.68
CA VAL A 48 2.40 6.97 -10.74
C VAL A 48 2.26 5.56 -11.33
N THR A 49 3.32 4.80 -11.33
CA THR A 49 3.26 3.41 -11.88
C THR A 49 4.64 2.75 -11.80
N CYS A 50 4.77 1.58 -12.33
CA CYS A 50 6.10 0.89 -12.27
C CYS A 50 7.20 1.84 -12.74
N LYS A 51 6.89 2.74 -13.63
CA LYS A 51 7.92 3.69 -14.11
C LYS A 51 8.71 4.23 -12.92
N ASP A 52 8.09 4.25 -11.77
CA ASP A 52 8.80 4.75 -10.55
C ASP A 52 8.93 3.64 -9.52
N ASN A 53 8.78 3.95 -8.26
CA ASN A 53 8.89 2.90 -7.22
C ASN A 53 7.49 2.33 -6.93
N ASN A 54 7.29 1.11 -7.30
CA ASN A 54 5.96 0.46 -7.06
C ASN A 54 4.82 1.48 -7.28
N GLY A 55 4.30 1.56 -8.48
CA GLY A 55 3.20 2.53 -8.75
C GLY A 55 2.23 2.56 -7.56
N GLY A 56 2.10 1.46 -6.86
CA GLY A 56 1.18 1.42 -5.69
C GLY A 56 1.40 0.12 -4.92
N CYS A 57 2.55 -0.47 -5.04
CA CYS A 57 2.82 -1.74 -4.31
C CYS A 57 3.72 -1.49 -3.10
N ALA A 58 4.52 -2.45 -2.73
CA ALA A 58 5.41 -2.27 -1.55
C ALA A 58 6.80 -2.86 -1.83
N PRO A 59 7.71 -2.58 -0.94
CA PRO A 59 9.10 -3.08 -1.09
C PRO A 59 9.11 -4.60 -1.27
N GLU A 60 8.30 -5.31 -0.54
CA GLU A 60 8.27 -6.80 -0.68
C GLU A 60 7.27 -7.20 -1.76
N ALA A 61 6.88 -6.28 -2.59
CA ALA A 61 5.89 -6.61 -3.67
C ALA A 61 6.56 -6.50 -5.04
N GLU A 62 6.06 -7.23 -6.00
CA GLU A 62 6.66 -7.18 -7.37
C GLU A 62 5.95 -6.10 -8.20
N CYS A 63 6.67 -5.45 -9.07
CA CYS A 63 6.05 -4.38 -9.90
C CYS A 63 5.78 -4.88 -11.32
N LYS A 64 4.53 -4.87 -11.71
CA LYS A 64 4.18 -5.33 -13.09
C LYS A 64 3.11 -4.39 -13.68
N MET A 65 3.30 -3.98 -14.90
CA MET A 65 2.29 -3.06 -15.52
C MET A 65 1.37 -3.83 -16.46
N THR A 66 0.13 -3.44 -16.55
CA THR A 66 -0.83 -4.15 -17.44
C THR A 66 -0.72 -3.62 -18.87
N ASP A 67 -1.52 -4.15 -19.77
CA ASP A 67 -1.46 -3.69 -21.19
C ASP A 67 -1.91 -2.23 -21.30
N SER A 68 -2.49 -1.69 -20.27
CA SER A 68 -2.93 -0.26 -20.33
C SER A 68 -1.88 0.63 -19.67
N ASN A 69 -0.75 0.06 -19.34
CA ASN A 69 0.33 0.86 -18.69
C ASN A 69 -0.02 1.15 -17.23
N LYS A 70 -0.95 0.42 -16.67
CA LYS A 70 -1.33 0.65 -15.25
C LYS A 70 -0.44 -0.21 -14.35
N ILE A 71 -0.01 0.33 -13.24
CA ILE A 71 0.88 -0.46 -12.33
C ILE A 71 0.07 -1.51 -11.55
N VAL A 72 0.45 -2.75 -11.66
CA VAL A 72 -0.26 -3.82 -10.92
C VAL A 72 0.55 -4.17 -9.67
N CYS A 73 -0.11 -4.42 -8.56
CA CYS A 73 0.64 -4.75 -7.32
C CYS A 73 0.57 -6.25 -7.02
N LYS A 74 1.69 -6.87 -6.77
CA LYS A 74 1.70 -8.33 -6.47
C LYS A 74 2.75 -8.65 -5.40
N CYS A 75 2.34 -9.16 -4.28
CA CYS A 75 3.34 -9.50 -3.21
C CYS A 75 3.23 -10.99 -2.86
N THR A 76 4.33 -11.68 -2.87
CA THR A 76 4.29 -13.14 -2.53
C THR A 76 5.71 -13.69 -2.38
N LYS A 77 6.61 -12.91 -1.83
CA LYS A 77 8.01 -13.40 -1.65
C LYS A 77 8.04 -14.44 -0.53
N GLU A 78 9.22 -14.75 -0.04
CA GLU A 78 9.32 -15.76 1.04
C GLU A 78 8.49 -15.32 2.26
N GLY A 79 7.52 -16.11 2.64
CA GLY A 79 6.68 -15.73 3.81
C GLY A 79 6.18 -14.30 3.64
N SER A 80 5.84 -13.92 2.43
CA SER A 80 5.34 -12.53 2.20
C SER A 80 3.81 -12.48 2.33
N GLU A 81 3.29 -11.44 2.91
CA GLU A 81 1.82 -11.33 3.06
C GLU A 81 1.33 -9.97 2.55
N PRO A 82 0.74 -9.99 1.39
CA PRO A 82 0.23 -8.73 0.79
C PRO A 82 -0.99 -8.22 1.56
N LEU A 83 -1.05 -6.95 1.81
CA LEU A 83 -2.22 -6.40 2.55
C LEU A 83 -3.16 -5.65 1.59
N PHE A 84 -4.38 -6.10 1.52
CA PHE A 84 -5.39 -5.47 0.62
C PHE A 84 -4.77 -4.95 -0.68
N GLU A 85 -3.99 -3.92 -0.60
CA GLU A 85 -3.37 -3.34 -1.84
C GLU A 85 -1.99 -3.94 -2.12
N GLY A 86 -1.31 -4.42 -1.12
CA GLY A 86 0.05 -4.99 -1.34
C GLY A 86 1.08 -3.96 -0.88
N VAL A 87 0.75 -2.69 -0.95
CA VAL A 87 1.70 -1.64 -0.51
C VAL A 87 2.33 -2.06 0.82
N PHE A 88 1.69 -2.96 1.51
CA PHE A 88 2.25 -3.46 2.79
C PHE A 88 2.30 -4.97 2.74
N CYS A 89 3.41 -5.53 2.34
CA CYS A 89 3.50 -7.01 2.24
C CYS A 89 4.38 -7.57 3.35
N SER A 90 3.78 -8.25 4.29
CA SER A 90 4.58 -8.84 5.42
C SER A 90 5.18 -7.72 6.27
N THR A 1 -1.61 -8.14 23.62
CA THR A 1 -3.02 -8.63 23.56
C THR A 1 -3.22 -9.46 22.29
N MET A 2 -4.46 -9.70 21.92
CA MET A 2 -4.73 -10.51 20.69
C MET A 2 -4.63 -9.62 19.45
N SER A 3 -5.08 -8.40 19.54
CA SER A 3 -5.01 -7.50 18.36
C SER A 3 -5.72 -8.13 17.15
N SER A 4 -5.01 -8.95 16.42
CA SER A 4 -5.65 -9.61 15.24
C SER A 4 -5.96 -8.56 14.16
N GLU A 5 -6.78 -7.59 14.48
CA GLU A 5 -7.12 -6.56 13.47
C GLU A 5 -5.89 -5.70 13.16
N HIS A 6 -5.09 -5.42 14.14
CA HIS A 6 -3.87 -4.59 13.89
C HIS A 6 -4.26 -3.24 13.27
N THR A 7 -5.23 -2.57 13.85
CA THR A 7 -5.65 -1.26 13.31
C THR A 7 -4.72 -0.16 13.81
N CYS A 8 -4.42 0.81 12.98
CA CYS A 8 -3.52 1.92 13.41
C CYS A 8 -4.16 2.74 14.52
N ILE A 9 -4.53 2.11 15.61
CA ILE A 9 -5.16 2.86 16.74
C ILE A 9 -6.10 3.94 16.19
N ASP A 10 -6.63 3.72 15.01
CA ASP A 10 -7.54 4.75 14.41
C ASP A 10 -6.75 5.99 14.04
N THR A 11 -5.61 5.82 13.41
CA THR A 11 -4.80 6.99 13.00
C THR A 11 -5.56 7.84 11.98
N ASN A 12 -5.07 9.01 11.69
CA ASN A 12 -5.78 9.86 10.69
C ASN A 12 -5.52 9.29 9.30
N VAL A 13 -6.53 8.73 8.68
CA VAL A 13 -6.34 8.14 7.34
C VAL A 13 -7.49 8.54 6.41
N PRO A 14 -7.14 9.08 5.28
CA PRO A 14 -8.15 9.52 4.30
C PRO A 14 -9.06 8.35 3.91
N ASP A 15 -10.24 8.64 3.44
CA ASP A 15 -11.18 7.54 3.05
C ASP A 15 -10.72 6.89 1.74
N ASN A 16 -9.50 6.43 1.70
CA ASN A 16 -9.00 5.78 0.46
C ASN A 16 -7.58 5.24 0.70
N ALA A 17 -7.28 4.90 1.92
CA ALA A 17 -5.92 4.38 2.24
C ALA A 17 -6.00 3.26 3.28
N ALA A 18 -4.95 2.53 3.47
CA ALA A 18 -4.97 1.42 4.48
C ALA A 18 -3.84 1.61 5.49
N CYS A 19 -4.14 1.47 6.75
CA CYS A 19 -3.08 1.65 7.79
C CYS A 19 -2.85 0.34 8.55
N TYR A 20 -1.65 0.08 8.98
CA TYR A 20 -1.38 -1.18 9.72
C TYR A 20 -0.45 -0.91 10.91
N ARG A 21 -0.78 -1.41 12.06
CA ARG A 21 0.08 -1.19 13.26
C ARG A 21 0.81 -2.49 13.62
N TYR A 22 1.98 -2.38 14.19
CA TYR A 22 2.74 -3.61 14.57
C TYR A 22 2.55 -3.92 16.05
N LEU A 23 3.11 -5.02 16.51
CA LEU A 23 2.97 -5.39 17.95
C LEU A 23 3.84 -4.49 18.83
N ASP A 24 4.88 -3.94 18.28
CA ASP A 24 5.78 -3.08 19.09
C ASP A 24 5.14 -1.70 19.33
N GLY A 25 3.92 -1.52 18.91
CA GLY A 25 3.24 -0.22 19.11
C GLY A 25 3.52 0.71 17.92
N THR A 26 4.26 0.24 16.96
CA THR A 26 4.56 1.10 15.78
C THR A 26 3.31 1.29 14.94
N GLU A 27 3.21 2.38 14.22
CA GLU A 27 2.00 2.62 13.39
C GLU A 27 2.39 3.04 11.97
N GLU A 28 1.77 2.47 10.97
CA GLU A 28 2.12 2.83 9.57
C GLU A 28 0.83 3.01 8.75
N TRP A 29 0.75 4.05 7.96
CA TRP A 29 -0.48 4.25 7.14
C TRP A 29 -0.14 4.20 5.65
N ARG A 30 -0.85 3.40 4.91
CA ARG A 30 -0.56 3.30 3.44
C ARG A 30 -1.80 3.74 2.65
N CYS A 31 -1.63 4.09 1.41
CA CYS A 31 -2.79 4.54 0.60
C CYS A 31 -3.16 3.48 -0.44
N LEU A 32 -4.34 3.59 -1.01
CA LEU A 32 -4.76 2.59 -2.03
C LEU A 32 -3.99 2.78 -3.34
N LEU A 33 -4.39 2.12 -4.38
CA LEU A 33 -3.68 2.26 -5.69
C LEU A 33 -4.24 3.46 -6.45
N THR A 34 -3.52 3.95 -7.43
CA THR A 34 -4.01 5.12 -8.21
C THR A 34 -4.13 6.35 -7.30
N PHE A 35 -3.61 6.25 -6.10
CA PHE A 35 -3.68 7.41 -5.17
C PHE A 35 -2.32 7.64 -4.51
N LYS A 36 -1.93 8.88 -4.35
CA LYS A 36 -0.62 9.16 -3.70
C LYS A 36 -0.83 9.95 -2.41
N GLU A 37 -0.27 9.48 -1.33
CA GLU A 37 -0.44 10.21 -0.03
C GLU A 37 0.76 11.10 0.24
N GLU A 38 0.55 12.39 0.31
CA GLU A 38 1.69 13.32 0.58
C GLU A 38 1.27 14.39 1.59
N GLY A 39 1.64 14.25 2.83
CA GLY A 39 1.26 15.26 3.85
C GLY A 39 0.12 14.73 4.71
N GLY A 40 -0.08 13.43 4.72
CA GLY A 40 -1.19 12.85 5.54
C GLY A 40 -2.45 12.76 4.70
N LYS A 41 -2.43 13.34 3.52
CA LYS A 41 -3.63 13.29 2.64
C LYS A 41 -3.28 12.58 1.33
N CYS A 42 -4.19 11.82 0.78
CA CYS A 42 -3.89 11.11 -0.49
C CYS A 42 -4.73 11.67 -1.64
N VAL A 43 -4.15 11.78 -2.80
CA VAL A 43 -4.91 12.32 -3.96
C VAL A 43 -4.72 11.42 -5.17
N PRO A 44 -5.54 11.64 -6.17
CA PRO A 44 -5.46 10.84 -7.42
C PRO A 44 -4.04 10.94 -7.99
N ALA A 45 -3.49 9.85 -8.47
CA ALA A 45 -2.12 9.90 -9.04
C ALA A 45 -2.17 9.77 -10.57
N SER A 46 -1.04 9.76 -11.20
CA SER A 46 -1.03 9.62 -12.69
C SER A 46 0.38 9.27 -13.17
N ASN A 47 1.38 9.97 -12.69
CA ASN A 47 2.78 9.66 -13.13
C ASN A 47 3.38 8.56 -12.24
N VAL A 48 2.61 8.03 -11.33
CA VAL A 48 3.15 6.95 -10.45
C VAL A 48 2.97 5.58 -11.11
N THR A 49 4.02 4.82 -11.20
CA THR A 49 3.92 3.47 -11.83
C THR A 49 5.27 2.77 -11.78
N CYS A 50 5.37 1.57 -12.30
CA CYS A 50 6.67 0.85 -12.26
C CYS A 50 7.80 1.77 -12.73
N LYS A 51 7.59 2.50 -13.79
CA LYS A 51 8.64 3.42 -14.28
C LYS A 51 9.23 4.19 -13.09
N ASP A 52 8.43 4.46 -12.11
CA ASP A 52 8.91 5.19 -10.91
C ASP A 52 8.97 4.23 -9.72
N ASN A 53 8.52 4.66 -8.57
CA ASN A 53 8.53 3.76 -7.40
C ASN A 53 7.19 3.04 -7.34
N ASN A 54 7.21 1.76 -7.59
CA ASN A 54 5.96 0.94 -7.58
C ASN A 54 4.72 1.84 -7.49
N GLY A 55 4.02 2.01 -8.59
CA GLY A 55 2.80 2.87 -8.61
C GLY A 55 2.06 2.77 -7.27
N GLY A 56 2.14 1.64 -6.62
CA GLY A 56 1.45 1.47 -5.32
C GLY A 56 1.42 -0.02 -4.98
N CYS A 57 2.50 -0.70 -5.25
CA CYS A 57 2.54 -2.16 -4.98
C CYS A 57 3.43 -2.46 -3.77
N ALA A 58 4.11 -1.47 -3.24
CA ALA A 58 4.98 -1.71 -2.05
C ALA A 58 6.25 -2.45 -2.45
N PRO A 59 7.28 -2.25 -1.66
CA PRO A 59 8.59 -2.91 -1.92
C PRO A 59 8.49 -4.42 -1.71
N GLU A 60 7.82 -4.85 -0.68
CA GLU A 60 7.69 -6.32 -0.44
C GLU A 60 6.96 -6.97 -1.61
N ALA A 61 6.33 -6.17 -2.43
CA ALA A 61 5.60 -6.72 -3.60
C ALA A 61 6.40 -6.46 -4.88
N GLU A 62 6.20 -7.28 -5.88
CA GLU A 62 6.97 -7.09 -7.15
C GLU A 62 6.20 -6.15 -8.07
N CYS A 63 6.89 -5.36 -8.85
CA CYS A 63 6.20 -4.39 -9.74
C CYS A 63 6.13 -4.90 -11.17
N LYS A 64 4.94 -5.08 -11.67
CA LYS A 64 4.76 -5.56 -13.07
C LYS A 64 3.76 -4.64 -13.78
N MET A 65 4.10 -4.14 -14.93
CA MET A 65 3.17 -3.23 -15.64
C MET A 65 2.51 -3.94 -16.82
N THR A 66 1.28 -3.60 -17.10
CA THR A 66 0.56 -4.26 -18.24
C THR A 66 0.88 -3.54 -19.55
N ASP A 67 0.30 -4.01 -20.63
CA ASP A 67 0.54 -3.37 -21.95
C ASP A 67 0.02 -1.93 -21.96
N SER A 68 -0.78 -1.58 -20.98
CA SER A 68 -1.32 -0.18 -20.94
C SER A 68 -0.43 0.68 -20.05
N ASN A 69 0.68 0.14 -19.63
CA ASN A 69 1.61 0.91 -18.76
C ASN A 69 1.01 1.09 -17.36
N LYS A 70 0.12 0.22 -16.98
CA LYS A 70 -0.50 0.33 -15.62
C LYS A 70 0.34 -0.45 -14.62
N ILE A 71 0.58 0.09 -13.46
CA ILE A 71 1.40 -0.62 -12.44
C ILE A 71 0.59 -1.74 -11.79
N VAL A 72 1.03 -2.97 -11.94
CA VAL A 72 0.30 -4.11 -11.31
C VAL A 72 1.01 -4.51 -10.01
N CYS A 73 0.26 -4.88 -9.01
CA CYS A 73 0.89 -5.27 -7.71
C CYS A 73 0.85 -6.79 -7.52
N LYS A 74 1.95 -7.36 -7.13
CA LYS A 74 2.00 -8.83 -6.90
C LYS A 74 2.88 -9.15 -5.70
N CYS A 75 2.32 -9.72 -4.67
CA CYS A 75 3.13 -10.03 -3.46
C CYS A 75 3.25 -11.55 -3.27
N THR A 76 4.44 -12.04 -3.14
CA THR A 76 4.62 -13.52 -2.95
C THR A 76 6.10 -13.86 -2.82
N LYS A 77 6.88 -12.96 -2.29
CA LYS A 77 8.35 -13.25 -2.14
C LYS A 77 8.58 -14.21 -0.97
N GLU A 78 7.95 -15.35 -1.00
CA GLU A 78 8.13 -16.34 0.10
C GLU A 78 7.49 -15.81 1.39
N GLY A 79 6.34 -16.33 1.75
CA GLY A 79 5.67 -15.85 2.99
C GLY A 79 5.26 -14.38 2.83
N SER A 80 5.11 -13.93 1.62
CA SER A 80 4.72 -12.51 1.40
C SER A 80 3.20 -12.39 1.34
N GLU A 81 2.65 -11.35 1.90
CA GLU A 81 1.17 -11.18 1.87
C GLU A 81 0.81 -9.73 1.52
N PRO A 82 0.23 -9.56 0.36
CA PRO A 82 -0.17 -8.21 -0.09
C PRO A 82 -1.37 -7.71 0.72
N LEU A 83 -1.36 -6.47 1.13
CA LEU A 83 -2.50 -5.95 1.92
C LEU A 83 -3.52 -5.29 1.00
N PHE A 84 -4.73 -5.79 1.00
CA PHE A 84 -5.82 -5.23 0.15
C PHE A 84 -5.29 -4.72 -1.18
N GLU A 85 -4.59 -3.62 -1.16
CA GLU A 85 -4.06 -3.04 -2.43
C GLU A 85 -2.66 -3.54 -2.75
N GLY A 86 -1.91 -3.96 -1.77
CA GLY A 86 -0.53 -4.44 -2.04
C GLY A 86 0.48 -3.41 -1.55
N VAL A 87 0.07 -2.17 -1.44
CA VAL A 87 1.00 -1.11 -0.94
C VAL A 87 1.78 -1.65 0.26
N PHE A 88 1.25 -2.66 0.89
CA PHE A 88 1.95 -3.26 2.05
C PHE A 88 1.89 -4.79 1.91
N CYS A 89 2.96 -5.39 1.46
CA CYS A 89 2.93 -6.86 1.29
C CYS A 89 3.80 -7.54 2.35
N SER A 90 3.18 -8.22 3.28
CA SER A 90 3.96 -8.91 4.34
C SER A 90 3.10 -9.98 5.02
N THR A 1 3.72 -14.62 17.92
CA THR A 1 2.41 -15.15 17.48
C THR A 1 1.29 -14.16 17.85
N MET A 2 0.76 -14.27 19.03
CA MET A 2 -0.33 -13.33 19.44
C MET A 2 -1.47 -13.36 18.42
N SER A 3 -2.54 -12.66 18.69
CA SER A 3 -3.67 -12.64 17.73
C SER A 3 -4.20 -11.22 17.55
N SER A 4 -3.64 -10.47 16.64
CA SER A 4 -4.10 -9.08 16.42
C SER A 4 -4.16 -8.77 14.93
N GLU A 5 -4.95 -7.78 14.54
CA GLU A 5 -5.05 -7.44 13.10
C GLU A 5 -3.97 -6.43 12.72
N HIS A 6 -3.22 -5.96 13.68
CA HIS A 6 -2.15 -4.97 13.37
C HIS A 6 -2.76 -3.69 12.80
N THR A 7 -3.99 -3.40 13.15
CA THR A 7 -4.64 -2.17 12.61
C THR A 7 -4.28 -0.96 13.50
N CYS A 8 -4.09 0.18 12.90
CA CYS A 8 -3.75 1.39 13.71
C CYS A 8 -4.70 1.51 14.91
N ILE A 9 -4.52 2.50 15.73
CA ILE A 9 -5.42 2.67 16.91
C ILE A 9 -6.04 4.06 16.90
N ASP A 10 -5.63 4.89 15.98
CA ASP A 10 -6.19 6.28 15.91
C ASP A 10 -5.40 7.10 14.91
N THR A 11 -5.13 6.54 13.76
CA THR A 11 -4.35 7.29 12.73
C THR A 11 -5.30 8.04 11.78
N ASN A 12 -4.91 9.21 11.35
CA ASN A 12 -5.79 9.98 10.43
C ASN A 12 -5.72 9.32 9.04
N VAL A 13 -6.78 8.69 8.62
CA VAL A 13 -6.76 8.02 7.30
C VAL A 13 -8.01 8.37 6.49
N PRO A 14 -7.79 9.02 5.38
CA PRO A 14 -8.91 9.42 4.49
C PRO A 14 -9.61 8.19 3.91
N ASP A 15 -10.84 8.34 3.51
CA ASP A 15 -11.58 7.18 2.93
C ASP A 15 -11.00 6.80 1.57
N ASN A 16 -9.73 6.52 1.52
CA ASN A 16 -9.10 6.14 0.23
C ASN A 16 -7.65 5.70 0.46
N ALA A 17 -7.36 5.22 1.64
CA ALA A 17 -5.96 4.77 1.95
C ALA A 17 -6.01 3.60 2.94
N ALA A 18 -4.91 2.92 3.12
CA ALA A 18 -4.90 1.79 4.08
C ALA A 18 -3.80 2.01 5.11
N CYS A 19 -4.10 1.83 6.36
CA CYS A 19 -3.06 2.03 7.41
C CYS A 19 -2.74 0.71 8.10
N TYR A 20 -1.58 0.59 8.67
CA TYR A 20 -1.22 -0.69 9.34
C TYR A 20 -0.30 -0.45 10.55
N ARG A 21 -0.71 -0.86 11.71
CA ARG A 21 0.15 -0.68 12.92
C ARG A 21 0.90 -1.97 13.21
N TYR A 22 2.21 -1.95 13.08
CA TYR A 22 3.00 -3.19 13.34
C TYR A 22 2.59 -3.83 14.67
N LEU A 23 3.05 -5.03 14.91
CA LEU A 23 2.69 -5.73 16.19
C LEU A 23 3.46 -5.12 17.37
N ASP A 24 4.57 -4.50 17.12
CA ASP A 24 5.36 -3.90 18.23
C ASP A 24 4.72 -2.60 18.71
N GLY A 25 3.56 -2.27 18.21
CA GLY A 25 2.88 -1.02 18.67
C GLY A 25 3.28 0.14 17.75
N THR A 26 4.02 -0.12 16.72
CA THR A 26 4.44 0.99 15.80
C THR A 26 3.22 1.44 14.98
N GLU A 27 3.44 2.24 13.98
CA GLU A 27 2.30 2.71 13.15
C GLU A 27 2.75 2.95 11.71
N GLU A 28 2.04 2.40 10.76
CA GLU A 28 2.41 2.60 9.33
C GLU A 28 1.16 2.90 8.51
N TRP A 29 1.21 3.90 7.67
CA TRP A 29 0.01 4.24 6.86
C TRP A 29 0.29 4.09 5.37
N ARG A 30 -0.66 3.61 4.62
CA ARG A 30 -0.44 3.43 3.16
C ARG A 30 -1.68 3.88 2.38
N CYS A 31 -1.53 4.18 1.12
CA CYS A 31 -2.71 4.63 0.32
C CYS A 31 -3.12 3.55 -0.68
N LEU A 32 -4.37 3.55 -1.09
CA LEU A 32 -4.83 2.52 -2.06
C LEU A 32 -3.98 2.57 -3.33
N LEU A 33 -4.51 2.12 -4.43
CA LEU A 33 -3.74 2.13 -5.70
C LEU A 33 -4.00 3.42 -6.46
N THR A 34 -3.00 3.94 -7.14
CA THR A 34 -3.19 5.21 -7.90
C THR A 34 -3.39 6.39 -6.94
N PHE A 35 -3.09 6.21 -5.69
CA PHE A 35 -3.27 7.32 -4.72
C PHE A 35 -1.93 7.66 -4.06
N LYS A 36 -1.65 8.93 -3.91
CA LYS A 36 -0.36 9.34 -3.27
C LYS A 36 -0.64 10.31 -2.11
N GLU A 37 -0.11 10.03 -0.95
CA GLU A 37 -0.36 10.94 0.20
C GLU A 37 0.71 12.02 0.27
N GLU A 38 0.32 13.26 0.13
CA GLU A 38 1.32 14.37 0.18
C GLU A 38 0.82 15.47 1.12
N GLY A 39 1.32 15.52 2.32
CA GLY A 39 0.88 16.57 3.28
C GLY A 39 -0.10 15.96 4.28
N GLY A 40 -0.07 14.67 4.45
CA GLY A 40 -1.00 14.02 5.42
C GLY A 40 -2.28 13.61 4.70
N LYS A 41 -2.45 14.03 3.48
CA LYS A 41 -3.68 13.66 2.72
C LYS A 41 -3.31 12.92 1.44
N CYS A 42 -4.18 12.08 0.96
CA CYS A 42 -3.88 11.33 -0.30
C CYS A 42 -4.81 11.77 -1.42
N VAL A 43 -4.33 11.76 -2.63
CA VAL A 43 -5.17 12.18 -3.79
C VAL A 43 -4.93 11.25 -4.98
N PRO A 44 -5.81 11.34 -5.94
CA PRO A 44 -5.68 10.50 -7.15
C PRO A 44 -4.33 10.73 -7.82
N ALA A 45 -3.69 9.69 -8.28
CA ALA A 45 -2.36 9.88 -8.93
C ALA A 45 -2.48 9.73 -10.45
N SER A 46 -1.41 9.39 -11.12
CA SER A 46 -1.48 9.23 -12.59
C SER A 46 -0.21 8.53 -13.12
N ASN A 47 0.90 9.19 -13.05
CA ASN A 47 2.17 8.56 -13.54
C ASN A 47 2.65 7.48 -12.56
N VAL A 48 1.92 7.26 -11.50
CA VAL A 48 2.33 6.23 -10.51
C VAL A 48 2.50 4.88 -11.21
N THR A 49 3.66 4.29 -11.12
CA THR A 49 3.89 2.98 -11.79
C THR A 49 5.31 2.48 -11.51
N CYS A 50 5.64 1.31 -11.98
CA CYS A 50 7.01 0.79 -11.74
C CYS A 50 8.05 1.89 -11.95
N LYS A 51 7.83 2.73 -12.92
CA LYS A 51 8.80 3.83 -13.18
C LYS A 51 8.89 4.74 -11.95
N ASP A 52 7.85 4.79 -11.17
CA ASP A 52 7.87 5.65 -9.94
C ASP A 52 8.08 4.77 -8.71
N ASN A 53 7.37 5.04 -7.64
CA ASN A 53 7.54 4.22 -6.42
C ASN A 53 6.54 3.06 -6.45
N ASN A 54 7.04 1.88 -6.61
CA ASN A 54 6.15 0.67 -6.64
C ASN A 54 4.80 0.98 -7.30
N GLY A 55 4.76 1.95 -8.18
CA GLY A 55 3.48 2.30 -8.86
C GLY A 55 2.30 2.15 -7.88
N GLY A 56 2.54 2.35 -6.61
CA GLY A 56 1.42 2.22 -5.63
C GLY A 56 1.46 0.83 -4.99
N CYS A 57 2.56 0.14 -5.13
CA CYS A 57 2.68 -1.22 -4.53
C CYS A 57 3.54 -1.18 -3.27
N ALA A 58 4.10 -2.29 -2.88
CA ALA A 58 4.95 -2.32 -1.67
C ALA A 58 6.34 -2.88 -1.99
N PRO A 59 7.25 -2.66 -1.08
CA PRO A 59 8.64 -3.16 -1.26
C PRO A 59 8.67 -4.69 -1.24
N GLU A 60 7.92 -5.30 -0.36
CA GLU A 60 7.90 -6.79 -0.30
C GLU A 60 7.18 -7.35 -1.53
N ALA A 61 6.51 -6.49 -2.26
CA ALA A 61 5.79 -6.96 -3.48
C ALA A 61 6.54 -6.54 -4.73
N GLU A 62 6.42 -7.28 -5.80
CA GLU A 62 7.13 -6.91 -7.05
C GLU A 62 6.24 -6.01 -7.91
N CYS A 63 6.82 -5.07 -8.61
CA CYS A 63 6.02 -4.15 -9.45
C CYS A 63 6.10 -4.57 -10.92
N LYS A 64 4.98 -4.80 -11.53
CA LYS A 64 4.96 -5.20 -12.96
C LYS A 64 4.12 -4.21 -13.77
N MET A 65 4.25 -4.20 -15.06
CA MET A 65 3.44 -3.25 -15.88
C MET A 65 2.71 -3.99 -16.99
N THR A 66 1.54 -3.54 -17.34
CA THR A 66 0.78 -4.21 -18.44
C THR A 66 1.01 -3.52 -19.77
N ASP A 67 0.40 -4.00 -20.82
CA ASP A 67 0.59 -3.37 -22.16
C ASP A 67 0.14 -1.91 -22.13
N SER A 68 -0.56 -1.51 -21.11
CA SER A 68 -1.03 -0.10 -21.02
C SER A 68 -0.10 0.71 -20.13
N ASN A 69 1.00 0.13 -19.73
CA ASN A 69 1.95 0.84 -18.85
C ASN A 69 1.37 0.99 -17.43
N LYS A 70 0.41 0.17 -17.10
CA LYS A 70 -0.19 0.25 -15.74
C LYS A 70 0.60 -0.64 -14.78
N ILE A 71 0.94 -0.13 -13.62
CA ILE A 71 1.73 -0.96 -12.67
C ILE A 71 0.86 -2.02 -12.00
N VAL A 72 1.28 -3.25 -12.05
CA VAL A 72 0.49 -4.34 -11.41
C VAL A 72 1.10 -4.68 -10.04
N CYS A 73 0.29 -5.05 -9.10
CA CYS A 73 0.82 -5.39 -7.74
C CYS A 73 0.83 -6.91 -7.53
N LYS A 74 1.94 -7.44 -7.09
CA LYS A 74 2.02 -8.92 -6.85
C LYS A 74 2.85 -9.21 -5.59
N CYS A 75 2.26 -9.80 -4.60
CA CYS A 75 3.02 -10.11 -3.36
C CYS A 75 3.11 -11.63 -3.15
N THR A 76 4.30 -12.13 -3.01
CA THR A 76 4.46 -13.61 -2.81
C THR A 76 5.93 -13.96 -2.58
N LYS A 77 6.68 -13.05 -2.00
CA LYS A 77 8.12 -13.33 -1.75
C LYS A 77 8.28 -14.28 -0.57
N GLU A 78 7.73 -15.46 -0.67
CA GLU A 78 7.85 -16.43 0.46
C GLU A 78 7.13 -15.91 1.70
N GLY A 79 5.98 -16.46 1.99
CA GLY A 79 5.21 -16.00 3.19
C GLY A 79 4.82 -14.53 3.01
N SER A 80 4.73 -14.07 1.80
CA SER A 80 4.34 -12.65 1.56
C SER A 80 2.83 -12.53 1.40
N GLU A 81 2.24 -11.51 1.96
CA GLU A 81 0.76 -11.34 1.83
C GLU A 81 0.43 -9.88 1.51
N PRO A 82 -0.09 -9.66 0.33
CA PRO A 82 -0.45 -8.29 -0.09
C PRO A 82 -1.68 -7.80 0.67
N LEU A 83 -1.67 -6.58 1.13
CA LEU A 83 -2.85 -6.06 1.87
C LEU A 83 -3.77 -5.27 0.95
N PHE A 84 -5.00 -5.72 0.83
CA PHE A 84 -5.99 -5.05 -0.05
C PHE A 84 -5.36 -4.58 -1.36
N GLU A 85 -4.57 -3.56 -1.31
CA GLU A 85 -3.95 -3.03 -2.55
C GLU A 85 -2.57 -3.65 -2.80
N GLY A 86 -1.90 -4.11 -1.79
CA GLY A 86 -0.55 -4.71 -1.99
C GLY A 86 0.50 -3.75 -1.43
N VAL A 87 0.21 -2.48 -1.43
CA VAL A 87 1.18 -1.49 -0.87
C VAL A 87 1.79 -2.05 0.41
N PHE A 88 1.08 -2.93 1.05
CA PHE A 88 1.60 -3.55 2.29
C PHE A 88 1.58 -5.08 2.12
N CYS A 89 2.68 -5.64 1.71
CA CYS A 89 2.72 -7.11 1.49
C CYS A 89 3.54 -7.79 2.59
N SER A 90 2.88 -8.51 3.46
CA SER A 90 3.60 -9.20 4.55
C SER A 90 4.75 -10.05 3.98
N THR A 1 -7.81 -15.16 10.81
CA THR A 1 -8.16 -13.90 11.52
C THR A 1 -6.91 -13.04 11.73
N MET A 2 -6.78 -11.98 10.98
CA MET A 2 -5.58 -11.11 11.14
C MET A 2 -6.02 -9.68 11.50
N SER A 3 -7.26 -9.36 11.29
CA SER A 3 -7.74 -7.98 11.62
C SER A 3 -7.69 -7.76 13.13
N SER A 4 -8.47 -6.84 13.63
CA SER A 4 -8.47 -6.57 15.09
C SER A 4 -7.08 -6.13 15.55
N GLU A 5 -6.16 -7.05 15.70
CA GLU A 5 -4.79 -6.67 16.15
C GLU A 5 -4.09 -5.86 15.05
N HIS A 6 -4.37 -6.15 13.81
CA HIS A 6 -3.71 -5.39 12.70
C HIS A 6 -4.52 -4.13 12.38
N THR A 7 -5.33 -3.68 13.29
CA THR A 7 -6.14 -2.46 13.04
C THR A 7 -5.33 -1.21 13.40
N CYS A 8 -5.47 -0.15 12.65
CA CYS A 8 -4.71 1.10 12.97
C CYS A 8 -5.45 1.93 14.02
N ILE A 9 -6.28 1.30 14.80
CA ILE A 9 -7.02 2.07 15.84
C ILE A 9 -7.52 3.38 15.26
N ASP A 10 -7.68 3.44 13.96
CA ASP A 10 -8.16 4.70 13.32
C ASP A 10 -7.05 5.74 13.34
N THR A 11 -5.84 5.34 13.03
CA THR A 11 -4.71 6.31 13.03
C THR A 11 -5.01 7.47 12.09
N ASN A 12 -4.09 8.37 11.93
CA ASN A 12 -4.33 9.52 11.01
C ASN A 12 -4.20 9.02 9.56
N VAL A 13 -5.30 8.96 8.86
CA VAL A 13 -5.25 8.47 7.45
C VAL A 13 -6.32 9.16 6.61
N PRO A 14 -5.88 9.91 5.65
CA PRO A 14 -6.82 10.65 4.76
C PRO A 14 -7.67 9.66 3.97
N ASP A 15 -8.86 10.06 3.59
CA ASP A 15 -9.75 9.14 2.82
C ASP A 15 -8.98 8.55 1.63
N ASN A 16 -9.51 7.52 1.04
CA ASN A 16 -8.82 6.90 -0.13
C ASN A 16 -7.45 6.35 0.31
N ALA A 17 -7.38 5.75 1.46
CA ALA A 17 -6.07 5.20 1.93
C ALA A 17 -6.29 3.93 2.77
N ALA A 18 -5.25 3.21 3.03
CA ALA A 18 -5.38 1.96 3.85
C ALA A 18 -4.44 2.03 5.04
N CYS A 19 -4.91 1.69 6.21
CA CYS A 19 -4.04 1.74 7.42
C CYS A 19 -3.81 0.32 7.97
N TYR A 20 -2.66 0.06 8.50
CA TYR A 20 -2.38 -1.30 9.06
C TYR A 20 -1.43 -1.19 10.25
N ARG A 21 -1.63 -1.99 11.27
CA ARG A 21 -0.74 -1.93 12.46
C ARG A 21 0.37 -2.98 12.32
N TYR A 22 1.60 -2.56 12.37
CA TYR A 22 2.72 -3.54 12.25
C TYR A 22 2.59 -4.63 13.32
N LEU A 23 3.43 -5.63 13.27
CA LEU A 23 3.34 -6.72 14.29
C LEU A 23 3.86 -6.24 15.63
N ASP A 24 4.72 -5.25 15.63
CA ASP A 24 5.27 -4.74 16.92
C ASP A 24 4.24 -3.83 17.61
N GLY A 25 3.05 -3.76 17.07
CA GLY A 25 2.01 -2.90 17.71
C GLY A 25 2.20 -1.46 17.25
N THR A 26 3.12 -1.22 16.35
CA THR A 26 3.35 0.17 15.87
C THR A 26 2.13 0.67 15.09
N GLU A 27 2.30 1.72 14.33
CA GLU A 27 1.15 2.27 13.55
C GLU A 27 1.66 2.90 12.25
N GLU A 28 1.04 2.61 11.15
CA GLU A 28 1.48 3.20 9.84
C GLU A 28 0.28 3.42 8.93
N TRP A 29 0.35 4.42 8.09
CA TRP A 29 -0.79 4.69 7.16
C TRP A 29 -0.39 4.36 5.73
N ARG A 30 -1.24 3.70 5.00
CA ARG A 30 -0.91 3.35 3.59
C ARG A 30 -1.99 3.89 2.65
N CYS A 31 -1.70 4.03 1.39
CA CYS A 31 -2.73 4.56 0.44
C CYS A 31 -3.04 3.52 -0.63
N LEU A 32 -4.13 3.72 -1.33
CA LEU A 32 -4.51 2.75 -2.40
C LEU A 32 -3.61 2.92 -3.63
N LEU A 33 -3.88 2.20 -4.67
CA LEU A 33 -3.03 2.31 -5.91
C LEU A 33 -3.33 3.63 -6.63
N THR A 34 -4.59 3.99 -6.72
CA THR A 34 -4.95 5.26 -7.42
C THR A 34 -4.60 6.46 -6.54
N PHE A 35 -4.09 6.22 -5.36
CA PHE A 35 -3.73 7.36 -4.46
C PHE A 35 -2.26 7.27 -4.05
N LYS A 36 -1.58 8.38 -4.04
CA LYS A 36 -0.15 8.37 -3.64
C LYS A 36 0.07 9.37 -2.49
N GLU A 37 0.66 8.94 -1.41
CA GLU A 37 0.87 9.89 -0.28
C GLU A 37 2.28 10.50 -0.34
N GLU A 38 2.35 11.79 -0.50
CA GLU A 38 3.68 12.45 -0.57
C GLU A 38 3.77 13.58 0.47
N GLY A 39 4.41 13.33 1.57
CA GLY A 39 4.54 14.38 2.62
C GLY A 39 3.49 14.15 3.71
N GLY A 40 2.99 12.95 3.80
CA GLY A 40 1.95 12.66 4.83
C GLY A 40 0.57 12.90 4.25
N LYS A 41 0.51 13.47 3.08
CA LYS A 41 -0.81 13.73 2.43
C LYS A 41 -0.95 12.87 1.18
N CYS A 42 -2.12 12.35 0.92
CA CYS A 42 -2.28 11.49 -0.28
C CYS A 42 -3.20 12.17 -1.30
N VAL A 43 -2.93 11.99 -2.56
CA VAL A 43 -3.77 12.62 -3.62
C VAL A 43 -4.03 11.61 -4.74
N PRO A 44 -4.97 11.94 -5.59
CA PRO A 44 -5.30 11.06 -6.73
C PRO A 44 -4.05 10.80 -7.56
N ALA A 45 -3.85 9.58 -8.00
CA ALA A 45 -2.64 9.28 -8.83
C ALA A 45 -3.05 8.89 -10.25
N SER A 46 -3.70 7.78 -10.41
CA SER A 46 -4.12 7.35 -11.78
C SER A 46 -2.90 6.95 -12.62
N ASN A 47 -2.00 7.86 -12.85
CA ASN A 47 -0.79 7.53 -13.65
C ASN A 47 0.24 6.80 -12.81
N VAL A 48 -0.11 6.44 -11.60
CA VAL A 48 0.86 5.73 -10.72
C VAL A 48 1.14 4.32 -11.26
N THR A 49 2.38 3.99 -11.45
CA THR A 49 2.73 2.64 -11.98
C THR A 49 4.17 2.28 -11.60
N CYS A 50 4.56 1.06 -11.84
CA CYS A 50 5.96 0.66 -11.50
C CYS A 50 6.93 1.78 -11.86
N LYS A 51 6.84 2.31 -13.05
CA LYS A 51 7.76 3.40 -13.45
C LYS A 51 7.86 4.41 -12.31
N ASP A 52 6.78 4.66 -11.63
CA ASP A 52 6.81 5.63 -10.49
C ASP A 52 7.11 4.89 -9.19
N ASN A 53 6.37 5.14 -8.16
CA ASN A 53 6.61 4.42 -6.87
C ASN A 53 5.75 3.16 -6.81
N ASN A 54 6.38 2.03 -6.89
CA ASN A 54 5.64 0.73 -6.83
C ASN A 54 4.21 0.88 -7.36
N GLY A 55 4.02 1.62 -8.41
CA GLY A 55 2.65 1.81 -8.97
C GLY A 55 1.66 2.03 -7.82
N GLY A 56 2.11 2.55 -6.72
CA GLY A 56 1.19 2.78 -5.57
C GLY A 56 1.25 1.57 -4.64
N CYS A 57 2.31 0.80 -4.72
CA CYS A 57 2.43 -0.39 -3.85
C CYS A 57 3.42 -0.13 -2.71
N ALA A 58 4.13 -1.15 -2.30
CA ALA A 58 5.10 -0.98 -1.18
C ALA A 58 6.50 -1.43 -1.63
N PRO A 59 7.49 -0.88 -0.99
CA PRO A 59 8.90 -1.21 -1.32
C PRO A 59 9.14 -2.71 -1.19
N GLU A 60 8.27 -3.40 -0.50
CA GLU A 60 8.46 -4.87 -0.34
C GLU A 60 7.78 -5.63 -1.49
N ALA A 61 7.04 -4.93 -2.30
CA ALA A 61 6.34 -5.61 -3.44
C ALA A 61 6.97 -5.17 -4.76
N GLU A 62 6.92 -6.01 -5.76
CA GLU A 62 7.51 -5.64 -7.08
C GLU A 62 6.46 -4.97 -7.97
N CYS A 63 6.86 -4.02 -8.76
CA CYS A 63 5.88 -3.33 -9.65
C CYS A 63 5.99 -3.83 -11.09
N LYS A 64 4.94 -4.37 -11.61
CA LYS A 64 4.96 -4.88 -13.02
C LYS A 64 3.94 -4.09 -13.86
N MET A 65 4.34 -3.59 -15.00
CA MET A 65 3.38 -2.80 -15.83
C MET A 65 2.85 -3.67 -16.98
N THR A 66 1.60 -3.49 -17.32
CA THR A 66 1.00 -4.30 -18.43
C THR A 66 0.89 -3.45 -19.70
N ASP A 67 0.37 -4.02 -20.75
CA ASP A 67 0.22 -3.27 -22.03
C ASP A 67 -0.80 -2.13 -21.88
N SER A 68 -1.55 -2.14 -20.82
CA SER A 68 -2.55 -1.06 -20.62
C SER A 68 -2.00 -0.02 -19.66
N ASN A 69 -0.72 -0.03 -19.44
CA ASN A 69 -0.09 0.95 -18.51
C ASN A 69 -0.62 0.73 -17.09
N LYS A 70 -1.06 -0.45 -16.78
CA LYS A 70 -1.58 -0.74 -15.42
C LYS A 70 -0.49 -1.46 -14.60
N ILE A 71 -0.01 -0.84 -13.56
CA ILE A 71 1.04 -1.50 -12.74
C ILE A 71 0.46 -2.60 -11.86
N VAL A 72 0.91 -3.82 -12.05
CA VAL A 72 0.42 -4.94 -11.21
C VAL A 72 1.45 -5.20 -10.11
N CYS A 73 1.03 -5.30 -8.89
CA CYS A 73 2.02 -5.52 -7.79
C CYS A 73 1.79 -6.84 -7.06
N LYS A 74 2.86 -7.49 -6.69
CA LYS A 74 2.76 -8.77 -5.95
C LYS A 74 3.88 -8.83 -4.90
N CYS A 75 3.53 -8.89 -3.64
CA CYS A 75 4.59 -8.94 -2.59
C CYS A 75 4.79 -10.38 -2.12
N THR A 76 6.01 -10.85 -2.16
CA THR A 76 6.28 -12.25 -1.72
C THR A 76 7.62 -12.32 -0.98
N LYS A 77 7.93 -11.35 -0.17
CA LYS A 77 9.20 -11.37 0.58
C LYS A 77 9.21 -12.52 1.59
N GLU A 78 9.06 -13.74 1.12
CA GLU A 78 9.05 -14.88 2.06
C GLU A 78 7.86 -14.79 3.02
N GLY A 79 6.86 -15.59 2.84
CA GLY A 79 5.68 -15.53 3.73
C GLY A 79 5.09 -14.11 3.71
N SER A 80 5.22 -13.43 2.60
CA SER A 80 4.69 -12.04 2.50
C SER A 80 3.24 -12.07 2.01
N GLU A 81 2.41 -11.22 2.55
CA GLU A 81 0.98 -11.19 2.10
C GLU A 81 0.57 -9.76 1.75
N PRO A 82 0.61 -9.47 0.47
CA PRO A 82 0.24 -8.12 -0.02
C PRO A 82 -1.20 -7.79 0.38
N LEU A 83 -1.44 -6.59 0.84
CA LEU A 83 -2.82 -6.22 1.25
C LEU A 83 -3.49 -5.36 0.18
N PHE A 84 -4.60 -5.84 -0.33
CA PHE A 84 -5.37 -5.12 -1.39
C PHE A 84 -4.47 -4.49 -2.44
N GLU A 85 -3.77 -3.46 -2.09
CA GLU A 85 -2.89 -2.76 -3.08
C GLU A 85 -1.45 -3.31 -3.07
N GLY A 86 -1.03 -3.88 -1.98
CA GLY A 86 0.37 -4.39 -1.92
C GLY A 86 1.25 -3.36 -1.25
N VAL A 87 0.74 -2.18 -1.04
CA VAL A 87 1.55 -1.12 -0.35
C VAL A 87 1.94 -1.61 1.04
N PHE A 88 1.44 -2.75 1.42
CA PHE A 88 1.76 -3.31 2.76
C PHE A 88 1.51 -4.81 2.74
N CYS A 89 2.53 -5.61 2.52
CA CYS A 89 2.32 -7.08 2.48
C CYS A 89 2.90 -7.73 3.72
N SER A 90 2.10 -8.47 4.45
CA SER A 90 2.59 -9.14 5.68
C SER A 90 1.77 -10.40 5.96
N THR A 1 -13.95 -13.89 17.79
CA THR A 1 -13.37 -13.94 16.41
C THR A 1 -12.04 -13.17 16.38
N MET A 2 -11.45 -13.06 15.23
CA MET A 2 -10.16 -12.31 15.12
C MET A 2 -10.26 -10.98 15.86
N SER A 3 -9.15 -10.46 16.30
CA SER A 3 -9.18 -9.15 17.03
C SER A 3 -7.96 -8.31 16.67
N SER A 4 -7.59 -8.30 15.42
CA SER A 4 -6.39 -7.49 15.00
C SER A 4 -6.61 -6.92 13.60
N GLU A 5 -7.23 -5.78 13.50
CA GLU A 5 -7.46 -5.17 12.17
C GLU A 5 -6.14 -4.69 11.56
N HIS A 6 -5.07 -4.78 12.30
CA HIS A 6 -3.76 -4.32 11.77
C HIS A 6 -3.84 -2.85 11.35
N THR A 7 -4.86 -2.16 11.76
CA THR A 7 -4.99 -0.72 11.38
C THR A 7 -4.22 0.16 12.37
N CYS A 8 -3.60 1.20 11.89
CA CYS A 8 -2.83 2.10 12.81
C CYS A 8 -3.76 2.73 13.84
N ILE A 9 -4.28 1.93 14.75
CA ILE A 9 -5.20 2.48 15.79
C ILE A 9 -6.04 3.63 15.23
N ASP A 10 -6.32 3.59 13.96
CA ASP A 10 -7.13 4.68 13.34
C ASP A 10 -6.31 5.98 13.33
N THR A 11 -5.07 5.92 12.94
CA THR A 11 -4.23 7.15 12.91
C THR A 11 -4.75 8.10 11.83
N ASN A 12 -3.99 9.10 11.48
CA ASN A 12 -4.44 10.04 10.43
C ASN A 12 -4.34 9.38 9.06
N VAL A 13 -5.45 9.07 8.46
CA VAL A 13 -5.42 8.41 7.13
C VAL A 13 -6.47 9.02 6.19
N PRO A 14 -6.00 9.75 5.22
CA PRO A 14 -6.90 10.40 4.25
C PRO A 14 -7.78 9.35 3.55
N ASP A 15 -9.05 9.61 3.43
CA ASP A 15 -9.95 8.63 2.76
C ASP A 15 -9.31 8.13 1.46
N ASN A 16 -9.82 7.06 0.91
CA ASN A 16 -9.26 6.52 -0.35
C ASN A 16 -7.86 5.96 -0.10
N ALA A 17 -7.45 5.89 1.13
CA ALA A 17 -6.08 5.35 1.44
C ALA A 17 -6.20 4.13 2.37
N ALA A 18 -5.13 3.41 2.52
CA ALA A 18 -5.17 2.22 3.42
C ALA A 18 -4.05 2.32 4.46
N CYS A 19 -4.36 2.07 5.70
CA CYS A 19 -3.31 2.16 6.76
C CYS A 19 -3.09 0.80 7.42
N TYR A 20 -1.87 0.43 7.67
CA TYR A 20 -1.60 -0.89 8.29
C TYR A 20 -0.57 -0.76 9.41
N ARG A 21 -0.81 -1.39 10.53
CA ARG A 21 0.15 -1.31 11.67
C ARG A 21 0.94 -2.61 11.77
N TYR A 22 2.25 -2.53 11.86
CA TYR A 22 3.06 -3.78 11.95
C TYR A 22 2.65 -4.59 13.18
N LEU A 23 3.23 -5.74 13.36
CA LEU A 23 2.88 -6.59 14.53
C LEU A 23 3.49 -6.03 15.81
N ASP A 24 4.55 -5.27 15.70
CA ASP A 24 5.18 -4.69 16.93
C ASP A 24 4.37 -3.51 17.45
N GLY A 25 3.16 -3.35 17.00
CA GLY A 25 2.33 -2.21 17.49
C GLY A 25 2.65 -0.96 16.67
N THR A 26 3.66 -1.01 15.86
CA THR A 26 4.03 0.18 15.04
C THR A 26 2.82 0.63 14.21
N GLU A 27 2.96 1.69 13.47
CA GLU A 27 1.82 2.17 12.65
C GLU A 27 2.31 2.66 11.28
N GLU A 28 1.57 2.41 10.24
CA GLU A 28 1.99 2.85 8.89
C GLU A 28 0.76 3.16 8.02
N TRP A 29 0.78 4.23 7.28
CA TRP A 29 -0.39 4.55 6.42
C TRP A 29 0.02 4.58 4.95
N ARG A 30 -0.83 4.12 4.08
CA ARG A 30 -0.50 4.12 2.63
C ARG A 30 -1.76 4.30 1.79
N CYS A 31 -1.62 4.71 0.56
CA CYS A 31 -2.82 4.92 -0.31
C CYS A 31 -2.93 3.81 -1.36
N LEU A 32 -4.09 3.65 -1.94
CA LEU A 32 -4.27 2.60 -2.98
C LEU A 32 -3.47 2.94 -4.23
N LEU A 33 -3.51 2.09 -5.23
CA LEU A 33 -2.75 2.37 -6.48
C LEU A 33 -3.34 3.58 -7.20
N THR A 34 -4.46 4.06 -6.75
CA THR A 34 -5.10 5.24 -7.41
C THR A 34 -4.98 6.48 -6.53
N PHE A 35 -4.25 6.40 -5.45
CA PHE A 35 -4.11 7.58 -4.55
C PHE A 35 -2.64 7.77 -4.16
N LYS A 36 -2.18 9.00 -4.16
CA LYS A 36 -0.76 9.25 -3.76
C LYS A 36 -0.73 10.20 -2.57
N GLU A 37 -0.05 9.84 -1.52
CA GLU A 37 -0.01 10.73 -0.32
C GLU A 37 1.29 11.56 -0.32
N GLU A 38 1.16 12.86 -0.39
CA GLU A 38 2.38 13.72 -0.39
C GLU A 38 2.21 14.86 0.63
N GLY A 39 2.82 14.73 1.78
CA GLY A 39 2.70 15.79 2.81
C GLY A 39 1.66 15.38 3.86
N GLY A 40 1.37 14.11 3.96
CA GLY A 40 0.37 13.66 4.95
C GLY A 40 -1.02 13.65 4.31
N LYS A 41 -1.13 14.18 3.13
CA LYS A 41 -2.45 14.21 2.45
C LYS A 41 -2.37 13.35 1.17
N CYS A 42 -3.46 12.76 0.78
CA CYS A 42 -3.42 11.91 -0.46
C CYS A 42 -4.34 12.47 -1.53
N VAL A 43 -3.95 12.36 -2.77
CA VAL A 43 -4.80 12.88 -3.88
C VAL A 43 -4.83 11.85 -5.02
N PRO A 44 -5.73 12.06 -5.94
CA PRO A 44 -5.84 11.14 -7.10
C PRO A 44 -4.49 11.06 -7.82
N ALA A 45 -4.10 9.89 -8.22
CA ALA A 45 -2.79 9.76 -8.92
C ALA A 45 -2.99 9.20 -10.33
N SER A 46 -3.27 7.92 -10.44
CA SER A 46 -3.49 7.32 -11.79
C SER A 46 -2.15 7.25 -12.55
N ASN A 47 -1.50 8.36 -12.71
CA ASN A 47 -0.19 8.35 -13.44
C ASN A 47 0.90 7.74 -12.57
N VAL A 48 0.58 7.40 -11.34
CA VAL A 48 1.61 6.81 -10.43
C VAL A 48 1.68 5.29 -10.65
N THR A 49 2.86 4.76 -10.75
CA THR A 49 3.00 3.28 -10.97
C THR A 49 4.39 2.81 -10.53
N CYS A 50 4.69 1.56 -10.72
CA CYS A 50 6.03 1.04 -10.30
C CYS A 50 7.13 2.00 -10.77
N LYS A 51 7.05 2.48 -11.98
CA LYS A 51 8.09 3.41 -12.49
C LYS A 51 8.51 4.37 -11.38
N ASP A 52 7.57 5.03 -10.76
CA ASP A 52 7.91 5.97 -9.66
C ASP A 52 7.95 5.20 -8.33
N ASN A 53 7.19 5.62 -7.37
CA ASN A 53 7.18 4.89 -6.07
C ASN A 53 6.07 3.84 -6.12
N ASN A 54 6.45 2.60 -6.15
CA ASN A 54 5.47 1.48 -6.20
C ASN A 54 4.04 2.01 -6.30
N GLY A 55 3.53 2.14 -7.51
CA GLY A 55 2.14 2.66 -7.71
C GLY A 55 1.27 2.34 -6.50
N GLY A 56 1.15 1.09 -6.15
CA GLY A 56 0.32 0.72 -4.98
C GLY A 56 0.90 -0.53 -4.32
N CYS A 57 2.12 -0.88 -4.65
CA CYS A 57 2.74 -2.08 -4.04
C CYS A 57 3.38 -1.71 -2.71
N ALA A 58 4.51 -2.29 -2.40
CA ALA A 58 5.18 -1.97 -1.11
C ALA A 58 6.64 -2.45 -1.14
N PRO A 59 7.34 -2.19 -0.06
CA PRO A 59 8.76 -2.60 0.04
C PRO A 59 8.89 -4.13 -0.02
N GLU A 60 8.01 -4.84 0.63
CA GLU A 60 8.09 -6.33 0.60
C GLU A 60 7.40 -6.87 -0.66
N ALA A 61 6.87 -5.99 -1.47
CA ALA A 61 6.18 -6.45 -2.72
C ALA A 61 6.84 -5.81 -3.95
N GLU A 62 6.80 -6.48 -5.08
CA GLU A 62 7.43 -5.93 -6.30
C GLU A 62 6.41 -5.12 -7.11
N CYS A 63 6.85 -4.07 -7.77
CA CYS A 63 5.90 -3.25 -8.57
C CYS A 63 6.04 -3.58 -10.06
N LYS A 64 4.98 -4.01 -10.67
CA LYS A 64 5.03 -4.36 -12.12
C LYS A 64 3.96 -3.58 -12.89
N MET A 65 4.08 -3.50 -14.18
CA MET A 65 3.05 -2.73 -14.96
C MET A 65 2.37 -3.65 -15.98
N THR A 66 1.10 -3.42 -16.23
CA THR A 66 0.38 -4.27 -17.21
C THR A 66 0.43 -3.65 -18.61
N ASP A 67 -0.18 -4.29 -19.57
CA ASP A 67 -0.17 -3.74 -20.96
C ASP A 67 -0.87 -2.38 -20.99
N SER A 68 -1.56 -2.02 -19.94
CA SER A 68 -2.26 -0.71 -19.92
C SER A 68 -1.42 0.31 -19.14
N ASN A 69 -0.20 -0.05 -18.81
CA ASN A 69 0.68 0.88 -18.05
C ASN A 69 0.19 0.99 -16.60
N LYS A 70 -0.62 0.07 -16.16
CA LYS A 70 -1.13 0.12 -14.76
C LYS A 70 -0.15 -0.60 -13.83
N ILE A 71 0.19 -0.01 -12.72
CA ILE A 71 1.15 -0.66 -11.79
C ILE A 71 0.47 -1.80 -11.02
N VAL A 72 0.95 -3.00 -11.19
CA VAL A 72 0.37 -4.16 -10.45
C VAL A 72 1.34 -4.57 -9.34
N CYS A 73 0.84 -4.95 -8.19
CA CYS A 73 1.77 -5.35 -7.10
C CYS A 73 1.79 -6.86 -6.92
N LYS A 74 2.91 -7.39 -6.49
CA LYS A 74 3.02 -8.86 -6.28
C LYS A 74 3.85 -9.13 -5.02
N CYS A 75 3.26 -9.75 -4.04
CA CYS A 75 4.02 -10.05 -2.78
C CYS A 75 4.31 -11.55 -2.68
N THR A 76 5.55 -11.91 -2.50
CA THR A 76 5.89 -13.35 -2.39
C THR A 76 7.26 -13.52 -1.72
N LYS A 77 7.71 -12.54 -0.99
CA LYS A 77 9.04 -12.66 -0.33
C LYS A 77 8.99 -13.75 0.75
N GLU A 78 8.83 -14.98 0.35
CA GLU A 78 8.78 -16.10 1.34
C GLU A 78 7.61 -15.86 2.32
N GLY A 79 6.68 -16.78 2.38
CA GLY A 79 5.53 -16.60 3.31
C GLY A 79 5.03 -15.16 3.21
N SER A 80 5.21 -14.53 2.08
CA SER A 80 4.75 -13.12 1.93
C SER A 80 3.29 -13.09 1.47
N GLU A 81 2.52 -12.16 1.98
CA GLU A 81 1.09 -12.08 1.58
C GLU A 81 0.69 -10.61 1.38
N PRO A 82 0.41 -10.28 0.14
CA PRO A 82 0.01 -8.89 -0.21
C PRO A 82 -1.37 -8.56 0.39
N LEU A 83 -1.62 -7.31 0.68
CA LEU A 83 -2.94 -6.93 1.25
C LEU A 83 -3.69 -6.04 0.29
N PHE A 84 -4.85 -6.48 -0.13
CA PHE A 84 -5.67 -5.68 -1.10
C PHE A 84 -4.79 -5.08 -2.19
N GLU A 85 -4.06 -4.06 -1.86
CA GLU A 85 -3.18 -3.40 -2.88
C GLU A 85 -1.77 -3.98 -2.85
N GLY A 86 -1.34 -4.52 -1.74
CA GLY A 86 0.03 -5.06 -1.67
C GLY A 86 0.87 -4.15 -0.76
N VAL A 87 0.51 -2.90 -0.68
CA VAL A 87 1.27 -1.96 0.19
C VAL A 87 1.64 -2.67 1.49
N PHE A 88 0.81 -3.58 1.91
CA PHE A 88 1.10 -4.34 3.15
C PHE A 88 1.23 -5.82 2.79
N CYS A 89 2.42 -6.28 2.58
CA CYS A 89 2.58 -7.71 2.20
C CYS A 89 3.16 -8.51 3.36
N SER A 90 2.35 -9.35 3.95
CA SER A 90 2.85 -10.18 5.10
C SER A 90 4.00 -11.08 4.65
N THR A 1 -12.96 -7.73 20.65
CA THR A 1 -13.98 -7.33 19.64
C THR A 1 -13.71 -5.92 19.13
N MET A 2 -12.53 -5.68 18.62
CA MET A 2 -12.20 -4.32 18.11
C MET A 2 -11.88 -4.39 16.61
N SER A 3 -11.59 -5.55 16.10
CA SER A 3 -11.28 -5.68 14.65
C SER A 3 -9.98 -4.94 14.33
N SER A 4 -8.88 -5.35 14.91
CA SER A 4 -7.59 -4.66 14.63
C SER A 4 -6.42 -5.63 14.89
N GLU A 5 -6.36 -6.70 14.15
CA GLU A 5 -5.24 -7.67 14.34
C GLU A 5 -3.94 -7.10 13.74
N HIS A 6 -4.01 -5.97 13.11
CA HIS A 6 -2.79 -5.37 12.51
C HIS A 6 -3.09 -3.98 11.96
N THR A 7 -4.30 -3.77 11.49
CA THR A 7 -4.66 -2.43 10.95
C THR A 7 -4.68 -1.39 12.07
N CYS A 8 -4.18 -0.21 11.81
CA CYS A 8 -4.16 0.85 12.85
C CYS A 8 -5.48 0.83 13.63
N ILE A 9 -5.45 1.23 14.88
CA ILE A 9 -6.71 1.24 15.68
C ILE A 9 -7.28 2.66 15.78
N ASP A 10 -6.43 3.65 15.66
CA ASP A 10 -6.91 5.05 15.75
C ASP A 10 -5.86 6.00 15.20
N THR A 11 -5.36 5.73 14.03
CA THR A 11 -4.31 6.63 13.43
C THR A 11 -4.96 7.58 12.44
N ASN A 12 -4.31 8.68 12.14
CA ASN A 12 -4.88 9.63 11.16
C ASN A 12 -4.72 9.06 9.76
N VAL A 13 -5.79 8.67 9.15
CA VAL A 13 -5.69 8.07 7.79
C VAL A 13 -6.95 8.41 6.97
N PRO A 14 -6.84 9.43 6.18
CA PRO A 14 -7.97 9.87 5.33
C PRO A 14 -8.46 8.70 4.46
N ASP A 15 -9.71 8.69 4.10
CA ASP A 15 -10.24 7.59 3.25
C ASP A 15 -9.31 7.34 2.06
N ASN A 16 -9.63 6.38 1.24
CA ASN A 16 -8.77 6.10 0.05
C ASN A 16 -7.37 5.66 0.49
N ALA A 17 -7.21 5.29 1.74
CA ALA A 17 -5.86 4.86 2.20
C ALA A 17 -5.97 3.74 3.23
N ALA A 18 -4.88 3.09 3.54
CA ALA A 18 -4.91 2.00 4.54
C ALA A 18 -3.90 2.29 5.65
N CYS A 19 -4.10 1.76 6.82
CA CYS A 19 -3.13 2.03 7.93
C CYS A 19 -2.77 0.72 8.63
N TYR A 20 -1.53 0.58 9.02
CA TYR A 20 -1.12 -0.69 9.70
C TYR A 20 -0.46 -0.40 11.05
N ARG A 21 -0.73 -1.20 12.04
CA ARG A 21 -0.12 -1.00 13.37
C ARG A 21 0.70 -2.23 13.78
N TYR A 22 1.89 -2.03 14.26
CA TYR A 22 2.73 -3.20 14.65
C TYR A 22 2.41 -3.62 16.09
N LEU A 23 2.97 -4.73 16.53
CA LEU A 23 2.70 -5.20 17.92
C LEU A 23 3.26 -4.21 18.94
N ASP A 24 4.25 -3.45 18.57
CA ASP A 24 4.85 -2.48 19.52
C ASP A 24 3.94 -1.26 19.68
N GLY A 25 2.76 -1.30 19.11
CA GLY A 25 1.84 -0.13 19.24
C GLY A 25 2.19 0.92 18.20
N THR A 26 3.13 0.64 17.34
CA THR A 26 3.53 1.63 16.30
C THR A 26 2.38 1.85 15.32
N GLU A 27 2.62 2.58 14.26
CA GLU A 27 1.53 2.83 13.27
C GLU A 27 2.13 2.99 11.87
N GLU A 28 1.40 2.59 10.86
CA GLU A 28 1.93 2.71 9.47
C GLU A 28 0.85 3.30 8.56
N TRP A 29 1.22 4.16 7.66
CA TRP A 29 0.21 4.76 6.74
C TRP A 29 0.31 4.10 5.36
N ARG A 30 -0.77 3.55 4.89
CA ARG A 30 -0.75 2.88 3.55
C ARG A 30 -1.80 3.52 2.65
N CYS A 31 -1.66 3.37 1.36
CA CYS A 31 -2.68 3.96 0.43
C CYS A 31 -3.09 2.93 -0.62
N LEU A 32 -4.17 3.18 -1.32
CA LEU A 32 -4.64 2.22 -2.36
C LEU A 32 -3.87 2.42 -3.66
N LEU A 33 -4.37 1.87 -4.74
CA LEU A 33 -3.67 2.02 -6.05
C LEU A 33 -4.19 3.26 -6.78
N THR A 34 -3.60 3.59 -7.90
CA THR A 34 -4.06 4.79 -8.66
C THR A 34 -4.14 5.99 -7.71
N PHE A 35 -3.46 5.94 -6.60
CA PHE A 35 -3.49 7.06 -5.63
C PHE A 35 -2.08 7.39 -5.15
N LYS A 36 -1.80 8.62 -4.86
CA LYS A 36 -0.44 8.99 -4.38
C LYS A 36 -0.52 9.67 -3.02
N GLU A 37 0.22 9.20 -2.05
CA GLU A 37 0.17 9.83 -0.70
C GLU A 37 1.35 10.76 -0.51
N GLU A 38 1.10 12.04 -0.32
CA GLU A 38 2.22 13.00 -0.13
C GLU A 38 1.89 13.95 1.02
N GLY A 39 2.45 13.70 2.18
CA GLY A 39 2.18 14.59 3.34
C GLY A 39 1.16 13.92 4.27
N GLY A 40 1.02 12.63 4.17
CA GLY A 40 0.04 11.92 5.04
C GLY A 40 -1.31 11.84 4.33
N LYS A 41 -1.45 12.52 3.23
CA LYS A 41 -2.74 12.47 2.48
C LYS A 41 -2.52 11.82 1.11
N CYS A 42 -3.48 11.05 0.66
CA CYS A 42 -3.32 10.39 -0.67
C CYS A 42 -4.33 10.95 -1.66
N VAL A 43 -3.90 11.23 -2.86
CA VAL A 43 -4.83 11.79 -3.88
C VAL A 43 -4.77 10.95 -5.16
N PRO A 44 -5.73 11.17 -6.01
CA PRO A 44 -5.77 10.43 -7.30
C PRO A 44 -4.45 10.62 -8.04
N ALA A 45 -3.93 9.58 -8.64
CA ALA A 45 -2.65 9.72 -9.37
C ALA A 45 -2.86 9.54 -10.87
N SER A 46 -1.86 9.09 -11.58
CA SER A 46 -2.00 8.89 -13.05
C SER A 46 -0.64 8.58 -13.67
N ASN A 47 0.36 9.33 -13.34
CA ASN A 47 1.71 9.08 -13.92
C ASN A 47 2.47 8.05 -13.07
N VAL A 48 1.84 7.53 -12.05
CA VAL A 48 2.53 6.52 -11.19
C VAL A 48 2.60 5.18 -11.92
N THR A 49 3.78 4.66 -12.11
CA THR A 49 3.93 3.35 -12.80
C THR A 49 5.31 2.77 -12.54
N CYS A 50 5.51 1.51 -12.86
CA CYS A 50 6.84 0.88 -12.63
C CYS A 50 7.96 1.89 -12.91
N LYS A 51 7.93 2.53 -14.05
CA LYS A 51 9.00 3.52 -14.37
C LYS A 51 9.30 4.38 -13.15
N ASP A 52 8.35 4.53 -12.27
CA ASP A 52 8.59 5.35 -11.05
C ASP A 52 8.86 4.45 -9.86
N ASN A 53 8.70 4.95 -8.66
CA ASN A 53 8.94 4.10 -7.47
C ASN A 53 7.63 3.43 -7.06
N ASN A 54 7.55 2.15 -7.23
CA ASN A 54 6.31 1.41 -6.86
C ASN A 54 5.06 2.19 -7.31
N GLY A 55 4.46 1.77 -8.39
CA GLY A 55 3.23 2.48 -8.87
C GLY A 55 2.07 2.18 -7.92
N GLY A 56 2.31 2.22 -6.64
CA GLY A 56 1.22 1.94 -5.66
C GLY A 56 1.47 0.57 -5.03
N CYS A 57 2.69 0.11 -5.06
CA CYS A 57 3.02 -1.22 -4.47
C CYS A 57 3.56 -1.06 -3.06
N ALA A 58 4.34 -2.00 -2.60
CA ALA A 58 4.91 -1.91 -1.22
C ALA A 58 6.43 -2.04 -1.28
N PRO A 59 7.06 -1.68 -0.19
CA PRO A 59 8.54 -1.76 -0.11
C PRO A 59 9.04 -3.17 -0.40
N GLU A 60 8.18 -4.15 -0.35
CA GLU A 60 8.63 -5.55 -0.63
C GLU A 60 7.77 -6.17 -1.73
N ALA A 61 7.14 -5.36 -2.55
CA ALA A 61 6.29 -5.90 -3.64
C ALA A 61 6.92 -5.60 -5.00
N GLU A 62 6.66 -6.42 -5.98
CA GLU A 62 7.23 -6.18 -7.34
C GLU A 62 6.24 -5.35 -8.16
N CYS A 63 6.74 -4.49 -9.01
CA CYS A 63 5.82 -3.64 -9.83
C CYS A 63 5.71 -4.19 -11.25
N LYS A 64 4.51 -4.43 -11.70
CA LYS A 64 4.30 -4.96 -13.08
C LYS A 64 3.31 -4.05 -13.81
N MET A 65 3.63 -3.66 -15.02
CA MET A 65 2.70 -2.77 -15.77
C MET A 65 1.88 -3.58 -16.78
N THR A 66 0.65 -3.18 -17.00
CA THR A 66 -0.21 -3.93 -17.97
C THR A 66 -0.17 -3.26 -19.35
N ASP A 67 -0.88 -3.81 -20.29
CA ASP A 67 -0.89 -3.23 -21.67
C ASP A 67 -1.48 -1.81 -21.64
N SER A 68 -2.11 -1.44 -20.57
CA SER A 68 -2.71 -0.07 -20.49
C SER A 68 -1.74 0.87 -19.77
N ASN A 69 -0.53 0.42 -19.57
CA ASN A 69 0.48 1.26 -18.88
C ASN A 69 0.12 1.41 -17.40
N LYS A 70 -0.76 0.57 -16.92
CA LYS A 70 -1.15 0.66 -15.48
C LYS A 70 -0.23 -0.22 -14.64
N ILE A 71 0.45 0.34 -13.68
CA ILE A 71 1.36 -0.47 -12.84
C ILE A 71 0.57 -1.31 -11.84
N VAL A 72 0.73 -2.60 -11.90
CA VAL A 72 0.01 -3.50 -10.95
C VAL A 72 0.97 -3.91 -9.84
N CYS A 73 0.52 -3.87 -8.61
CA CYS A 73 1.42 -4.25 -7.49
C CYS A 73 1.08 -5.64 -6.95
N LYS A 74 2.06 -6.47 -6.80
CA LYS A 74 1.81 -7.84 -6.27
C LYS A 74 2.97 -8.26 -5.35
N CYS A 75 2.68 -8.50 -4.10
CA CYS A 75 3.77 -8.89 -3.16
C CYS A 75 3.71 -10.40 -2.89
N THR A 76 4.80 -11.08 -3.01
CA THR A 76 4.80 -12.55 -2.77
C THR A 76 6.16 -13.01 -2.23
N LYS A 77 6.99 -12.09 -1.81
CA LYS A 77 8.32 -12.47 -1.27
C LYS A 77 8.17 -13.57 -0.22
N GLU A 78 8.22 -14.81 -0.63
CA GLU A 78 8.08 -15.93 0.35
C GLU A 78 6.65 -15.97 0.89
N GLY A 79 6.50 -16.38 2.12
CA GLY A 79 5.13 -16.42 2.71
C GLY A 79 4.59 -15.00 2.86
N SER A 80 4.91 -14.13 1.94
CA SER A 80 4.42 -12.72 2.04
C SER A 80 2.96 -12.64 1.60
N GLU A 81 2.17 -11.84 2.27
CA GLU A 81 0.74 -11.71 1.88
C GLU A 81 0.36 -10.24 1.73
N PRO A 82 0.17 -9.84 0.49
CA PRO A 82 -0.20 -8.43 0.20
C PRO A 82 -1.50 -8.06 0.90
N LEU A 83 -1.61 -6.82 1.32
CA LEU A 83 -2.85 -6.41 2.03
C LEU A 83 -3.71 -5.51 1.14
N PHE A 84 -4.93 -5.94 0.89
CA PHE A 84 -5.88 -5.17 0.03
C PHE A 84 -5.20 -4.60 -1.22
N GLU A 85 -4.35 -3.63 -1.05
CA GLU A 85 -3.67 -3.02 -2.22
C GLU A 85 -2.33 -3.69 -2.50
N GLY A 86 -1.72 -4.27 -1.51
CA GLY A 86 -0.40 -4.92 -1.72
C GLY A 86 0.68 -3.98 -1.22
N VAL A 87 0.34 -2.75 -0.93
CA VAL A 87 1.35 -1.79 -0.42
C VAL A 87 1.92 -2.30 0.90
N PHE A 88 1.29 -3.30 1.45
CA PHE A 88 1.77 -3.88 2.73
C PHE A 88 1.58 -5.40 2.72
N CYS A 89 2.59 -6.14 2.37
CA CYS A 89 2.43 -7.62 2.34
C CYS A 89 3.19 -8.27 3.49
N SER A 90 2.52 -9.11 4.23
CA SER A 90 3.20 -9.78 5.38
C SER A 90 2.74 -11.24 5.49
N THR A 1 -10.68 -15.79 12.41
CA THR A 1 -11.78 -15.36 11.50
C THR A 1 -11.33 -14.14 10.67
N MET A 2 -11.55 -12.96 11.18
CA MET A 2 -11.14 -11.74 10.42
C MET A 2 -10.84 -10.60 11.40
N SER A 3 -10.65 -10.90 12.65
CA SER A 3 -10.36 -9.83 13.64
C SER A 3 -8.85 -9.60 13.76
N SER A 4 -8.14 -9.66 12.66
CA SER A 4 -6.67 -9.46 12.71
C SER A 4 -6.20 -8.70 11.46
N GLU A 5 -6.71 -7.52 11.24
CA GLU A 5 -6.30 -6.74 10.04
C GLU A 5 -4.98 -6.01 10.32
N HIS A 6 -4.63 -5.85 11.56
CA HIS A 6 -3.36 -5.14 11.89
C HIS A 6 -3.45 -3.67 11.47
N THR A 7 -4.64 -3.16 11.33
CA THR A 7 -4.79 -1.74 10.91
C THR A 7 -4.75 -0.82 12.13
N CYS A 8 -4.10 0.30 12.01
CA CYS A 8 -4.01 1.24 13.17
C CYS A 8 -5.36 1.29 13.91
N ILE A 9 -5.35 1.74 15.14
CA ILE A 9 -6.63 1.81 15.91
C ILE A 9 -7.27 3.19 15.76
N ASP A 10 -6.49 4.19 15.44
CA ASP A 10 -7.05 5.56 15.28
C ASP A 10 -5.97 6.51 14.77
N THR A 11 -5.14 6.06 13.89
CA THR A 11 -4.05 6.93 13.36
C THR A 11 -4.59 7.83 12.23
N ASN A 12 -3.78 8.72 11.74
CA ASN A 12 -4.24 9.60 10.63
C ASN A 12 -4.26 8.79 9.33
N VAL A 13 -5.42 8.53 8.82
CA VAL A 13 -5.52 7.75 7.56
C VAL A 13 -6.77 8.18 6.77
N PRO A 14 -6.56 9.12 5.88
CA PRO A 14 -7.66 9.64 5.05
C PRO A 14 -8.26 8.51 4.18
N ASP A 15 -9.48 8.67 3.76
CA ASP A 15 -10.11 7.61 2.91
C ASP A 15 -9.24 7.33 1.69
N ASN A 16 -9.74 6.54 0.77
CA ASN A 16 -8.97 6.22 -0.46
C ASN A 16 -7.53 5.82 -0.10
N ALA A 17 -7.31 5.41 1.11
CA ALA A 17 -5.92 5.00 1.52
C ALA A 17 -5.98 3.78 2.44
N ALA A 18 -4.86 3.16 2.67
CA ALA A 18 -4.84 1.98 3.57
C ALA A 18 -3.82 2.21 4.68
N CYS A 19 -4.17 1.95 5.91
CA CYS A 19 -3.21 2.16 7.01
C CYS A 19 -2.82 0.82 7.63
N TYR A 20 -1.68 0.76 8.27
CA TYR A 20 -1.25 -0.54 8.86
C TYR A 20 -0.63 -0.34 10.25
N ARG A 21 -0.89 -1.24 11.15
CA ARG A 21 -0.31 -1.13 12.53
C ARG A 21 0.45 -2.42 12.87
N TYR A 22 1.47 -2.33 13.68
CA TYR A 22 2.24 -3.55 14.04
C TYR A 22 1.96 -3.95 15.49
N LEU A 23 2.54 -5.03 15.94
CA LEU A 23 2.31 -5.49 17.34
C LEU A 23 3.07 -4.59 18.33
N ASP A 24 4.11 -3.95 17.89
CA ASP A 24 4.89 -3.06 18.81
C ASP A 24 4.15 -1.75 19.04
N GLY A 25 2.95 -1.62 18.55
CA GLY A 25 2.18 -0.36 18.74
C GLY A 25 2.58 0.65 17.66
N THR A 26 3.41 0.25 16.74
CA THR A 26 3.83 1.20 15.67
C THR A 26 2.64 1.51 14.76
N GLU A 27 2.83 2.36 13.78
CA GLU A 27 1.71 2.70 12.87
C GLU A 27 2.23 3.03 11.47
N GLU A 28 1.70 2.40 10.46
CA GLU A 28 2.15 2.70 9.07
C GLU A 28 0.93 3.10 8.23
N TRP A 29 1.05 4.15 7.47
CA TRP A 29 -0.11 4.61 6.66
C TRP A 29 0.24 4.58 5.17
N ARG A 30 -0.65 4.08 4.36
CA ARG A 30 -0.35 4.02 2.89
C ARG A 30 -1.63 4.24 2.09
N CYS A 31 -1.50 4.61 0.84
CA CYS A 31 -2.71 4.86 0.00
C CYS A 31 -2.85 3.74 -1.03
N LEU A 32 -4.04 3.55 -1.54
CA LEU A 32 -4.26 2.48 -2.55
C LEU A 32 -3.48 2.79 -3.83
N LEU A 33 -4.03 2.47 -4.97
CA LEU A 33 -3.32 2.76 -6.25
C LEU A 33 -3.95 3.97 -6.95
N THR A 34 -3.43 4.35 -8.08
CA THR A 34 -3.99 5.54 -8.80
C THR A 34 -4.13 6.72 -7.85
N PHE A 35 -3.36 6.74 -6.80
CA PHE A 35 -3.45 7.86 -5.83
C PHE A 35 -2.05 8.39 -5.50
N LYS A 36 -1.96 9.61 -5.04
CA LYS A 36 -0.62 10.18 -4.71
C LYS A 36 -0.69 10.96 -3.39
N GLU A 37 0.17 10.65 -2.46
CA GLU A 37 0.13 11.36 -1.15
C GLU A 37 1.21 12.46 -1.11
N GLU A 38 0.83 13.65 -0.78
CA GLU A 38 1.83 14.76 -0.72
C GLU A 38 1.56 15.66 0.50
N GLY A 39 2.30 15.48 1.56
CA GLY A 39 2.08 16.32 2.77
C GLY A 39 1.28 15.54 3.80
N GLY A 40 1.21 14.24 3.66
CA GLY A 40 0.44 13.43 4.64
C GLY A 40 -1.01 13.27 4.15
N LYS A 41 -1.34 13.90 3.06
CA LYS A 41 -2.72 13.79 2.52
C LYS A 41 -2.72 12.92 1.26
N CYS A 42 -3.84 12.38 0.90
CA CYS A 42 -3.89 11.53 -0.32
C CYS A 42 -4.79 12.16 -1.38
N VAL A 43 -4.30 12.29 -2.59
CA VAL A 43 -5.13 12.90 -3.67
C VAL A 43 -5.12 12.00 -4.91
N PRO A 44 -6.02 12.27 -5.80
CA PRO A 44 -6.12 11.48 -7.06
C PRO A 44 -4.82 11.61 -7.85
N ALA A 45 -4.36 10.53 -8.43
CA ALA A 45 -3.09 10.60 -9.22
C ALA A 45 -3.38 10.34 -10.70
N SER A 46 -2.46 9.73 -11.39
CA SER A 46 -2.68 9.45 -12.84
C SER A 46 -1.40 8.91 -13.48
N ASN A 47 -0.33 9.63 -13.40
CA ASN A 47 0.95 9.17 -13.99
C ASN A 47 1.70 8.27 -13.00
N VAL A 48 1.26 8.22 -11.78
CA VAL A 48 1.95 7.37 -10.77
C VAL A 48 1.85 5.90 -11.16
N THR A 49 2.96 5.21 -11.19
CA THR A 49 2.94 3.77 -11.57
C THR A 49 4.31 3.15 -11.36
N CYS A 50 4.58 2.04 -12.01
CA CYS A 50 5.92 1.40 -11.85
C CYS A 50 7.03 2.34 -12.30
N LYS A 51 6.74 3.22 -13.21
CA LYS A 51 7.79 4.17 -13.68
C LYS A 51 8.59 4.67 -12.48
N ASP A 52 7.96 4.76 -11.34
CA ASP A 52 8.67 5.23 -10.12
C ASP A 52 8.77 4.08 -9.12
N ASN A 53 8.52 4.33 -7.87
CA ASN A 53 8.58 3.24 -6.86
C ASN A 53 7.20 2.61 -6.73
N ASN A 54 7.07 1.41 -7.18
CA ASN A 54 5.75 0.69 -7.12
C ASN A 54 4.59 1.67 -6.96
N GLY A 55 3.95 2.01 -8.06
CA GLY A 55 2.79 2.96 -8.01
C GLY A 55 2.19 3.02 -6.61
N GLY A 56 1.91 1.88 -6.03
CA GLY A 56 1.32 1.87 -4.66
C GLY A 56 1.42 0.45 -4.09
N CYS A 57 2.44 -0.27 -4.46
CA CYS A 57 2.60 -1.66 -3.95
C CYS A 57 3.34 -1.66 -2.61
N ALA A 58 4.46 -2.34 -2.55
CA ALA A 58 5.23 -2.37 -1.27
C ALA A 58 6.71 -2.64 -1.55
N PRO A 59 7.51 -2.46 -0.54
CA PRO A 59 8.98 -2.67 -0.67
C PRO A 59 9.28 -4.16 -0.88
N GLU A 60 8.61 -5.02 -0.19
CA GLU A 60 8.86 -6.48 -0.37
C GLU A 60 7.97 -7.02 -1.50
N ALA A 61 7.38 -6.13 -2.25
CA ALA A 61 6.49 -6.55 -3.37
C ALA A 61 7.14 -6.22 -4.72
N GLU A 62 6.81 -6.97 -5.74
CA GLU A 62 7.42 -6.71 -7.08
C GLU A 62 6.55 -5.72 -7.85
N CYS A 63 7.16 -4.88 -8.65
CA CYS A 63 6.37 -3.87 -9.41
C CYS A 63 6.19 -4.30 -10.86
N LYS A 64 4.96 -4.47 -11.27
CA LYS A 64 4.69 -4.87 -12.68
C LYS A 64 3.46 -4.10 -13.18
N MET A 65 3.48 -3.61 -14.39
CA MET A 65 2.31 -2.85 -14.90
C MET A 65 1.67 -3.55 -16.10
N THR A 66 0.38 -3.45 -16.22
CA THR A 66 -0.33 -4.11 -17.35
C THR A 66 -0.11 -3.32 -18.65
N ASP A 67 -0.69 -3.78 -19.74
CA ASP A 67 -0.51 -3.08 -21.04
C ASP A 67 -1.06 -1.65 -20.96
N SER A 68 -1.79 -1.35 -19.93
CA SER A 68 -2.34 0.03 -19.78
C SER A 68 -1.40 0.87 -18.92
N ASN A 69 -0.21 0.38 -18.71
CA ASN A 69 0.77 1.12 -17.87
C ASN A 69 0.24 1.28 -16.45
N LYS A 70 -0.58 0.38 -16.01
CA LYS A 70 -1.14 0.47 -14.63
C LYS A 70 -0.20 -0.24 -13.65
N ILE A 71 0.02 0.32 -12.49
CA ILE A 71 0.93 -0.33 -11.51
C ILE A 71 0.27 -1.55 -10.85
N VAL A 72 0.82 -2.71 -11.04
CA VAL A 72 0.24 -3.93 -10.40
C VAL A 72 1.07 -4.29 -9.17
N CYS A 73 0.43 -4.69 -8.10
CA CYS A 73 1.20 -5.03 -6.88
C CYS A 73 1.26 -6.55 -6.68
N LYS A 74 2.43 -7.08 -6.46
CA LYS A 74 2.56 -8.55 -6.25
C LYS A 74 3.64 -8.83 -5.19
N CYS A 75 3.26 -9.44 -4.10
CA CYS A 75 4.26 -9.74 -3.03
C CYS A 75 4.33 -11.24 -2.78
N THR A 76 5.49 -11.82 -2.91
CA THR A 76 5.62 -13.29 -2.66
C THR A 76 7.05 -13.64 -2.24
N LYS A 77 7.67 -12.79 -1.45
CA LYS A 77 9.06 -13.08 -1.01
C LYS A 77 9.09 -14.28 -0.06
N GLU A 78 8.66 -15.42 -0.52
CA GLU A 78 8.66 -16.63 0.35
C GLU A 78 7.79 -16.38 1.59
N GLY A 79 6.60 -16.94 1.61
CA GLY A 79 5.71 -16.74 2.78
C GLY A 79 5.19 -15.29 2.81
N SER A 80 5.21 -14.64 1.67
CA SER A 80 4.72 -13.23 1.63
C SER A 80 3.24 -13.20 1.22
N GLU A 81 2.38 -12.77 2.11
CA GLU A 81 0.93 -12.71 1.76
C GLU A 81 0.49 -11.27 1.58
N PRO A 82 0.38 -10.86 0.35
CA PRO A 82 -0.04 -9.48 0.03
C PRO A 82 -1.41 -9.18 0.63
N LEU A 83 -1.63 -7.97 1.07
CA LEU A 83 -2.95 -7.62 1.67
C LEU A 83 -3.68 -6.59 0.82
N PHE A 84 -4.87 -6.93 0.41
CA PHE A 84 -5.69 -6.01 -0.46
C PHE A 84 -4.84 -5.35 -1.54
N GLU A 85 -4.01 -4.43 -1.17
CA GLU A 85 -3.16 -3.73 -2.17
C GLU A 85 -1.81 -4.41 -2.33
N GLY A 86 -1.34 -5.09 -1.31
CA GLY A 86 -0.02 -5.76 -1.41
C GLY A 86 1.00 -4.88 -0.70
N VAL A 87 0.70 -3.62 -0.56
CA VAL A 87 1.64 -2.69 0.14
C VAL A 87 2.08 -3.32 1.45
N PHE A 88 1.31 -4.25 1.95
CA PHE A 88 1.67 -4.93 3.22
C PHE A 88 1.47 -6.43 3.04
N CYS A 89 2.48 -7.13 2.61
CA CYS A 89 2.32 -8.59 2.40
C CYS A 89 3.07 -9.39 3.48
N SER A 90 2.35 -10.21 4.19
CA SER A 90 3.01 -11.03 5.27
C SER A 90 2.25 -12.34 5.47
N THR A 1 -10.27 -3.20 7.30
CA THR A 1 -11.42 -3.97 6.73
C THR A 1 -11.57 -5.31 7.47
N MET A 2 -10.91 -6.33 7.01
CA MET A 2 -11.01 -7.65 7.67
C MET A 2 -10.20 -7.66 8.97
N SER A 3 -10.52 -6.79 9.89
CA SER A 3 -9.76 -6.75 11.18
C SER A 3 -8.26 -6.62 10.89
N SER A 4 -7.57 -7.71 10.76
CA SER A 4 -6.10 -7.65 10.49
C SER A 4 -5.40 -6.87 11.59
N GLU A 5 -4.62 -7.54 12.40
CA GLU A 5 -3.90 -6.83 13.50
C GLU A 5 -2.70 -6.05 12.94
N HIS A 6 -2.43 -6.21 11.66
CA HIS A 6 -1.28 -5.48 11.05
C HIS A 6 -1.74 -4.13 10.50
N THR A 7 -3.00 -3.99 10.22
CA THR A 7 -3.51 -2.69 9.69
C THR A 7 -3.74 -1.70 10.83
N CYS A 8 -3.45 -0.44 10.60
CA CYS A 8 -3.64 0.57 11.67
C CYS A 8 -4.95 0.30 12.42
N ILE A 9 -4.95 0.42 13.72
CA ILE A 9 -6.20 0.18 14.50
C ILE A 9 -6.73 1.50 15.08
N ASP A 10 -6.01 2.56 14.89
CA ASP A 10 -6.46 3.87 15.43
C ASP A 10 -5.67 5.01 14.78
N THR A 11 -5.59 5.02 13.47
CA THR A 11 -4.84 6.08 12.77
C THR A 11 -5.78 6.92 11.91
N ASN A 12 -5.56 8.21 11.85
CA ASN A 12 -6.44 9.07 11.02
C ASN A 12 -6.10 8.87 9.55
N VAL A 13 -6.98 8.26 8.81
CA VAL A 13 -6.70 8.02 7.36
C VAL A 13 -7.94 8.35 6.52
N PRO A 14 -7.79 9.30 5.64
CA PRO A 14 -8.90 9.71 4.76
C PRO A 14 -9.29 8.56 3.83
N ASP A 15 -10.56 8.43 3.53
CA ASP A 15 -11.00 7.32 2.62
C ASP A 15 -10.03 7.19 1.44
N ASN A 16 -10.15 6.13 0.69
CA ASN A 16 -9.23 5.94 -0.48
C ASN A 16 -7.78 5.85 -0.02
N ALA A 17 -7.55 5.33 1.16
CA ALA A 17 -6.15 5.21 1.66
C ALA A 17 -5.98 3.91 2.46
N ALA A 18 -4.77 3.46 2.61
CA ALA A 18 -4.52 2.22 3.39
C ALA A 18 -3.52 2.52 4.50
N CYS A 19 -3.79 2.08 5.70
CA CYS A 19 -2.84 2.35 6.81
C CYS A 19 -2.25 1.05 7.34
N TYR A 20 -0.98 1.03 7.64
CA TYR A 20 -0.35 -0.22 8.15
C TYR A 20 0.22 -0.02 9.56
N ARG A 21 0.10 -1.02 10.40
CA ARG A 21 0.65 -0.90 11.78
C ARG A 21 1.72 -1.98 12.00
N TYR A 22 2.92 -1.57 12.33
CA TYR A 22 4.00 -2.56 12.55
C TYR A 22 3.80 -3.31 13.87
N LEU A 23 4.71 -4.17 14.22
CA LEU A 23 4.57 -4.95 15.49
C LEU A 23 4.85 -4.05 16.70
N ASP A 24 5.60 -3.00 16.52
CA ASP A 24 5.91 -2.10 17.67
C ASP A 24 4.70 -1.21 17.99
N GLY A 25 3.58 -1.47 17.37
CA GLY A 25 2.38 -0.63 17.65
C GLY A 25 2.45 0.66 16.85
N THR A 26 3.45 0.81 16.02
CA THR A 26 3.57 2.05 15.21
C THR A 26 2.42 2.13 14.19
N GLU A 27 2.55 2.99 13.22
CA GLU A 27 1.47 3.11 12.20
C GLU A 27 2.06 3.52 10.85
N GLU A 28 1.38 3.23 9.78
CA GLU A 28 1.88 3.61 8.43
C GLU A 28 0.73 4.14 7.57
N TRP A 29 0.95 5.18 6.83
CA TRP A 29 -0.13 5.73 5.98
C TRP A 29 0.11 5.33 4.53
N ARG A 30 -0.82 4.65 3.92
CA ARG A 30 -0.62 4.23 2.50
C ARG A 30 -1.78 4.70 1.62
N CYS A 31 -1.49 4.95 0.36
CA CYS A 31 -2.57 5.41 -0.57
C CYS A 31 -2.81 4.33 -1.63
N LEU A 32 -4.04 4.02 -1.91
CA LEU A 32 -4.33 2.96 -2.93
C LEU A 32 -3.46 3.15 -4.17
N LEU A 33 -3.23 2.10 -4.91
CA LEU A 33 -2.39 2.20 -6.14
C LEU A 33 -2.78 3.42 -6.96
N THR A 34 -4.04 3.57 -7.25
CA THR A 34 -4.48 4.75 -8.06
C THR A 34 -4.64 5.99 -7.16
N PHE A 35 -3.97 6.00 -6.03
CA PHE A 35 -4.07 7.16 -5.12
C PHE A 35 -2.68 7.57 -4.63
N LYS A 36 -2.46 8.85 -4.41
CA LYS A 36 -1.12 9.30 -3.94
C LYS A 36 -1.27 10.06 -2.62
N GLU A 37 -0.52 9.70 -1.62
CA GLU A 37 -0.65 10.41 -0.31
C GLU A 37 0.46 11.45 -0.15
N GLU A 38 0.09 12.69 0.01
CA GLU A 38 1.11 13.76 0.18
C GLU A 38 0.62 14.79 1.20
N GLY A 39 1.09 14.72 2.41
CA GLY A 39 0.66 15.70 3.45
C GLY A 39 -0.28 15.02 4.46
N GLY A 40 -0.33 13.71 4.45
CA GLY A 40 -1.23 13.00 5.41
C GLY A 40 -2.60 12.79 4.78
N LYS A 41 -2.71 12.99 3.49
CA LYS A 41 -4.03 12.80 2.81
C LYS A 41 -3.86 11.87 1.61
N CYS A 42 -4.93 11.32 1.13
CA CYS A 42 -4.84 10.40 -0.04
C CYS A 42 -5.56 11.00 -1.25
N VAL A 43 -4.87 11.16 -2.34
CA VAL A 43 -5.52 11.75 -3.55
C VAL A 43 -5.38 10.79 -4.74
N PRO A 44 -6.14 11.07 -5.77
CA PRO A 44 -6.10 10.23 -6.98
C PRO A 44 -4.69 10.23 -7.57
N ALA A 45 -4.22 9.10 -8.02
CA ALA A 45 -2.84 9.04 -8.59
C ALA A 45 -2.89 9.29 -10.11
N SER A 46 -1.87 8.91 -10.82
CA SER A 46 -1.86 9.13 -12.29
C SER A 46 -0.48 8.79 -12.87
N ASN A 47 0.54 9.47 -12.44
CA ASN A 47 1.91 9.19 -12.97
C ASN A 47 2.57 8.07 -12.16
N VAL A 48 1.84 7.46 -11.27
CA VAL A 48 2.43 6.35 -10.45
C VAL A 48 2.58 5.08 -11.31
N THR A 49 3.79 4.60 -11.43
CA THR A 49 4.01 3.36 -12.24
C THR A 49 5.34 2.71 -11.85
N CYS A 50 5.56 1.50 -12.29
CA CYS A 50 6.84 0.81 -11.94
C CYS A 50 7.99 1.80 -11.96
N LYS A 51 7.95 2.77 -12.83
CA LYS A 51 9.05 3.77 -12.89
C LYS A 51 9.30 4.36 -11.50
N ASP A 52 8.25 4.75 -10.83
CA ASP A 52 8.41 5.33 -9.46
C ASP A 52 8.67 4.21 -8.45
N ASN A 53 8.07 4.28 -7.30
CA ASN A 53 8.27 3.21 -6.29
C ASN A 53 7.19 2.14 -6.47
N ASN A 54 7.58 1.00 -6.92
CA ASN A 54 6.63 -0.13 -7.13
C ASN A 54 5.18 0.37 -7.21
N GLY A 55 4.93 1.35 -8.03
CA GLY A 55 3.54 1.88 -8.16
C GLY A 55 2.88 1.98 -6.79
N GLY A 56 3.66 2.12 -5.75
CA GLY A 56 3.06 2.21 -4.39
C GLY A 56 2.91 0.80 -3.81
N CYS A 57 3.75 -0.11 -4.22
CA CYS A 57 3.67 -1.49 -3.69
C CYS A 57 4.58 -1.64 -2.47
N ALA A 58 5.46 -2.59 -2.49
CA ALA A 58 6.37 -2.79 -1.32
C ALA A 58 7.73 -3.30 -1.79
N PRO A 59 8.69 -3.23 -0.89
CA PRO A 59 10.06 -3.70 -1.21
C PRO A 59 10.05 -5.19 -1.51
N GLU A 60 9.30 -5.96 -0.77
CA GLU A 60 9.25 -7.43 -1.00
C GLU A 60 8.18 -7.75 -2.06
N ALA A 61 7.68 -6.75 -2.74
CA ALA A 61 6.65 -6.99 -3.77
C ALA A 61 7.20 -6.67 -5.17
N GLU A 62 6.70 -7.34 -6.18
CA GLU A 62 7.19 -7.07 -7.55
C GLU A 62 6.34 -5.98 -8.23
N CYS A 63 6.94 -5.17 -9.05
CA CYS A 63 6.16 -4.09 -9.72
C CYS A 63 5.87 -4.49 -11.17
N LYS A 64 4.62 -4.48 -11.54
CA LYS A 64 4.25 -4.85 -12.93
C LYS A 64 3.19 -3.88 -13.47
N MET A 65 3.39 -3.36 -14.65
CA MET A 65 2.38 -2.41 -15.21
C MET A 65 1.49 -3.12 -16.23
N THR A 66 0.25 -2.73 -16.31
CA THR A 66 -0.68 -3.39 -17.27
C THR A 66 -0.60 -2.72 -18.65
N ASP A 67 -1.35 -3.19 -19.59
CA ASP A 67 -1.33 -2.59 -20.96
C ASP A 67 -1.82 -1.14 -20.91
N SER A 68 -2.41 -0.74 -19.83
CA SER A 68 -2.91 0.66 -19.71
C SER A 68 -1.85 1.52 -19.01
N ASN A 69 -0.68 0.98 -18.85
CA ASN A 69 0.41 1.73 -18.17
C ASN A 69 0.13 1.85 -16.68
N LYS A 70 -0.80 1.07 -16.18
CA LYS A 70 -1.12 1.13 -14.73
C LYS A 70 -0.23 0.14 -13.96
N ILE A 71 0.52 0.62 -13.00
CA ILE A 71 1.40 -0.29 -12.24
C ILE A 71 0.60 -1.14 -11.25
N VAL A 72 0.78 -2.42 -11.28
CA VAL A 72 0.03 -3.30 -10.33
C VAL A 72 0.96 -3.74 -9.20
N CYS A 73 0.43 -3.83 -8.00
CA CYS A 73 1.28 -4.25 -6.84
C CYS A 73 0.97 -5.69 -6.45
N LYS A 74 1.98 -6.50 -6.30
CA LYS A 74 1.74 -7.93 -5.92
C LYS A 74 2.83 -8.41 -4.95
N CYS A 75 2.44 -8.82 -3.77
CA CYS A 75 3.44 -9.30 -2.78
C CYS A 75 3.17 -10.76 -2.40
N THR A 76 4.14 -11.62 -2.55
CA THR A 76 3.91 -13.05 -2.21
C THR A 76 5.22 -13.69 -1.73
N LYS A 77 5.91 -13.07 -0.82
CA LYS A 77 7.19 -13.64 -0.32
C LYS A 77 6.91 -14.87 0.55
N GLU A 78 6.33 -15.89 -0.01
CA GLU A 78 6.04 -17.12 0.79
C GLU A 78 4.99 -16.81 1.86
N GLY A 79 3.79 -17.29 1.70
CA GLY A 79 2.74 -17.03 2.72
C GLY A 79 2.66 -15.52 3.00
N SER A 80 2.99 -14.71 2.02
CA SER A 80 2.93 -13.23 2.23
C SER A 80 1.52 -12.72 2.00
N GLU A 81 1.04 -11.84 2.84
CA GLU A 81 -0.34 -11.30 2.67
C GLU A 81 -0.28 -9.78 2.49
N PRO A 82 -0.37 -9.36 1.26
CA PRO A 82 -0.33 -7.90 0.95
C PRO A 82 -1.47 -7.18 1.66
N LEU A 83 -1.24 -5.96 2.08
CA LEU A 83 -2.32 -5.22 2.80
C LEU A 83 -2.87 -4.11 1.92
N PHE A 84 -4.16 -4.16 1.65
CA PHE A 84 -4.82 -3.13 0.79
C PHE A 84 -3.97 -2.79 -0.43
N GLU A 85 -2.89 -2.11 -0.24
CA GLU A 85 -2.03 -1.73 -1.40
C GLU A 85 -0.95 -2.77 -1.65
N GLY A 86 -0.55 -3.50 -0.64
CA GLY A 86 0.50 -4.53 -0.83
C GLY A 86 1.80 -4.01 -0.22
N VAL A 87 1.94 -2.72 -0.14
CA VAL A 87 3.18 -2.13 0.45
C VAL A 87 3.54 -2.89 1.73
N PHE A 88 2.58 -3.52 2.34
CA PHE A 88 2.87 -4.31 3.58
C PHE A 88 2.25 -5.70 3.43
N CYS A 89 2.99 -6.65 2.95
CA CYS A 89 2.42 -8.01 2.77
C CYS A 89 2.99 -8.98 3.81
N SER A 90 2.16 -9.42 4.72
CA SER A 90 2.64 -10.37 5.76
C SER A 90 3.55 -9.64 6.76
N THR A 1 -0.81 -16.40 11.66
CA THR A 1 -2.16 -16.10 12.23
C THR A 1 -2.78 -14.90 11.52
N MET A 2 -4.08 -14.78 11.56
CA MET A 2 -4.74 -13.63 10.87
C MET A 2 -5.90 -13.10 11.73
N SER A 3 -5.81 -11.87 12.17
CA SER A 3 -6.90 -11.30 13.01
C SER A 3 -6.91 -9.77 12.90
N SER A 4 -6.31 -9.24 11.88
CA SER A 4 -6.27 -7.76 11.72
C SER A 4 -5.72 -7.10 12.99
N GLU A 5 -4.72 -7.69 13.58
CA GLU A 5 -4.14 -7.10 14.83
C GLU A 5 -3.07 -6.08 14.47
N HIS A 6 -2.76 -5.95 13.21
CA HIS A 6 -1.71 -4.96 12.80
C HIS A 6 -2.35 -3.62 12.44
N THR A 7 -3.37 -3.23 13.15
CA THR A 7 -4.04 -1.93 12.84
C THR A 7 -3.33 -0.79 13.57
N CYS A 8 -3.23 0.35 12.95
CA CYS A 8 -2.54 1.50 13.61
C CYS A 8 -3.15 1.76 14.99
N ILE A 9 -2.54 2.60 15.77
CA ILE A 9 -3.09 2.92 17.11
C ILE A 9 -4.18 3.99 16.97
N ASP A 10 -4.98 3.88 15.94
CA ASP A 10 -6.05 4.89 15.70
C ASP A 10 -5.44 6.16 15.12
N THR A 11 -4.51 6.02 14.22
CA THR A 11 -3.87 7.23 13.61
C THR A 11 -4.83 7.88 12.62
N ASN A 12 -4.41 8.91 11.94
CA ASN A 12 -5.31 9.56 10.96
C ASN A 12 -5.39 8.68 9.72
N VAL A 13 -6.52 8.06 9.50
CA VAL A 13 -6.65 7.16 8.33
C VAL A 13 -7.87 7.56 7.48
N PRO A 14 -7.77 8.70 6.86
CA PRO A 14 -8.88 9.19 6.00
C PRO A 14 -9.19 8.16 4.92
N ASP A 15 -10.43 8.00 4.57
CA ASP A 15 -10.79 7.02 3.51
C ASP A 15 -9.84 7.13 2.32
N ASN A 16 -9.95 6.21 1.39
CA ASN A 16 -9.06 6.26 0.17
C ASN A 16 -7.63 5.85 0.54
N ALA A 17 -7.37 5.54 1.79
CA ALA A 17 -6.00 5.13 2.17
C ALA A 17 -6.03 3.97 3.17
N ALA A 18 -4.99 3.19 3.23
CA ALA A 18 -4.97 2.05 4.19
C ALA A 18 -3.72 2.17 5.07
N CYS A 19 -3.89 1.99 6.36
CA CYS A 19 -2.71 2.11 7.27
C CYS A 19 -2.41 0.76 7.92
N TYR A 20 -1.17 0.36 7.92
CA TYR A 20 -0.81 -0.95 8.53
C TYR A 20 0.25 -0.76 9.63
N ARG A 21 0.05 -1.37 10.76
CA ARG A 21 1.04 -1.23 11.87
C ARG A 21 2.04 -2.39 11.82
N TYR A 22 3.31 -2.09 11.98
CA TYR A 22 4.33 -3.18 11.95
C TYR A 22 4.31 -3.98 13.25
N LEU A 23 5.23 -4.89 13.42
CA LEU A 23 5.27 -5.71 14.66
C LEU A 23 5.78 -4.87 15.83
N ASP A 24 6.54 -3.84 15.57
CA ASP A 24 7.06 -3.01 16.68
C ASP A 24 5.97 -2.09 17.23
N GLY A 25 4.75 -2.27 16.79
CA GLY A 25 3.65 -1.40 17.30
C GLY A 25 3.67 -0.06 16.56
N THR A 26 4.53 0.08 15.59
CA THR A 26 4.59 1.37 14.84
C THR A 26 3.35 1.52 13.95
N GLU A 27 3.09 2.71 13.47
CA GLU A 27 1.91 2.92 12.60
C GLU A 27 2.35 3.33 11.19
N GLU A 28 1.53 3.05 10.20
CA GLU A 28 1.91 3.42 8.81
C GLU A 28 0.66 3.79 8.01
N TRP A 29 0.70 4.87 7.29
CA TRP A 29 -0.47 5.29 6.47
C TRP A 29 -0.19 5.04 4.99
N ARG A 30 -1.00 4.26 4.34
CA ARG A 30 -0.75 4.00 2.88
C ARG A 30 -2.00 4.36 2.07
N CYS A 31 -1.84 4.57 0.79
CA CYS A 31 -3.02 4.93 -0.05
C CYS A 31 -3.12 3.96 -1.24
N LEU A 32 -4.28 3.87 -1.83
CA LEU A 32 -4.46 2.97 -2.99
C LEU A 32 -3.51 3.35 -4.13
N LEU A 33 -3.56 2.64 -5.22
CA LEU A 33 -2.66 2.96 -6.36
C LEU A 33 -3.18 4.18 -7.12
N THR A 34 -4.47 4.28 -7.28
CA THR A 34 -5.04 5.45 -8.01
C THR A 34 -5.14 6.66 -7.07
N PHE A 35 -4.56 6.56 -5.90
CA PHE A 35 -4.62 7.71 -4.95
C PHE A 35 -3.22 8.03 -4.42
N LYS A 36 -2.89 9.29 -4.33
CA LYS A 36 -1.54 9.67 -3.82
C LYS A 36 -1.69 10.56 -2.58
N GLU A 37 -1.05 10.21 -1.51
CA GLU A 37 -1.17 11.04 -0.27
C GLU A 37 -0.02 12.04 -0.18
N GLU A 38 -0.33 13.31 -0.21
CA GLU A 38 0.75 14.35 -0.12
C GLU A 38 0.31 15.49 0.79
N GLY A 39 0.77 15.51 2.02
CA GLY A 39 0.37 16.61 2.94
C GLY A 39 -0.71 16.10 3.91
N GLY A 40 -0.80 14.81 4.08
CA GLY A 40 -1.83 14.26 5.02
C GLY A 40 -3.12 13.99 4.24
N LYS A 41 -3.20 14.42 3.02
CA LYS A 41 -4.43 14.19 2.21
C LYS A 41 -4.08 13.37 0.97
N CYS A 42 -4.97 12.52 0.53
CA CYS A 42 -4.68 11.69 -0.67
C CYS A 42 -5.59 12.09 -1.83
N VAL A 43 -5.06 12.12 -3.02
CA VAL A 43 -5.88 12.50 -4.21
C VAL A 43 -5.71 11.48 -5.31
N PRO A 44 -6.56 11.55 -6.30
CA PRO A 44 -6.49 10.61 -7.43
C PRO A 44 -5.10 10.69 -8.07
N ALA A 45 -4.53 9.57 -8.44
CA ALA A 45 -3.18 9.60 -9.05
C ALA A 45 -3.26 9.20 -10.52
N SER A 46 -2.14 8.83 -11.10
CA SER A 46 -2.15 8.42 -12.53
C SER A 46 -0.74 8.04 -12.98
N ASN A 47 0.25 8.77 -12.54
CA ASN A 47 1.66 8.46 -12.94
C ASN A 47 2.25 7.42 -11.98
N VAL A 48 1.48 6.94 -11.05
CA VAL A 48 2.01 5.92 -10.09
C VAL A 48 2.59 4.72 -10.85
N THR A 49 3.84 4.42 -10.62
CA THR A 49 4.45 3.26 -11.33
C THR A 49 5.77 2.87 -10.67
N CYS A 50 6.32 1.74 -11.04
CA CYS A 50 7.61 1.32 -10.42
C CYS A 50 8.55 2.51 -10.27
N LYS A 51 8.41 3.51 -11.10
CA LYS A 51 9.30 4.70 -10.99
C LYS A 51 9.45 5.09 -9.52
N ASP A 52 8.35 5.31 -8.85
CA ASP A 52 8.43 5.68 -7.40
C ASP A 52 8.45 4.42 -6.55
N ASN A 53 7.53 4.28 -5.63
CA ASN A 53 7.50 3.06 -4.78
C ASN A 53 6.59 2.02 -5.42
N ASN A 54 7.17 0.97 -5.92
CA ASN A 54 6.38 -0.12 -6.56
C ASN A 54 5.06 0.42 -7.12
N GLY A 55 5.09 1.57 -7.76
CA GLY A 55 3.84 2.15 -8.34
C GLY A 55 2.65 1.81 -7.44
N GLY A 56 2.84 1.81 -6.15
CA GLY A 56 1.70 1.49 -5.23
C GLY A 56 1.54 -0.03 -5.15
N CYS A 57 2.64 -0.73 -5.09
CA CYS A 57 2.56 -2.23 -5.02
C CYS A 57 3.25 -2.72 -3.73
N ALA A 58 3.88 -1.85 -3.00
CA ALA A 58 4.56 -2.28 -1.75
C ALA A 58 5.82 -3.10 -2.07
N PRO A 59 6.82 -2.93 -1.24
CA PRO A 59 8.10 -3.65 -1.43
C PRO A 59 7.90 -5.17 -1.31
N GLU A 60 7.12 -5.59 -0.36
CA GLU A 60 6.89 -7.06 -0.19
C GLU A 60 6.21 -7.63 -1.44
N ALA A 61 5.73 -6.76 -2.29
CA ALA A 61 5.06 -7.23 -3.54
C ALA A 61 5.97 -6.97 -4.74
N GLU A 62 5.83 -7.74 -5.79
CA GLU A 62 6.70 -7.53 -6.98
C GLU A 62 6.04 -6.54 -7.94
N CYS A 63 6.82 -5.73 -8.61
CA CYS A 63 6.24 -4.73 -9.53
C CYS A 63 6.37 -5.18 -10.99
N LYS A 64 5.26 -5.35 -11.65
CA LYS A 64 5.29 -5.77 -13.09
C LYS A 64 4.64 -4.68 -13.95
N MET A 65 5.31 -4.23 -14.97
CA MET A 65 4.72 -3.16 -15.81
C MET A 65 4.30 -3.71 -17.18
N THR A 66 3.24 -3.19 -17.74
CA THR A 66 2.78 -3.68 -19.07
C THR A 66 3.28 -2.76 -20.18
N ASP A 67 2.94 -3.06 -21.40
CA ASP A 67 3.39 -2.21 -22.54
C ASP A 67 2.92 -0.77 -22.36
N SER A 68 2.00 -0.54 -21.46
CA SER A 68 1.50 0.84 -21.23
C SER A 68 2.22 1.46 -20.04
N ASN A 69 3.22 0.81 -19.54
CA ASN A 69 3.98 1.35 -18.38
C ASN A 69 3.09 1.36 -17.13
N LYS A 70 2.16 0.44 -17.05
CA LYS A 70 1.27 0.39 -15.86
C LYS A 70 1.90 -0.49 -14.78
N ILE A 71 2.09 0.02 -13.60
CA ILE A 71 2.72 -0.79 -12.53
C ILE A 71 1.73 -1.81 -11.96
N VAL A 72 2.11 -3.06 -11.94
CA VAL A 72 1.20 -4.11 -11.40
C VAL A 72 1.70 -4.54 -10.02
N CYS A 73 0.79 -4.84 -9.12
CA CYS A 73 1.22 -5.26 -7.75
C CYS A 73 1.04 -6.76 -7.57
N LYS A 74 2.06 -7.43 -7.09
CA LYS A 74 1.96 -8.90 -6.88
C LYS A 74 2.67 -9.29 -5.59
N CYS A 75 1.95 -9.84 -4.64
CA CYS A 75 2.59 -10.22 -3.35
C CYS A 75 2.47 -11.73 -3.13
N THR A 76 3.56 -12.39 -2.86
CA THR A 76 3.51 -13.85 -2.62
C THR A 76 4.86 -14.38 -2.14
N LYS A 77 5.69 -13.53 -1.59
CA LYS A 77 7.02 -13.99 -1.10
C LYS A 77 6.84 -14.97 0.06
N GLU A 78 7.84 -15.16 0.86
CA GLU A 78 7.72 -16.10 2.01
C GLU A 78 6.52 -15.71 2.88
N GLY A 79 5.43 -16.42 2.75
CA GLY A 79 4.22 -16.09 3.56
C GLY A 79 3.83 -14.64 3.33
N SER A 80 4.12 -14.11 2.17
CA SER A 80 3.76 -12.69 1.88
C SER A 80 2.26 -12.57 1.56
N GLU A 81 1.64 -11.54 2.04
CA GLU A 81 0.19 -11.35 1.76
C GLU A 81 -0.11 -9.88 1.46
N PRO A 82 -0.64 -9.64 0.28
CA PRO A 82 -0.97 -8.26 -0.12
C PRO A 82 -2.17 -7.76 0.66
N LEU A 83 -2.14 -6.54 1.13
CA LEU A 83 -3.30 -6.01 1.90
C LEU A 83 -4.28 -5.31 0.97
N PHE A 84 -5.50 -5.78 0.94
CA PHE A 84 -6.55 -5.18 0.07
C PHE A 84 -5.98 -4.78 -1.30
N GLU A 85 -5.24 -3.72 -1.33
CA GLU A 85 -4.66 -3.24 -2.62
C GLU A 85 -3.27 -3.82 -2.89
N GLY A 86 -2.54 -4.19 -1.88
CA GLY A 86 -1.18 -4.73 -2.11
C GLY A 86 -0.16 -3.71 -1.61
N VAL A 87 -0.52 -2.46 -1.60
CA VAL A 87 0.43 -1.41 -1.11
C VAL A 87 1.16 -1.93 0.13
N PHE A 88 0.53 -2.82 0.83
CA PHE A 88 1.17 -3.41 2.03
C PHE A 88 1.08 -4.93 1.93
N CYS A 89 2.15 -5.58 1.59
CA CYS A 89 2.09 -7.06 1.46
C CYS A 89 2.84 -7.73 2.61
N SER A 90 2.10 -8.41 3.45
CA SER A 90 2.76 -9.10 4.61
C SER A 90 1.72 -9.82 5.46
N THR A 1 6.05 -8.71 21.25
CA THR A 1 4.85 -8.08 20.63
C THR A 1 3.99 -7.39 21.70
N MET A 2 3.98 -6.09 21.72
CA MET A 2 3.17 -5.36 22.75
C MET A 2 1.71 -5.36 22.34
N SER A 3 0.97 -4.38 22.78
CA SER A 3 -0.48 -4.32 22.43
C SER A 3 -0.66 -3.79 21.01
N SER A 4 -0.34 -4.57 20.02
CA SER A 4 -0.49 -4.10 18.61
C SER A 4 -0.95 -5.25 17.71
N GLU A 5 -2.19 -5.25 17.31
CA GLU A 5 -2.69 -6.35 16.43
C GLU A 5 -2.45 -6.00 14.96
N HIS A 6 -2.71 -4.77 14.59
CA HIS A 6 -2.50 -4.35 13.17
C HIS A 6 -3.16 -3.00 12.92
N THR A 7 -4.17 -2.67 13.67
CA THR A 7 -4.86 -1.36 13.47
C THR A 7 -3.90 -0.21 13.76
N CYS A 8 -3.99 0.86 13.02
CA CYS A 8 -3.08 2.02 13.24
C CYS A 8 -3.60 2.88 14.40
N ILE A 9 -4.03 2.28 15.47
CA ILE A 9 -4.55 3.08 16.61
C ILE A 9 -5.44 4.21 16.08
N ASP A 10 -5.99 4.04 14.91
CA ASP A 10 -6.87 5.11 14.35
C ASP A 10 -6.03 6.31 13.93
N THR A 11 -4.91 6.08 13.30
CA THR A 11 -4.04 7.21 12.87
C THR A 11 -4.70 7.99 11.73
N ASN A 12 -4.01 8.94 11.18
CA ASN A 12 -4.61 9.72 10.05
C ASN A 12 -4.61 8.87 8.79
N VAL A 13 -5.76 8.46 8.35
CA VAL A 13 -5.83 7.63 7.11
C VAL A 13 -7.13 7.91 6.35
N PRO A 14 -7.04 8.87 5.46
CA PRO A 14 -8.22 9.26 4.65
C PRO A 14 -8.78 8.05 3.90
N ASP A 15 -10.07 8.03 3.66
CA ASP A 15 -10.67 6.88 2.93
C ASP A 15 -9.89 6.59 1.65
N ASN A 16 -10.30 5.60 0.90
CA ASN A 16 -9.58 5.27 -0.36
C ASN A 16 -8.12 4.90 -0.05
N ALA A 17 -7.83 4.55 1.16
CA ALA A 17 -6.42 4.19 1.52
C ALA A 17 -6.40 3.10 2.59
N ALA A 18 -5.29 2.45 2.75
CA ALA A 18 -5.19 1.37 3.78
C ALA A 18 -4.03 1.66 4.72
N CYS A 19 -4.22 1.55 6.01
CA CYS A 19 -3.11 1.82 6.95
C CYS A 19 -2.75 0.56 7.73
N TYR A 20 -1.49 0.32 7.93
CA TYR A 20 -1.08 -0.90 8.68
C TYR A 20 -0.08 -0.54 9.79
N ARG A 21 -0.18 -1.16 10.92
CA ARG A 21 0.76 -0.85 12.03
C ARG A 21 1.88 -1.90 12.09
N TYR A 22 3.04 -1.52 12.53
CA TYR A 22 4.18 -2.49 12.60
C TYR A 22 4.17 -3.21 13.95
N LEU A 23 5.09 -4.12 14.14
CA LEU A 23 5.15 -4.87 15.44
C LEU A 23 5.71 -3.97 16.55
N ASP A 24 6.47 -2.97 16.19
CA ASP A 24 7.04 -2.07 17.22
C ASP A 24 5.98 -1.10 17.75
N GLY A 25 4.76 -1.26 17.32
CA GLY A 25 3.68 -0.34 17.80
C GLY A 25 3.60 0.87 16.88
N THR A 26 4.42 0.93 15.87
CA THR A 26 4.37 2.10 14.94
C THR A 26 3.10 2.03 14.08
N GLU A 27 2.96 2.94 13.16
CA GLU A 27 1.76 2.93 12.28
C GLU A 27 2.12 3.36 10.86
N GLU A 28 1.37 2.93 9.88
CA GLU A 28 1.66 3.31 8.47
C GLU A 28 0.36 3.45 7.68
N TRP A 29 0.24 4.47 6.89
CA TRP A 29 -1.00 4.65 6.09
C TRP A 29 -0.69 4.68 4.59
N ARG A 30 -1.28 3.80 3.84
CA ARG A 30 -1.02 3.77 2.37
C ARG A 30 -2.32 4.03 1.61
N CYS A 31 -2.24 4.51 0.40
CA CYS A 31 -3.48 4.78 -0.38
C CYS A 31 -3.65 3.75 -1.50
N LEU A 32 -4.86 3.35 -1.76
CA LEU A 32 -5.09 2.34 -2.83
C LEU A 32 -4.31 2.72 -4.10
N LEU A 33 -4.25 1.84 -5.06
CA LEU A 33 -3.51 2.16 -6.32
C LEU A 33 -4.18 3.31 -7.06
N THR A 34 -3.49 3.93 -7.97
CA THR A 34 -4.08 5.06 -8.74
C THR A 34 -4.30 6.26 -7.81
N PHE A 35 -3.60 6.32 -6.71
CA PHE A 35 -3.78 7.47 -5.77
C PHE A 35 -2.43 8.16 -5.53
N LYS A 36 -2.47 9.40 -5.11
CA LYS A 36 -1.19 10.13 -4.87
C LYS A 36 -1.27 10.89 -3.54
N GLU A 37 -0.30 10.71 -2.69
CA GLU A 37 -0.33 11.42 -1.38
C GLU A 37 0.57 12.67 -1.43
N GLU A 38 0.00 13.82 -1.26
CA GLU A 38 0.84 15.06 -1.29
C GLU A 38 0.39 16.03 -0.18
N GLY A 39 1.12 16.07 0.90
CA GLY A 39 0.74 16.99 2.01
C GLY A 39 0.00 16.21 3.11
N GLY A 40 0.24 14.93 3.19
CA GLY A 40 -0.45 14.12 4.25
C GLY A 40 -1.90 13.88 3.82
N LYS A 41 -2.21 14.14 2.58
CA LYS A 41 -3.60 13.92 2.10
C LYS A 41 -3.60 12.88 0.98
N CYS A 42 -4.72 12.31 0.68
CA CYS A 42 -4.77 11.28 -0.39
C CYS A 42 -5.72 11.72 -1.50
N VAL A 43 -5.24 11.83 -2.70
CA VAL A 43 -6.11 12.24 -3.83
C VAL A 43 -5.99 11.26 -4.99
N PRO A 44 -7.00 11.24 -5.82
CA PRO A 44 -6.99 10.33 -7.00
C PRO A 44 -5.76 10.62 -7.85
N ALA A 45 -5.12 9.60 -8.35
CA ALA A 45 -3.90 9.83 -9.18
C ALA A 45 -4.09 9.20 -10.57
N SER A 46 -3.01 8.76 -11.17
CA SER A 46 -3.11 8.13 -12.52
C SER A 46 -1.71 7.91 -13.09
N ASN A 47 -0.79 8.77 -12.77
CA ASN A 47 0.60 8.61 -13.27
C ASN A 47 1.40 7.68 -12.36
N VAL A 48 0.75 7.07 -11.40
CA VAL A 48 1.46 6.16 -10.46
C VAL A 48 2.21 5.08 -11.24
N THR A 49 3.40 4.76 -10.82
CA THR A 49 4.18 3.70 -11.52
C THR A 49 5.22 3.11 -10.57
N CYS A 50 5.58 1.87 -10.76
CA CYS A 50 6.59 1.22 -9.86
C CYS A 50 7.67 2.24 -9.45
N LYS A 51 7.93 3.21 -10.28
CA LYS A 51 8.96 4.23 -9.94
C LYS A 51 8.97 4.50 -8.43
N ASP A 52 7.86 4.91 -7.89
CA ASP A 52 7.80 5.18 -6.41
C ASP A 52 7.74 3.87 -5.64
N ASN A 53 6.72 3.68 -4.84
CA ASN A 53 6.60 2.41 -4.09
C ASN A 53 5.77 1.42 -4.90
N ASN A 54 6.42 0.40 -5.38
CA ASN A 54 5.72 -0.64 -6.20
C ASN A 54 4.23 -0.32 -6.41
N GLY A 55 3.95 0.71 -7.16
CA GLY A 55 2.53 1.09 -7.41
C GLY A 55 1.68 0.92 -6.14
N GLY A 56 2.25 1.22 -4.99
CA GLY A 56 1.47 1.07 -3.73
C GLY A 56 1.84 -0.24 -3.05
N CYS A 57 2.32 -1.19 -3.79
CA CYS A 57 2.70 -2.49 -3.18
C CYS A 57 3.78 -2.27 -2.11
N ALA A 58 4.80 -3.10 -2.10
CA ALA A 58 5.87 -2.93 -1.06
C ALA A 58 7.16 -3.62 -1.53
N PRO A 59 8.20 -3.42 -0.76
CA PRO A 59 9.52 -4.02 -1.09
C PRO A 59 9.41 -5.55 -1.18
N GLU A 60 8.67 -6.15 -0.29
CA GLU A 60 8.53 -7.63 -0.33
C GLU A 60 7.65 -8.06 -1.50
N ALA A 61 7.14 -7.11 -2.24
CA ALA A 61 6.27 -7.46 -3.40
C ALA A 61 6.92 -7.00 -4.70
N GLU A 62 6.63 -7.66 -5.79
CA GLU A 62 7.23 -7.27 -7.09
C GLU A 62 6.32 -6.26 -7.79
N CYS A 63 6.88 -5.28 -8.45
CA CYS A 63 6.04 -4.26 -9.12
C CYS A 63 5.99 -4.51 -10.63
N LYS A 64 4.80 -4.62 -11.16
CA LYS A 64 4.66 -4.85 -12.62
C LYS A 64 4.30 -3.54 -13.31
N MET A 65 5.01 -3.16 -14.34
CA MET A 65 4.71 -1.87 -15.02
C MET A 65 4.01 -2.12 -16.36
N THR A 66 3.13 -1.25 -16.75
CA THR A 66 2.42 -1.42 -18.05
C THR A 66 3.41 -1.11 -19.17
N ASP A 67 2.99 -1.17 -20.40
CA ASP A 67 3.94 -0.87 -21.50
C ASP A 67 4.64 0.47 -21.22
N SER A 68 4.08 1.25 -20.33
CA SER A 68 4.70 2.56 -19.98
C SER A 68 3.67 3.47 -19.33
N ASN A 69 3.01 3.03 -18.29
CA ASN A 69 2.00 3.93 -17.66
C ASN A 69 1.49 3.40 -16.31
N LYS A 70 0.74 2.32 -16.31
CA LYS A 70 0.17 1.81 -15.02
C LYS A 70 1.09 0.79 -14.34
N ILE A 71 1.26 0.93 -13.04
CA ILE A 71 2.11 -0.03 -12.29
C ILE A 71 1.23 -1.03 -11.53
N VAL A 72 1.54 -2.28 -11.61
CA VAL A 72 0.72 -3.30 -10.89
C VAL A 72 1.47 -3.80 -9.66
N CYS A 73 0.76 -4.15 -8.62
CA CYS A 73 1.44 -4.65 -7.38
C CYS A 73 1.28 -6.18 -7.28
N LYS A 74 2.34 -6.88 -7.06
CA LYS A 74 2.25 -8.37 -6.95
C LYS A 74 3.21 -8.88 -5.87
N CYS A 75 2.71 -9.66 -4.95
CA CYS A 75 3.59 -10.19 -3.86
C CYS A 75 3.34 -11.68 -3.65
N THR A 76 4.37 -12.47 -3.69
CA THR A 76 4.18 -13.95 -3.48
C THR A 76 5.52 -14.61 -3.19
N LYS A 77 6.29 -14.07 -2.28
CA LYS A 77 7.60 -14.68 -1.95
C LYS A 77 7.41 -15.87 -1.01
N GLU A 78 6.56 -16.79 -1.37
CA GLU A 78 6.33 -17.98 -0.49
C GLU A 78 5.62 -17.55 0.80
N GLY A 79 4.33 -17.70 0.85
CA GLY A 79 3.58 -17.31 2.08
C GLY A 79 3.44 -15.79 2.13
N SER A 80 3.56 -15.14 1.00
CA SER A 80 3.43 -13.65 0.99
C SER A 80 1.98 -13.25 0.69
N GLU A 81 1.46 -12.29 1.42
CA GLU A 81 0.06 -11.85 1.19
C GLU A 81 -0.04 -10.33 1.26
N PRO A 82 -0.02 -9.71 0.11
CA PRO A 82 -0.11 -8.23 0.04
C PRO A 82 -1.41 -7.74 0.66
N LEU A 83 -1.43 -6.53 1.17
CA LEU A 83 -2.69 -6.02 1.79
C LEU A 83 -3.24 -4.83 1.01
N PHE A 84 -4.45 -4.98 0.52
CA PHE A 84 -5.10 -3.89 -0.26
C PHE A 84 -4.16 -3.40 -1.36
N GLU A 85 -3.17 -2.64 -1.00
CA GLU A 85 -2.22 -2.10 -2.03
C GLU A 85 -1.00 -3.01 -2.17
N GLY A 86 -0.68 -3.77 -1.15
CA GLY A 86 0.50 -4.66 -1.24
C GLY A 86 1.58 -4.16 -0.29
N VAL A 87 1.48 -2.93 0.16
CA VAL A 87 2.53 -2.40 1.09
C VAL A 87 2.82 -3.45 2.17
N PHE A 88 1.82 -3.84 2.89
CA PHE A 88 2.03 -4.87 3.95
C PHE A 88 1.69 -6.24 3.38
N CYS A 89 2.67 -6.99 3.00
CA CYS A 89 2.37 -8.33 2.42
C CYS A 89 2.78 -9.43 3.39
N SER A 90 1.83 -10.11 3.96
CA SER A 90 2.15 -11.20 4.92
C SER A 90 0.98 -12.18 5.04
N THR A 1 -13.55 -5.42 9.17
CA THR A 1 -14.65 -4.52 9.64
C THR A 1 -14.92 -4.76 11.13
N MET A 2 -14.76 -5.97 11.59
CA MET A 2 -15.00 -6.27 13.03
C MET A 2 -13.92 -7.19 13.58
N SER A 3 -13.54 -7.02 14.82
CA SER A 3 -12.48 -7.89 15.41
C SER A 3 -11.20 -7.81 14.57
N SER A 4 -10.68 -6.63 14.38
CA SER A 4 -9.43 -6.49 13.58
C SER A 4 -8.45 -5.55 14.29
N GLU A 5 -7.70 -6.06 15.22
CA GLU A 5 -6.72 -5.19 15.95
C GLU A 5 -5.56 -4.81 15.03
N HIS A 6 -5.47 -5.43 13.89
CA HIS A 6 -4.36 -5.12 12.95
C HIS A 6 -4.62 -3.75 12.27
N THR A 7 -5.71 -3.13 12.58
CA THR A 7 -6.02 -1.81 11.96
C THR A 7 -5.35 -0.69 12.75
N CYS A 8 -4.86 0.31 12.07
CA CYS A 8 -4.19 1.44 12.79
C CYS A 8 -4.97 1.81 14.04
N ILE A 9 -4.32 2.42 15.00
CA ILE A 9 -5.03 2.83 16.25
C ILE A 9 -5.69 4.18 16.03
N ASP A 10 -6.27 4.39 14.88
CA ASP A 10 -6.93 5.69 14.58
C ASP A 10 -5.88 6.71 14.12
N THR A 11 -4.91 6.26 13.35
CA THR A 11 -3.87 7.20 12.86
C THR A 11 -4.40 8.06 11.72
N ASN A 12 -3.58 8.88 11.14
CA ASN A 12 -4.05 9.73 10.01
C ASN A 12 -4.21 8.89 8.75
N VAL A 13 -5.42 8.66 8.33
CA VAL A 13 -5.65 7.85 7.11
C VAL A 13 -6.72 8.49 6.22
N PRO A 14 -6.26 9.27 5.28
CA PRO A 14 -7.18 9.95 4.34
C PRO A 14 -8.05 8.93 3.61
N ASP A 15 -9.30 9.25 3.41
CA ASP A 15 -10.20 8.29 2.71
C ASP A 15 -9.48 7.65 1.51
N ASN A 16 -9.90 6.49 1.11
CA ASN A 16 -9.23 5.81 -0.05
C ASN A 16 -7.82 5.38 0.34
N ALA A 17 -7.64 4.90 1.53
CA ALA A 17 -6.27 4.46 1.96
C ALA A 17 -6.37 3.27 2.92
N ALA A 18 -5.28 2.60 3.17
CA ALA A 18 -5.31 1.44 4.10
C ALA A 18 -4.28 1.63 5.22
N CYS A 19 -4.66 1.38 6.44
CA CYS A 19 -3.70 1.55 7.57
C CYS A 19 -3.51 0.21 8.30
N TYR A 20 -2.29 -0.19 8.52
CA TYR A 20 -2.04 -1.48 9.22
C TYR A 20 -1.21 -1.25 10.48
N ARG A 21 -1.56 -1.89 11.57
CA ARG A 21 -0.79 -1.72 12.83
C ARG A 21 -0.26 -3.08 13.30
N TYR A 22 1.04 -3.26 13.31
CA TYR A 22 1.61 -4.56 13.76
C TYR A 22 1.32 -4.80 15.24
N LEU A 23 1.70 -5.93 15.76
CA LEU A 23 1.46 -6.23 17.20
C LEU A 23 2.41 -5.44 18.09
N ASP A 24 3.53 -5.05 17.57
CA ASP A 24 4.52 -4.28 18.40
C ASP A 24 4.06 -2.83 18.58
N GLY A 25 2.83 -2.53 18.27
CA GLY A 25 2.33 -1.13 18.43
C GLY A 25 2.77 -0.29 17.23
N THR A 26 3.55 -0.85 16.34
CA THR A 26 4.00 -0.07 15.16
C THR A 26 2.80 0.57 14.46
N GLU A 27 3.03 1.55 13.64
CA GLU A 27 1.89 2.21 12.94
C GLU A 27 2.33 2.72 11.56
N GLU A 28 1.56 2.43 10.54
CA GLU A 28 1.93 2.89 9.17
C GLU A 28 0.66 3.14 8.35
N TRP A 29 0.67 4.12 7.50
CA TRP A 29 -0.53 4.41 6.67
C TRP A 29 -0.27 4.04 5.21
N ARG A 30 -1.18 3.31 4.60
CA ARG A 30 -0.98 2.92 3.18
C ARG A 30 -2.12 3.48 2.33
N CYS A 31 -1.91 3.60 1.05
CA CYS A 31 -2.98 4.14 0.16
C CYS A 31 -3.25 3.17 -1.00
N LEU A 32 -4.49 2.99 -1.36
CA LEU A 32 -4.81 2.07 -2.49
C LEU A 32 -4.00 2.45 -3.74
N LEU A 33 -4.24 1.80 -4.84
CA LEU A 33 -3.48 2.12 -6.08
C LEU A 33 -4.01 3.42 -6.70
N THR A 34 -3.46 3.83 -7.81
CA THR A 34 -3.94 5.08 -8.46
C THR A 34 -3.97 6.22 -7.43
N PHE A 35 -3.22 6.10 -6.36
CA PHE A 35 -3.22 7.17 -5.33
C PHE A 35 -1.77 7.50 -4.92
N LYS A 36 -1.55 8.68 -4.41
CA LYS A 36 -0.18 9.06 -3.99
C LYS A 36 -0.24 9.93 -2.72
N GLU A 37 0.48 9.56 -1.70
CA GLU A 37 0.45 10.35 -0.45
C GLU A 37 1.67 11.28 -0.38
N GLU A 38 1.44 12.56 -0.20
CA GLU A 38 2.58 13.52 -0.12
C GLU A 38 2.34 14.53 1.01
N GLY A 39 2.97 14.33 2.13
CA GLY A 39 2.79 15.27 3.26
C GLY A 39 1.82 14.66 4.29
N GLY A 40 1.62 13.38 4.24
CA GLY A 40 0.69 12.73 5.21
C GLY A 40 -0.71 12.68 4.61
N LYS A 41 -0.91 13.33 3.50
CA LYS A 41 -2.26 13.33 2.87
C LYS A 41 -2.28 12.37 1.68
N CYS A 42 -3.40 11.77 1.40
CA CYS A 42 -3.48 10.81 0.26
C CYS A 42 -4.37 11.39 -0.86
N VAL A 43 -3.85 11.47 -2.05
CA VAL A 43 -4.67 12.02 -3.18
C VAL A 43 -4.57 11.09 -4.39
N PRO A 44 -5.55 11.21 -5.25
CA PRO A 44 -5.57 10.37 -6.47
C PRO A 44 -4.30 10.61 -7.29
N ALA A 45 -3.72 9.57 -7.83
CA ALA A 45 -2.49 9.75 -8.64
C ALA A 45 -2.72 9.30 -10.09
N SER A 46 -2.97 8.03 -10.28
CA SER A 46 -3.22 7.53 -11.66
C SER A 46 -1.90 7.48 -12.45
N ASN A 47 -1.16 8.55 -12.48
CA ASN A 47 0.12 8.56 -13.24
C ASN A 47 1.19 7.75 -12.49
N VAL A 48 0.84 7.15 -11.39
CA VAL A 48 1.84 6.36 -10.62
C VAL A 48 2.01 4.98 -11.27
N THR A 49 3.24 4.58 -11.51
CA THR A 49 3.49 3.24 -12.12
C THR A 49 4.88 2.74 -11.76
N CYS A 50 5.15 1.49 -11.98
CA CYS A 50 6.50 0.95 -11.64
C CYS A 50 7.59 1.91 -12.15
N LYS A 51 7.32 2.64 -13.19
CA LYS A 51 8.34 3.60 -13.71
C LYS A 51 8.78 4.54 -12.59
N ASP A 52 7.85 5.03 -11.83
CA ASP A 52 8.21 5.95 -10.70
C ASP A 52 8.40 5.11 -9.43
N ASN A 53 7.62 5.37 -8.41
CA ASN A 53 7.75 4.55 -7.18
C ASN A 53 6.80 3.36 -7.27
N ASN A 54 7.35 2.20 -7.43
CA ASN A 54 6.52 0.95 -7.53
C ASN A 54 5.06 1.26 -7.89
N GLY A 55 4.85 2.16 -8.82
CA GLY A 55 3.46 2.51 -9.25
C GLY A 55 2.49 2.40 -8.07
N GLY A 56 2.93 2.69 -6.87
CA GLY A 56 2.02 2.59 -5.71
C GLY A 56 1.99 1.16 -5.20
N CYS A 57 3.11 0.47 -5.27
CA CYS A 57 3.14 -0.94 -4.80
C CYS A 57 3.74 -0.98 -3.38
N ALA A 58 4.67 -1.86 -3.16
CA ALA A 58 5.28 -1.94 -1.79
C ALA A 58 6.76 -2.31 -1.89
N PRO A 59 7.47 -2.06 -0.82
CA PRO A 59 8.92 -2.36 -0.78
C PRO A 59 9.17 -3.84 -1.10
N GLU A 60 8.36 -4.71 -0.58
CA GLU A 60 8.55 -6.16 -0.87
C GLU A 60 7.76 -6.57 -2.11
N ALA A 61 6.88 -5.72 -2.57
CA ALA A 61 6.08 -6.05 -3.78
C ALA A 61 6.77 -5.52 -5.04
N GLU A 62 6.66 -6.25 -6.12
CA GLU A 62 7.31 -5.81 -7.39
C GLU A 62 6.32 -4.98 -8.22
N CYS A 63 6.79 -3.99 -8.94
CA CYS A 63 5.87 -3.17 -9.77
C CYS A 63 5.95 -3.60 -11.23
N LYS A 64 4.85 -4.04 -11.77
CA LYS A 64 4.84 -4.47 -13.20
C LYS A 64 3.69 -3.77 -13.93
N MET A 65 3.83 -3.53 -15.20
CA MET A 65 2.74 -2.84 -15.95
C MET A 65 1.92 -3.84 -16.77
N THR A 66 0.64 -3.57 -16.90
CA THR A 66 -0.23 -4.49 -17.69
C THR A 66 -0.39 -3.99 -19.12
N ASP A 67 -1.13 -4.69 -19.93
CA ASP A 67 -1.34 -4.25 -21.34
C ASP A 67 -1.90 -2.82 -21.38
N SER A 68 -2.34 -2.32 -20.26
CA SER A 68 -2.89 -0.93 -20.24
C SER A 68 -1.88 0.00 -19.56
N ASN A 69 -0.62 -0.28 -19.73
CA ASN A 69 0.42 0.56 -19.08
C ASN A 69 0.07 0.84 -17.62
N LYS A 70 -0.71 -0.02 -17.02
CA LYS A 70 -1.09 0.19 -15.59
C LYS A 70 -0.16 -0.62 -14.69
N ILE A 71 0.38 0.00 -13.67
CA ILE A 71 1.30 -0.74 -12.77
C ILE A 71 0.54 -1.67 -11.83
N VAL A 72 0.84 -2.94 -11.86
CA VAL A 72 0.14 -3.91 -10.96
C VAL A 72 1.05 -4.20 -9.76
N CYS A 73 0.50 -4.27 -8.59
CA CYS A 73 1.34 -4.54 -7.39
C CYS A 73 1.16 -6.00 -6.92
N LYS A 74 2.25 -6.67 -6.68
CA LYS A 74 2.18 -8.09 -6.20
C LYS A 74 3.30 -8.35 -5.19
N CYS A 75 2.95 -8.66 -3.97
CA CYS A 75 4.01 -8.94 -2.95
C CYS A 75 4.03 -10.42 -2.59
N THR A 76 5.17 -11.04 -2.65
CA THR A 76 5.26 -12.49 -2.30
C THR A 76 6.70 -12.87 -2.00
N LYS A 77 7.35 -12.17 -1.11
CA LYS A 77 8.76 -12.49 -0.77
C LYS A 77 8.82 -13.65 0.23
N GLU A 78 8.31 -14.79 -0.16
CA GLU A 78 8.33 -15.97 0.76
C GLU A 78 7.74 -15.57 2.13
N GLY A 79 6.53 -15.97 2.40
CA GLY A 79 5.90 -15.63 3.70
C GLY A 79 5.43 -14.18 3.67
N SER A 80 5.22 -13.63 2.50
CA SER A 80 4.76 -12.23 2.40
C SER A 80 3.24 -12.17 2.18
N GLU A 81 2.58 -11.24 2.80
CA GLU A 81 1.10 -11.13 2.63
C GLU A 81 0.71 -9.69 2.33
N PRO A 82 0.49 -9.41 1.07
CA PRO A 82 0.11 -8.05 0.64
C PRO A 82 -1.18 -7.62 1.34
N LEU A 83 -1.33 -6.35 1.60
CA LEU A 83 -2.56 -5.88 2.29
C LEU A 83 -3.49 -5.16 1.33
N PHE A 84 -4.69 -5.66 1.20
CA PHE A 84 -5.68 -5.05 0.28
C PHE A 84 -5.08 -4.87 -1.11
N GLU A 85 -4.28 -3.86 -1.28
CA GLU A 85 -3.67 -3.62 -2.62
C GLU A 85 -2.27 -4.26 -2.73
N GLY A 86 -1.59 -4.44 -1.64
CA GLY A 86 -0.23 -5.07 -1.71
C GLY A 86 0.85 -4.02 -1.44
N VAL A 87 0.47 -2.78 -1.26
CA VAL A 87 1.47 -1.72 -0.98
C VAL A 87 2.22 -2.06 0.31
N PHE A 88 1.69 -3.00 1.05
CA PHE A 88 2.34 -3.42 2.33
C PHE A 88 2.03 -4.89 2.55
N CYS A 89 2.94 -5.77 2.28
CA CYS A 89 2.67 -7.22 2.47
C CYS A 89 3.42 -7.76 3.68
N SER A 90 2.72 -8.35 4.61
CA SER A 90 3.38 -8.91 5.81
C SER A 90 4.07 -7.79 6.60
N THR A 1 -11.64 -14.09 17.35
CA THR A 1 -10.71 -13.97 16.19
C THR A 1 -11.06 -12.71 15.38
N MET A 2 -12.30 -12.35 15.32
CA MET A 2 -12.70 -11.14 14.55
C MET A 2 -12.16 -9.88 15.23
N SER A 3 -11.65 -10.01 16.42
CA SER A 3 -11.10 -8.82 17.13
C SER A 3 -9.59 -8.71 16.90
N SER A 4 -9.15 -8.87 15.68
CA SER A 4 -7.70 -8.76 15.39
C SER A 4 -7.48 -8.04 14.07
N GLU A 5 -8.27 -7.05 13.78
CA GLU A 5 -8.11 -6.31 12.50
C GLU A 5 -6.67 -5.80 12.36
N HIS A 6 -5.99 -5.60 13.46
CA HIS A 6 -4.57 -5.11 13.39
C HIS A 6 -4.53 -3.72 12.74
N THR A 7 -5.65 -3.06 12.66
CA THR A 7 -5.66 -1.71 12.04
C THR A 7 -5.30 -0.64 13.08
N CYS A 8 -4.59 0.38 12.69
CA CYS A 8 -4.21 1.45 13.65
C CYS A 8 -5.38 1.79 14.56
N ILE A 9 -5.14 2.55 15.60
CA ILE A 9 -6.26 2.93 16.52
C ILE A 9 -7.01 4.12 15.93
N ASP A 10 -7.20 4.13 14.64
CA ASP A 10 -7.92 5.27 13.99
C ASP A 10 -7.00 6.48 13.86
N THR A 11 -5.80 6.26 13.40
CA THR A 11 -4.84 7.39 13.25
C THR A 11 -5.31 8.35 12.15
N ASN A 12 -4.51 9.29 11.77
CA ASN A 12 -4.92 10.23 10.70
C ASN A 12 -4.84 9.51 9.35
N VAL A 13 -5.96 9.24 8.75
CA VAL A 13 -5.94 8.53 7.44
C VAL A 13 -6.93 9.18 6.47
N PRO A 14 -6.40 9.90 5.53
CA PRO A 14 -7.24 10.58 4.52
C PRO A 14 -8.14 9.58 3.80
N ASP A 15 -9.23 10.02 3.24
CA ASP A 15 -10.15 9.08 2.53
C ASP A 15 -9.40 8.40 1.37
N ASN A 16 -9.93 7.31 0.89
CA ASN A 16 -9.26 6.61 -0.24
C ASN A 16 -7.88 6.10 0.20
N ALA A 17 -7.77 5.61 1.40
CA ALA A 17 -6.45 5.10 1.88
C ALA A 17 -6.66 3.90 2.81
N ALA A 18 -5.61 3.19 3.10
CA ALA A 18 -5.72 2.02 4.01
C ALA A 18 -4.74 2.15 5.18
N CYS A 19 -5.19 1.92 6.38
CA CYS A 19 -4.27 2.05 7.55
C CYS A 19 -4.21 0.73 8.32
N TYR A 20 -3.04 0.21 8.54
CA TYR A 20 -2.92 -1.07 9.28
C TYR A 20 -1.80 -0.98 10.33
N ARG A 21 -2.03 -1.53 11.49
CA ARG A 21 -0.97 -1.49 12.56
C ARG A 21 -0.13 -2.77 12.52
N TYR A 22 1.16 -2.64 12.37
CA TYR A 22 2.01 -3.86 12.33
C TYR A 22 1.84 -4.67 13.61
N LEU A 23 2.58 -5.73 13.77
CA LEU A 23 2.45 -6.57 15.00
C LEU A 23 3.09 -5.86 16.19
N ASP A 24 4.04 -5.00 15.95
CA ASP A 24 4.70 -4.29 17.07
C ASP A 24 3.80 -3.15 17.58
N GLY A 25 2.60 -3.08 17.10
CA GLY A 25 1.68 -1.99 17.57
C GLY A 25 2.00 -0.71 16.80
N THR A 26 2.91 -0.77 15.87
CA THR A 26 3.28 0.45 15.09
C THR A 26 2.10 0.91 14.23
N GLU A 27 2.03 2.18 13.95
CA GLU A 27 0.90 2.70 13.11
C GLU A 27 1.43 3.24 11.79
N GLU A 28 0.83 2.85 10.69
CA GLU A 28 1.30 3.35 9.37
C GLU A 28 0.10 3.62 8.45
N TRP A 29 0.23 4.56 7.56
CA TRP A 29 -0.90 4.88 6.64
C TRP A 29 -0.60 4.34 5.24
N ARG A 30 -1.51 3.62 4.65
CA ARG A 30 -1.25 3.07 3.29
C ARG A 30 -2.20 3.72 2.28
N CYS A 31 -1.79 3.82 1.04
CA CYS A 31 -2.67 4.44 0.00
C CYS A 31 -3.20 3.36 -0.95
N LEU A 32 -4.43 3.48 -1.37
CA LEU A 32 -5.00 2.45 -2.29
C LEU A 32 -4.23 2.43 -3.61
N LEU A 33 -4.47 1.46 -4.45
CA LEU A 33 -3.76 1.38 -5.74
C LEU A 33 -3.92 2.69 -6.52
N THR A 34 -5.13 3.09 -6.78
CA THR A 34 -5.35 4.36 -7.53
C THR A 34 -4.89 5.55 -6.70
N PHE A 35 -4.57 5.34 -5.46
CA PHE A 35 -4.12 6.47 -4.59
C PHE A 35 -2.60 6.38 -4.35
N LYS A 36 -1.95 7.50 -4.26
CA LYS A 36 -0.47 7.49 -4.01
C LYS A 36 -0.15 8.31 -2.76
N GLU A 37 0.58 7.73 -1.85
CA GLU A 37 0.91 8.49 -0.60
C GLU A 37 2.31 9.09 -0.69
N GLU A 38 2.41 10.40 -0.64
CA GLU A 38 3.74 11.06 -0.71
C GLU A 38 3.78 12.26 0.23
N GLY A 39 4.36 12.10 1.39
CA GLY A 39 4.43 13.24 2.34
C GLY A 39 3.54 12.96 3.56
N GLY A 40 3.06 11.74 3.69
CA GLY A 40 2.19 11.40 4.85
C GLY A 40 0.73 11.63 4.48
N LYS A 41 0.44 11.79 3.22
CA LYS A 41 -0.97 12.01 2.80
C LYS A 41 -1.32 11.06 1.65
N CYS A 42 -2.59 10.87 1.40
CA CYS A 42 -3.01 9.95 0.31
C CYS A 42 -3.68 10.75 -0.82
N VAL A 43 -3.16 10.65 -2.01
CA VAL A 43 -3.78 11.42 -3.14
C VAL A 43 -3.89 10.53 -4.38
N PRO A 44 -4.77 10.90 -5.26
CA PRO A 44 -4.98 10.14 -6.51
C PRO A 44 -3.67 10.03 -7.30
N ALA A 45 -3.39 8.89 -7.86
CA ALA A 45 -2.12 8.73 -8.63
C ALA A 45 -2.41 8.80 -10.13
N SER A 46 -1.77 9.70 -10.83
CA SER A 46 -2.00 9.81 -12.30
C SER A 46 -0.85 9.18 -13.07
N ASN A 47 0.31 9.77 -13.01
CA ASN A 47 1.48 9.20 -13.75
C ASN A 47 2.17 8.14 -12.89
N VAL A 48 1.65 7.85 -11.74
CA VAL A 48 2.27 6.82 -10.87
C VAL A 48 2.16 5.44 -11.51
N THR A 49 3.25 4.74 -11.63
CA THR A 49 3.21 3.38 -12.26
C THR A 49 4.48 2.60 -11.91
N CYS A 50 4.57 1.37 -12.34
CA CYS A 50 5.79 0.56 -12.03
C CYS A 50 7.04 1.44 -12.17
N LYS A 51 7.15 2.17 -13.24
CA LYS A 51 8.34 3.04 -13.42
C LYS A 51 8.58 3.88 -12.17
N ASP A 52 7.54 4.43 -11.61
CA ASP A 52 7.71 5.26 -10.39
C ASP A 52 7.89 4.35 -9.18
N ASN A 53 7.54 4.81 -8.01
CA ASN A 53 7.68 3.96 -6.80
C ASN A 53 6.39 3.19 -6.57
N ASN A 54 6.44 1.90 -6.75
CA ASN A 54 5.25 1.04 -6.54
C ASN A 54 3.96 1.78 -6.93
N GLY A 55 3.43 1.51 -8.08
CA GLY A 55 2.18 2.19 -8.52
C GLY A 55 0.97 1.51 -7.85
N GLY A 56 1.07 1.23 -6.58
CA GLY A 56 -0.07 0.56 -5.89
C GLY A 56 0.46 -0.37 -4.79
N CYS A 57 1.60 -0.96 -5.00
CA CYS A 57 2.17 -1.88 -3.97
C CYS A 57 3.12 -1.11 -3.04
N ALA A 58 4.08 -1.79 -2.48
CA ALA A 58 5.04 -1.10 -1.56
C ALA A 58 6.48 -1.49 -1.91
N PRO A 59 7.41 -0.85 -1.24
CA PRO A 59 8.85 -1.13 -1.50
C PRO A 59 9.16 -2.61 -1.29
N GLU A 60 8.61 -3.22 -0.28
CA GLU A 60 8.87 -4.67 -0.04
C GLU A 60 8.06 -5.52 -1.02
N ALA A 61 7.39 -4.89 -1.94
CA ALA A 61 6.57 -5.65 -2.93
C ALA A 61 7.05 -5.34 -4.35
N GLU A 62 6.86 -6.25 -5.26
CA GLU A 62 7.30 -6.02 -6.66
C GLU A 62 6.15 -5.37 -7.44
N CYS A 63 6.45 -4.49 -8.36
CA CYS A 63 5.37 -3.82 -9.12
C CYS A 63 5.21 -4.43 -10.51
N LYS A 64 4.01 -4.74 -10.86
CA LYS A 64 3.73 -5.31 -12.21
C LYS A 64 3.18 -4.20 -13.10
N MET A 65 3.19 -4.37 -14.39
CA MET A 65 2.68 -3.29 -15.28
C MET A 65 1.70 -3.88 -16.30
N THR A 66 0.72 -3.11 -16.69
CA THR A 66 -0.25 -3.60 -17.70
C THR A 66 0.43 -3.64 -19.06
N ASP A 67 -0.26 -4.00 -20.10
CA ASP A 67 0.40 -4.05 -21.43
C ASP A 67 1.13 -2.73 -21.68
N SER A 68 0.80 -1.70 -20.95
CA SER A 68 1.49 -0.39 -21.12
C SER A 68 0.64 0.73 -20.51
N ASN A 69 0.22 0.59 -19.28
CA ASN A 69 -0.61 1.69 -18.70
C ASN A 69 -0.83 1.55 -17.18
N LYS A 70 -1.51 0.53 -16.75
CA LYS A 70 -1.79 0.39 -15.29
C LYS A 70 -0.68 -0.37 -14.54
N ILE A 71 -0.21 0.20 -13.46
CA ILE A 71 0.84 -0.47 -12.65
C ILE A 71 0.20 -1.47 -11.68
N VAL A 72 0.62 -2.69 -11.72
CA VAL A 72 0.03 -3.72 -10.79
C VAL A 72 0.95 -3.94 -9.59
N CYS A 73 0.39 -4.37 -8.49
CA CYS A 73 1.22 -4.61 -7.28
C CYS A 73 1.42 -6.11 -7.07
N LYS A 74 2.61 -6.53 -6.75
CA LYS A 74 2.87 -7.98 -6.52
C LYS A 74 3.85 -8.18 -5.37
N CYS A 75 3.43 -8.82 -4.32
CA CYS A 75 4.34 -9.05 -3.16
C CYS A 75 4.54 -10.54 -2.93
N THR A 76 5.77 -11.00 -2.91
CA THR A 76 6.01 -12.45 -2.68
C THR A 76 7.49 -12.70 -2.39
N LYS A 77 8.02 -12.03 -1.41
CA LYS A 77 9.47 -12.24 -1.07
C LYS A 77 9.62 -13.38 -0.06
N GLU A 78 9.11 -14.53 -0.39
CA GLU A 78 9.22 -15.69 0.54
C GLU A 78 8.56 -15.35 1.88
N GLY A 79 7.33 -15.74 2.07
CA GLY A 79 6.65 -15.42 3.36
C GLY A 79 6.19 -13.96 3.36
N SER A 80 6.04 -13.38 2.20
CA SER A 80 5.60 -11.96 2.14
C SER A 80 4.23 -11.85 1.46
N GLU A 81 3.36 -11.03 1.99
CA GLU A 81 2.01 -10.90 1.37
C GLU A 81 1.57 -9.43 1.35
N PRO A 82 1.13 -8.99 0.20
CA PRO A 82 0.68 -7.59 0.03
C PRO A 82 -0.64 -7.36 0.78
N LEU A 83 -0.77 -6.27 1.49
CA LEU A 83 -2.04 -6.03 2.22
C LEU A 83 -3.02 -5.24 1.33
N PHE A 84 -4.16 -5.81 1.09
CA PHE A 84 -5.21 -5.15 0.24
C PHE A 84 -4.60 -4.39 -0.94
N GLU A 85 -3.94 -3.31 -0.66
CA GLU A 85 -3.36 -2.48 -1.77
C GLU A 85 -1.91 -2.89 -2.09
N GLY A 86 -1.21 -3.45 -1.16
CA GLY A 86 0.20 -3.83 -1.43
C GLY A 86 1.12 -2.88 -0.68
N VAL A 87 0.72 -1.64 -0.54
CA VAL A 87 1.56 -0.66 0.21
C VAL A 87 2.18 -1.35 1.42
N PHE A 88 1.52 -2.36 1.92
CA PHE A 88 2.06 -3.11 3.07
C PHE A 88 2.16 -4.58 2.71
N CYS A 89 3.33 -5.04 2.38
CA CYS A 89 3.48 -6.47 1.99
C CYS A 89 4.22 -7.24 3.10
N SER A 90 3.55 -8.14 3.75
CA SER A 90 4.21 -8.92 4.84
C SER A 90 5.53 -9.52 4.33
N THR A 1 -1.08 -21.18 13.65
CA THR A 1 -0.41 -20.80 12.38
C THR A 1 -0.14 -19.29 12.36
N MET A 2 0.43 -18.77 13.42
CA MET A 2 0.71 -17.31 13.47
C MET A 2 -0.58 -16.50 13.35
N SER A 3 -0.64 -15.36 13.97
CA SER A 3 -1.89 -14.53 13.89
C SER A 3 -1.58 -13.09 14.28
N SER A 4 -1.17 -12.28 13.33
CA SER A 4 -0.85 -10.85 13.64
C SER A 4 -1.74 -9.92 12.81
N GLU A 5 -2.73 -9.33 13.42
CA GLU A 5 -3.62 -8.41 12.66
C GLU A 5 -2.84 -7.20 12.16
N HIS A 6 -1.85 -6.78 12.91
CA HIS A 6 -1.03 -5.60 12.49
C HIS A 6 -1.91 -4.55 11.80
N THR A 7 -3.16 -4.48 12.17
CA THR A 7 -4.07 -3.48 11.53
C THR A 7 -3.95 -2.13 12.26
N CYS A 8 -3.80 -1.06 11.53
CA CYS A 8 -3.69 0.27 12.19
C CYS A 8 -4.70 0.39 13.33
N ILE A 9 -4.32 1.05 14.39
CA ILE A 9 -5.27 1.22 15.53
C ILE A 9 -6.15 2.43 15.27
N ASP A 10 -6.61 2.57 14.06
CA ASP A 10 -7.47 3.74 13.70
C ASP A 10 -6.59 4.98 13.51
N THR A 11 -5.54 4.86 12.76
CA THR A 11 -4.65 6.05 12.54
C THR A 11 -5.41 7.15 11.82
N ASN A 12 -4.93 8.35 11.87
CA ASN A 12 -5.64 9.42 11.13
C ASN A 12 -5.35 9.22 9.65
N VAL A 13 -6.32 8.81 8.90
CA VAL A 13 -6.08 8.56 7.45
C VAL A 13 -7.25 9.06 6.62
N PRO A 14 -6.96 9.92 5.69
CA PRO A 14 -8.01 10.48 4.80
C PRO A 14 -8.71 9.35 4.05
N ASP A 15 -9.92 9.57 3.62
CA ASP A 15 -10.65 8.51 2.88
C ASP A 15 -9.77 7.92 1.77
N ASN A 16 -10.31 7.01 1.00
CA ASN A 16 -9.52 6.40 -0.11
C ASN A 16 -8.10 6.06 0.35
N ALA A 17 -7.90 5.78 1.60
CA ALA A 17 -6.53 5.44 2.08
C ALA A 17 -6.58 4.26 3.04
N ALA A 18 -5.45 3.64 3.28
CA ALA A 18 -5.42 2.48 4.22
C ALA A 18 -4.37 2.75 5.31
N CYS A 19 -4.49 2.12 6.44
CA CYS A 19 -3.50 2.36 7.52
C CYS A 19 -2.97 1.02 8.04
N TYR A 20 -1.71 0.97 8.42
CA TYR A 20 -1.15 -0.31 8.92
C TYR A 20 -0.36 -0.09 10.21
N ARG A 21 -0.46 -1.01 11.13
CA ARG A 21 0.29 -0.87 12.42
C ARG A 21 1.33 -1.99 12.55
N TYR A 22 2.42 -1.73 13.22
CA TYR A 22 3.46 -2.79 13.38
C TYR A 22 3.25 -3.55 14.68
N LEU A 23 4.11 -4.49 14.97
CA LEU A 23 3.97 -5.27 16.23
C LEU A 23 4.38 -4.43 17.44
N ASP A 24 5.19 -3.44 17.24
CA ASP A 24 5.64 -2.59 18.38
C ASP A 24 4.51 -1.62 18.79
N GLY A 25 3.35 -1.78 18.24
CA GLY A 25 2.22 -0.87 18.61
C GLY A 25 2.34 0.45 17.84
N THR A 26 3.30 0.54 16.95
CA THR A 26 3.45 1.80 16.18
C THR A 26 2.28 1.97 15.21
N GLU A 27 2.44 2.79 14.20
CA GLU A 27 1.33 2.99 13.23
C GLU A 27 1.88 3.27 11.83
N GLU A 28 1.09 3.07 10.81
CA GLU A 28 1.57 3.33 9.43
C GLU A 28 0.41 3.78 8.54
N TRP A 29 0.67 4.72 7.67
CA TRP A 29 -0.42 5.22 6.78
C TRP A 29 -0.24 4.64 5.37
N ARG A 30 -1.31 4.22 4.74
CA ARG A 30 -1.18 3.65 3.37
C ARG A 30 -2.19 4.31 2.43
N CYS A 31 -1.85 4.43 1.17
CA CYS A 31 -2.78 5.07 0.19
C CYS A 31 -3.36 4.00 -0.74
N LEU A 32 -4.62 4.10 -1.05
CA LEU A 32 -5.26 3.09 -1.95
C LEU A 32 -4.33 2.76 -3.12
N LEU A 33 -4.62 1.70 -3.84
CA LEU A 33 -3.76 1.33 -4.99
C LEU A 33 -3.63 2.49 -5.97
N THR A 34 -4.73 3.05 -6.38
CA THR A 34 -4.67 4.21 -7.34
C THR A 34 -4.45 5.52 -6.58
N PHE A 35 -3.90 5.45 -5.40
CA PHE A 35 -3.66 6.69 -4.62
C PHE A 35 -2.23 6.70 -4.06
N LYS A 36 -1.67 7.86 -3.87
CA LYS A 36 -0.29 7.95 -3.31
C LYS A 36 -0.28 8.83 -2.08
N GLU A 37 0.30 8.38 -1.01
CA GLU A 37 0.34 9.21 0.23
C GLU A 37 1.68 9.93 0.38
N GLU A 38 1.65 11.22 0.53
CA GLU A 38 2.92 11.99 0.69
C GLU A 38 2.72 13.11 1.71
N GLY A 39 3.17 12.91 2.91
CA GLY A 39 3.02 13.98 3.95
C GLY A 39 1.90 13.60 4.92
N GLY A 40 1.48 12.37 4.92
CA GLY A 40 0.39 11.95 5.85
C GLY A 40 -0.98 12.14 5.19
N LYS A 41 -0.99 12.34 3.89
CA LYS A 41 -2.28 12.53 3.18
C LYS A 41 -2.33 11.60 1.97
N CYS A 42 -3.50 11.37 1.44
CA CYS A 42 -3.63 10.47 0.26
C CYS A 42 -4.04 11.27 -0.97
N VAL A 43 -3.33 11.13 -2.05
CA VAL A 43 -3.69 11.90 -3.28
C VAL A 43 -3.98 10.93 -4.44
N PRO A 44 -4.59 11.46 -5.46
CA PRO A 44 -4.93 10.64 -6.65
C PRO A 44 -3.66 10.16 -7.35
N ALA A 45 -3.66 8.95 -7.82
CA ALA A 45 -2.44 8.42 -8.52
C ALA A 45 -2.71 8.30 -10.02
N SER A 46 -1.83 8.83 -10.83
CA SER A 46 -2.04 8.75 -12.30
C SER A 46 -0.73 8.34 -13.00
N ASN A 47 0.29 9.15 -12.89
CA ASN A 47 1.57 8.81 -13.54
C ASN A 47 2.36 7.80 -12.70
N VAL A 48 1.75 7.28 -11.66
CA VAL A 48 2.46 6.29 -10.80
C VAL A 48 2.49 4.93 -11.51
N THR A 49 3.67 4.39 -11.73
CA THR A 49 3.77 3.07 -12.40
C THR A 49 5.16 2.47 -12.17
N CYS A 50 5.42 1.32 -12.72
CA CYS A 50 6.76 0.69 -12.53
C CYS A 50 7.86 1.75 -12.65
N LYS A 51 7.78 2.59 -13.65
CA LYS A 51 8.83 3.64 -13.81
C LYS A 51 9.07 4.36 -12.49
N ASP A 52 8.03 4.67 -11.77
CA ASP A 52 8.19 5.38 -10.47
C ASP A 52 8.32 4.35 -9.33
N ASN A 53 7.98 4.73 -8.13
CA ASN A 53 8.06 3.77 -7.00
C ASN A 53 6.73 3.05 -6.84
N ASN A 54 6.72 1.79 -7.13
CA ASN A 54 5.46 0.99 -7.00
C ASN A 54 4.27 1.80 -7.52
N GLY A 55 3.94 1.65 -8.78
CA GLY A 55 2.78 2.40 -9.35
C GLY A 55 1.63 2.40 -8.35
N GLY A 56 1.56 1.41 -7.51
CA GLY A 56 0.46 1.34 -6.52
C GLY A 56 0.64 0.10 -5.65
N CYS A 57 1.85 -0.34 -5.47
CA CYS A 57 2.10 -1.55 -4.64
C CYS A 57 2.86 -1.19 -3.37
N ALA A 58 3.65 -2.09 -2.86
CA ALA A 58 4.42 -1.79 -1.62
C ALA A 58 5.92 -1.93 -1.89
N PRO A 59 6.70 -1.44 -0.95
CA PRO A 59 8.17 -1.50 -1.08
C PRO A 59 8.64 -2.94 -1.24
N GLU A 60 8.06 -3.85 -0.50
CA GLU A 60 8.47 -5.28 -0.62
C GLU A 60 7.67 -5.96 -1.74
N ALA A 61 7.04 -5.19 -2.58
CA ALA A 61 6.24 -5.79 -3.68
C ALA A 61 6.91 -5.52 -5.03
N GLU A 62 6.71 -6.39 -5.98
CA GLU A 62 7.34 -6.18 -7.33
C GLU A 62 6.39 -5.40 -8.23
N CYS A 63 6.91 -4.57 -9.09
CA CYS A 63 6.04 -3.77 -9.99
C CYS A 63 6.04 -4.37 -11.39
N LYS A 64 4.88 -4.60 -11.92
CA LYS A 64 4.76 -5.17 -13.29
C LYS A 64 3.68 -4.41 -14.07
N MET A 65 4.00 -3.95 -15.25
CA MET A 65 2.99 -3.18 -16.04
C MET A 65 2.88 -3.73 -17.47
N THR A 66 1.71 -3.68 -18.03
CA THR A 66 1.51 -4.19 -19.41
C THR A 66 1.92 -3.13 -20.44
N ASP A 67 1.79 -3.42 -21.69
CA ASP A 67 2.17 -2.46 -22.76
C ASP A 67 1.40 -1.14 -22.61
N SER A 68 0.37 -1.13 -21.81
CA SER A 68 -0.41 0.12 -21.62
C SER A 68 0.15 0.90 -20.44
N ASN A 69 1.28 0.50 -19.96
CA ASN A 69 1.90 1.18 -18.80
C ASN A 69 1.02 1.02 -17.56
N LYS A 70 0.31 -0.06 -17.46
CA LYS A 70 -0.57 -0.29 -16.28
C LYS A 70 0.23 -0.99 -15.18
N ILE A 71 0.64 -0.27 -14.17
CA ILE A 71 1.43 -0.91 -13.08
C ILE A 71 0.53 -1.74 -12.17
N VAL A 72 0.81 -3.02 -12.08
CA VAL A 72 -0.01 -3.89 -11.20
C VAL A 72 0.74 -4.12 -9.88
N CYS A 73 0.05 -4.47 -8.84
CA CYS A 73 0.74 -4.69 -7.54
C CYS A 73 0.86 -6.19 -7.23
N LYS A 74 2.04 -6.62 -6.90
CA LYS A 74 2.25 -8.07 -6.57
C LYS A 74 3.25 -8.21 -5.41
N CYS A 75 2.82 -8.76 -4.32
CA CYS A 75 3.75 -8.91 -3.16
C CYS A 75 3.78 -10.38 -2.69
N THR A 76 4.93 -10.96 -2.63
CA THR A 76 5.02 -12.39 -2.18
C THR A 76 6.45 -12.70 -1.69
N LYS A 77 7.00 -11.85 -0.87
CA LYS A 77 8.38 -12.10 -0.36
C LYS A 77 8.37 -13.20 0.70
N GLU A 78 7.98 -14.40 0.32
CA GLU A 78 7.95 -15.51 1.31
C GLU A 78 7.09 -15.13 2.52
N GLY A 79 5.94 -15.73 2.66
CA GLY A 79 5.06 -15.40 3.82
C GLY A 79 4.59 -13.95 3.70
N SER A 80 4.59 -13.41 2.51
CA SER A 80 4.14 -12.00 2.34
C SER A 80 2.66 -11.96 1.95
N GLU A 81 1.89 -11.12 2.60
CA GLU A 81 0.44 -11.03 2.27
C GLU A 81 0.05 -9.57 2.01
N PRO A 82 -0.10 -9.25 0.75
CA PRO A 82 -0.47 -7.87 0.36
C PRO A 82 -1.80 -7.47 1.00
N LEU A 83 -1.89 -6.26 1.51
CA LEU A 83 -3.15 -5.82 2.17
C LEU A 83 -4.03 -5.02 1.21
N PHE A 84 -5.24 -5.47 1.05
CA PHE A 84 -6.22 -4.78 0.13
C PHE A 84 -5.57 -4.33 -1.17
N GLU A 85 -4.73 -3.34 -1.11
CA GLU A 85 -4.10 -2.82 -2.36
C GLU A 85 -2.77 -3.51 -2.64
N GLY A 86 -2.12 -4.01 -1.63
CA GLY A 86 -0.81 -4.67 -1.84
C GLY A 86 0.30 -3.68 -1.50
N VAL A 87 -0.06 -2.48 -1.15
CA VAL A 87 0.97 -1.47 -0.77
C VAL A 87 1.61 -1.87 0.55
N PHE A 88 1.13 -2.95 1.11
CA PHE A 88 1.69 -3.45 2.39
C PHE A 88 1.41 -4.95 2.49
N CYS A 89 2.37 -5.76 2.15
CA CYS A 89 2.13 -7.23 2.22
C CYS A 89 2.91 -7.86 3.37
N SER A 90 2.20 -8.43 4.31
CA SER A 90 2.89 -9.06 5.48
C SER A 90 1.93 -10.00 6.21
N THR A 1 -12.61 -8.14 5.40
CA THR A 1 -13.44 -7.48 6.44
C THR A 1 -12.99 -6.02 6.63
N MET A 2 -13.81 -5.21 7.22
CA MET A 2 -13.43 -3.78 7.43
C MET A 2 -12.93 -3.57 8.87
N SER A 3 -12.89 -4.61 9.65
CA SER A 3 -12.41 -4.48 11.05
C SER A 3 -10.89 -4.61 11.11
N SER A 4 -10.39 -5.82 11.18
CA SER A 4 -8.92 -6.00 11.24
C SER A 4 -8.34 -5.33 12.48
N GLU A 5 -7.88 -6.11 13.43
CA GLU A 5 -7.31 -5.50 14.67
C GLU A 5 -5.85 -5.09 14.44
N HIS A 6 -5.33 -5.38 13.28
CA HIS A 6 -3.92 -5.00 12.99
C HIS A 6 -3.85 -3.58 12.45
N THR A 7 -4.93 -2.84 12.52
CA THR A 7 -4.93 -1.45 12.01
C THR A 7 -4.42 -0.48 13.07
N CYS A 8 -3.69 0.53 12.69
CA CYS A 8 -3.16 1.51 13.68
C CYS A 8 -4.27 1.93 14.65
N ILE A 9 -3.94 2.74 15.62
CA ILE A 9 -4.98 3.19 16.59
C ILE A 9 -5.79 4.34 15.98
N ASP A 10 -6.07 4.25 14.70
CA ASP A 10 -6.85 5.33 14.03
C ASP A 10 -5.96 6.52 13.74
N THR A 11 -4.79 6.29 13.21
CA THR A 11 -3.87 7.42 12.90
C THR A 11 -4.50 8.34 11.85
N ASN A 12 -3.73 9.25 11.31
CA ASN A 12 -4.29 10.16 10.28
C ASN A 12 -4.46 9.40 8.97
N VAL A 13 -5.66 9.15 8.56
CA VAL A 13 -5.88 8.40 7.29
C VAL A 13 -7.07 8.99 6.52
N PRO A 14 -6.74 9.68 5.46
CA PRO A 14 -7.80 10.32 4.62
C PRO A 14 -8.78 9.25 4.11
N ASP A 15 -9.98 9.65 3.77
CA ASP A 15 -10.98 8.67 3.27
C ASP A 15 -10.56 8.15 1.90
N ASN A 16 -9.41 7.54 1.82
CA ASN A 16 -8.94 7.01 0.51
C ASN A 16 -7.56 6.36 0.69
N ALA A 17 -7.29 5.84 1.86
CA ALA A 17 -5.97 5.21 2.11
C ALA A 17 -6.13 4.04 3.08
N ALA A 18 -5.12 3.23 3.22
CA ALA A 18 -5.21 2.07 4.16
C ALA A 18 -4.06 2.14 5.16
N CYS A 19 -4.36 1.95 6.43
CA CYS A 19 -3.28 2.01 7.45
C CYS A 19 -3.09 0.64 8.09
N TYR A 20 -1.87 0.25 8.34
CA TYR A 20 -1.63 -1.09 8.96
C TYR A 20 -0.74 -0.95 10.19
N ARG A 21 -1.02 -1.73 11.21
CA ARG A 21 -0.19 -1.66 12.45
C ARG A 21 0.48 -3.02 12.70
N TYR A 22 1.73 -3.00 13.10
CA TYR A 22 2.43 -4.30 13.35
C TYR A 22 2.15 -4.79 14.77
N LEU A 23 2.72 -5.89 15.16
CA LEU A 23 2.49 -6.43 16.53
C LEU A 23 3.24 -5.59 17.57
N ASP A 24 4.28 -4.92 17.17
CA ASP A 24 5.05 -4.09 18.14
C ASP A 24 4.31 -2.78 18.45
N GLY A 25 3.09 -2.66 17.99
CA GLY A 25 2.33 -1.41 18.26
C GLY A 25 2.74 -0.32 17.26
N THR A 26 3.59 -0.65 16.34
CA THR A 26 4.03 0.36 15.34
C THR A 26 2.82 0.93 14.60
N GLU A 27 3.03 1.89 13.74
CA GLU A 27 1.89 2.48 12.99
C GLU A 27 2.35 2.97 11.61
N GLU A 28 1.59 2.70 10.59
CA GLU A 28 1.99 3.14 9.21
C GLU A 28 0.75 3.50 8.38
N TRP A 29 0.85 4.50 7.54
CA TRP A 29 -0.31 4.89 6.70
C TRP A 29 0.02 4.62 5.23
N ARG A 30 -0.83 3.90 4.55
CA ARG A 30 -0.56 3.61 3.11
C ARG A 30 -1.64 4.20 2.21
N CYS A 31 -1.35 4.38 0.95
CA CYS A 31 -2.36 4.96 0.03
C CYS A 31 -2.88 3.87 -0.92
N LEU A 32 -4.17 3.81 -1.12
CA LEU A 32 -4.74 2.77 -2.02
C LEU A 32 -3.89 2.61 -3.28
N LEU A 33 -4.11 1.57 -4.02
CA LEU A 33 -3.31 1.35 -5.27
C LEU A 33 -3.57 2.48 -6.27
N THR A 34 -4.80 2.85 -6.45
CA THR A 34 -5.12 3.95 -7.40
C THR A 34 -4.96 5.31 -6.72
N PHE A 35 -4.17 5.37 -5.69
CA PHE A 35 -3.96 6.66 -4.97
C PHE A 35 -2.47 6.89 -4.72
N LYS A 36 -2.07 8.13 -4.58
CA LYS A 36 -0.62 8.41 -4.33
C LYS A 36 -0.48 9.25 -3.06
N GLU A 37 0.35 8.82 -2.14
CA GLU A 37 0.52 9.61 -0.89
C GLU A 37 1.79 10.47 -0.95
N GLU A 38 1.63 11.75 -0.83
CA GLU A 38 2.82 12.65 -0.87
C GLU A 38 2.66 13.79 0.14
N GLY A 39 3.29 13.68 1.28
CA GLY A 39 3.17 14.77 2.30
C GLY A 39 2.28 14.31 3.45
N GLY A 40 2.04 13.04 3.57
CA GLY A 40 1.17 12.55 4.68
C GLY A 40 -0.30 12.57 4.24
N LYS A 41 -0.54 12.73 2.97
CA LYS A 41 -1.94 12.76 2.47
C LYS A 41 -2.09 11.77 1.32
N CYS A 42 -3.30 11.40 1.00
CA CYS A 42 -3.52 10.43 -0.09
C CYS A 42 -4.22 11.12 -1.27
N VAL A 43 -3.68 11.00 -2.45
CA VAL A 43 -4.32 11.65 -3.63
C VAL A 43 -4.57 10.63 -4.73
N PRO A 44 -5.43 11.00 -5.65
CA PRO A 44 -5.76 10.11 -6.78
C PRO A 44 -4.50 9.80 -7.60
N ALA A 45 -4.33 8.58 -8.03
CA ALA A 45 -3.12 8.25 -8.82
C ALA A 45 -3.50 7.94 -10.28
N SER A 46 -3.95 6.74 -10.54
CA SER A 46 -4.34 6.38 -11.94
C SER A 46 -3.09 6.25 -12.82
N ASN A 47 -2.39 7.34 -13.02
CA ASN A 47 -1.16 7.28 -13.87
C ASN A 47 0.02 6.72 -13.07
N VAL A 48 -0.23 6.25 -11.87
CA VAL A 48 0.87 5.69 -11.04
C VAL A 48 1.59 4.57 -11.79
N THR A 49 2.89 4.51 -11.67
CA THR A 49 3.66 3.45 -12.37
C THR A 49 4.95 3.14 -11.59
N CYS A 50 5.44 1.93 -11.69
CA CYS A 50 6.69 1.60 -10.94
C CYS A 50 7.72 2.70 -11.11
N LYS A 51 7.71 3.37 -12.24
CA LYS A 51 8.69 4.47 -12.46
C LYS A 51 8.88 5.26 -11.17
N ASP A 52 7.81 5.49 -10.47
CA ASP A 52 7.91 6.24 -9.17
C ASP A 52 8.23 5.25 -8.05
N ASN A 53 7.80 5.55 -6.85
CA ASN A 53 8.06 4.61 -5.74
C ASN A 53 6.88 3.66 -5.61
N ASN A 54 7.09 2.42 -5.95
CA ASN A 54 6.00 1.41 -5.87
C ASN A 54 4.67 2.02 -6.36
N GLY A 55 4.27 1.72 -7.58
CA GLY A 55 2.99 2.28 -8.12
C GLY A 55 1.81 1.71 -7.33
N GLY A 56 1.95 1.59 -6.03
CA GLY A 56 0.82 1.02 -5.21
C GLY A 56 1.12 -0.45 -4.94
N CYS A 57 2.36 -0.80 -4.82
CA CYS A 57 2.74 -2.22 -4.56
C CYS A 57 3.42 -2.37 -3.21
N ALA A 58 4.10 -1.35 -2.77
CA ALA A 58 4.82 -1.42 -1.45
C ALA A 58 6.17 -2.12 -1.64
N PRO A 59 7.11 -1.73 -0.83
CA PRO A 59 8.48 -2.33 -0.91
C PRO A 59 8.42 -3.86 -0.87
N GLU A 60 7.51 -4.40 -0.11
CA GLU A 60 7.42 -5.89 -0.03
C GLU A 60 6.78 -6.46 -1.30
N ALA A 61 6.45 -5.61 -2.24
CA ALA A 61 5.81 -6.10 -3.50
C ALA A 61 6.66 -5.69 -4.72
N GLU A 62 6.57 -6.44 -5.78
CA GLU A 62 7.37 -6.10 -6.99
C GLU A 62 6.53 -5.20 -7.92
N CYS A 63 7.17 -4.30 -8.61
CA CYS A 63 6.41 -3.38 -9.50
C CYS A 63 6.51 -3.80 -10.97
N LYS A 64 5.39 -4.11 -11.57
CA LYS A 64 5.39 -4.52 -12.99
C LYS A 64 4.49 -3.56 -13.78
N MET A 65 4.73 -3.38 -15.04
CA MET A 65 3.87 -2.42 -15.80
C MET A 65 3.22 -3.12 -17.01
N THR A 66 2.03 -2.73 -17.35
CA THR A 66 1.33 -3.35 -18.51
C THR A 66 1.36 -2.42 -19.72
N ASP A 67 0.78 -2.85 -20.81
CA ASP A 67 0.77 -2.00 -22.04
C ASP A 67 -0.02 -0.71 -21.81
N SER A 68 -0.77 -0.64 -20.74
CA SER A 68 -1.56 0.58 -20.45
C SER A 68 -0.80 1.46 -19.48
N ASN A 69 0.48 1.24 -19.36
CA ASN A 69 1.31 2.03 -18.42
C ASN A 69 0.78 1.89 -17.00
N LYS A 70 0.11 0.81 -16.72
CA LYS A 70 -0.45 0.60 -15.34
C LYS A 70 0.52 -0.27 -14.53
N ILE A 71 0.98 0.21 -13.40
CA ILE A 71 1.92 -0.61 -12.59
C ILE A 71 1.17 -1.73 -11.86
N VAL A 72 1.62 -2.94 -12.02
CA VAL A 72 0.95 -4.09 -11.33
C VAL A 72 1.74 -4.45 -10.07
N CYS A 73 1.06 -4.69 -9.00
CA CYS A 73 1.76 -5.03 -7.74
C CYS A 73 1.66 -6.53 -7.43
N LYS A 74 2.74 -7.12 -7.01
CA LYS A 74 2.71 -8.58 -6.68
C LYS A 74 3.53 -8.83 -5.41
N CYS A 75 2.90 -9.32 -4.37
CA CYS A 75 3.64 -9.58 -3.10
C CYS A 75 3.88 -11.08 -2.93
N THR A 76 5.11 -11.47 -2.77
CA THR A 76 5.40 -12.92 -2.59
C THR A 76 6.82 -13.12 -2.04
N LYS A 77 7.36 -12.11 -1.40
CA LYS A 77 8.73 -12.25 -0.84
C LYS A 77 8.74 -13.25 0.31
N GLU A 78 8.42 -14.49 0.04
CA GLU A 78 8.41 -15.51 1.13
C GLU A 78 7.30 -15.20 2.13
N GLY A 79 6.33 -16.07 2.24
CA GLY A 79 5.21 -15.82 3.20
C GLY A 79 4.75 -14.37 3.07
N SER A 80 4.95 -13.77 1.92
CA SER A 80 4.53 -12.35 1.75
C SER A 80 3.04 -12.29 1.37
N GLU A 81 2.34 -11.32 1.89
CA GLU A 81 0.89 -11.20 1.57
C GLU A 81 0.51 -9.74 1.32
N PRO A 82 0.14 -9.44 0.11
CA PRO A 82 -0.25 -8.06 -0.25
C PRO A 82 -1.60 -7.70 0.37
N LEU A 83 -1.72 -6.52 0.92
CA LEU A 83 -3.01 -6.13 1.54
C LEU A 83 -3.89 -5.41 0.53
N PHE A 84 -5.06 -5.96 0.28
CA PHE A 84 -6.00 -5.35 -0.71
C PHE A 84 -5.26 -4.84 -1.94
N GLU A 85 -4.59 -3.74 -1.81
CA GLU A 85 -3.86 -3.15 -2.97
C GLU A 85 -2.40 -3.63 -3.04
N GLY A 86 -1.83 -4.01 -1.93
CA GLY A 86 -0.41 -4.47 -1.94
C GLY A 86 0.44 -3.41 -1.24
N VAL A 87 -0.06 -2.20 -1.16
CA VAL A 87 0.71 -1.12 -0.48
C VAL A 87 1.34 -1.68 0.79
N PHE A 88 0.73 -2.69 1.34
CA PHE A 88 1.27 -3.34 2.56
C PHE A 88 1.29 -4.84 2.32
N CYS A 89 2.43 -5.40 2.06
CA CYS A 89 2.50 -6.85 1.79
C CYS A 89 3.15 -7.59 2.97
N SER A 90 2.39 -8.36 3.68
CA SER A 90 2.96 -9.10 4.84
C SER A 90 2.05 -10.29 5.21
N THR A 1 -10.96 -4.83 23.45
CA THR A 1 -10.70 -6.29 23.30
C THR A 1 -10.35 -6.61 21.83
N MET A 2 -9.39 -5.92 21.27
CA MET A 2 -9.01 -6.19 19.86
C MET A 2 -10.20 -5.94 18.94
N SER A 3 -9.98 -5.36 17.79
CA SER A 3 -11.10 -5.09 16.85
C SER A 3 -10.69 -5.45 15.42
N SER A 4 -9.46 -5.20 15.06
CA SER A 4 -9.00 -5.53 13.69
C SER A 4 -7.69 -6.33 13.73
N GLU A 5 -7.21 -6.76 12.61
CA GLU A 5 -5.93 -7.55 12.59
C GLU A 5 -4.76 -6.66 13.01
N HIS A 6 -4.77 -5.42 12.60
CA HIS A 6 -3.65 -4.50 12.97
C HIS A 6 -4.04 -3.05 12.67
N THR A 7 -5.16 -2.60 13.18
CA THR A 7 -5.59 -1.20 12.94
C THR A 7 -4.56 -0.23 13.52
N CYS A 8 -4.22 0.79 12.78
CA CYS A 8 -3.22 1.78 13.29
C CYS A 8 -3.80 2.57 14.47
N ILE A 9 -4.27 1.88 15.48
CA ILE A 9 -4.83 2.59 16.66
C ILE A 9 -5.63 3.81 16.21
N ASP A 10 -6.14 3.78 15.00
CA ASP A 10 -6.92 4.95 14.50
C ASP A 10 -5.97 6.12 14.23
N THR A 11 -4.85 5.87 13.61
CA THR A 11 -3.89 6.97 13.32
C THR A 11 -4.43 7.86 12.20
N ASN A 12 -3.61 8.73 11.68
CA ASN A 12 -4.08 9.61 10.58
C ASN A 12 -4.17 8.81 9.29
N VAL A 13 -5.36 8.55 8.81
CA VAL A 13 -5.50 7.75 7.56
C VAL A 13 -6.57 8.36 6.66
N PRO A 14 -6.14 9.08 5.67
CA PRO A 14 -7.06 9.72 4.71
C PRO A 14 -7.95 8.66 4.04
N ASP A 15 -9.23 8.92 3.93
CA ASP A 15 -10.14 7.93 3.30
C ASP A 15 -9.49 7.35 2.04
N ASN A 16 -9.96 6.22 1.57
CA ASN A 16 -9.38 5.60 0.35
C ASN A 16 -7.94 5.16 0.62
N ALA A 17 -7.62 4.79 1.83
CA ALA A 17 -6.23 4.35 2.14
C ALA A 17 -6.25 3.27 3.22
N ALA A 18 -5.16 2.56 3.36
CA ALA A 18 -5.10 1.49 4.40
C ALA A 18 -3.90 1.72 5.31
N CYS A 19 -4.09 1.62 6.61
CA CYS A 19 -2.95 1.84 7.55
C CYS A 19 -2.60 0.53 8.25
N TYR A 20 -1.34 0.31 8.51
CA TYR A 20 -0.94 -0.96 9.19
C TYR A 20 -0.11 -0.67 10.45
N ARG A 21 -0.32 -1.42 11.49
CA ARG A 21 0.46 -1.18 12.75
C ARG A 21 1.24 -2.45 13.11
N TYR A 22 2.37 -2.30 13.75
CA TYR A 22 3.18 -3.49 14.14
C TYR A 22 2.90 -3.88 15.59
N LEU A 23 3.58 -4.87 16.08
CA LEU A 23 3.37 -5.31 17.49
C LEU A 23 3.98 -4.32 18.47
N ASP A 24 4.96 -3.57 18.05
CA ASP A 24 5.60 -2.59 18.96
C ASP A 24 4.71 -1.36 19.14
N GLY A 25 3.51 -1.38 18.61
CA GLY A 25 2.60 -0.22 18.77
C GLY A 25 2.84 0.78 17.64
N THR A 26 3.75 0.49 16.75
CA THR A 26 4.01 1.43 15.62
C THR A 26 2.76 1.58 14.76
N GLU A 27 2.70 2.60 13.94
CA GLU A 27 1.52 2.79 13.08
C GLU A 27 1.94 3.31 11.70
N GLU A 28 1.23 2.93 10.67
CA GLU A 28 1.60 3.40 9.31
C GLU A 28 0.33 3.60 8.46
N TRP A 29 0.33 4.60 7.61
CA TRP A 29 -0.88 4.84 6.77
C TRP A 29 -0.52 4.68 5.29
N ARG A 30 -1.20 3.81 4.60
CA ARG A 30 -0.90 3.60 3.16
C ARG A 30 -2.14 3.91 2.31
N CYS A 31 -1.97 4.16 1.04
CA CYS A 31 -3.14 4.46 0.17
C CYS A 31 -3.28 3.41 -0.92
N LEU A 32 -4.42 3.35 -1.56
CA LEU A 32 -4.61 2.33 -2.65
C LEU A 32 -3.77 2.70 -3.87
N LEU A 33 -4.18 2.26 -5.03
CA LEU A 33 -3.41 2.58 -6.26
C LEU A 33 -3.96 3.85 -6.92
N THR A 34 -3.23 4.41 -7.85
CA THR A 34 -3.71 5.65 -8.53
C THR A 34 -3.96 6.75 -7.50
N PHE A 35 -3.32 6.66 -6.36
CA PHE A 35 -3.52 7.72 -5.32
C PHE A 35 -2.17 8.30 -4.90
N LYS A 36 -2.16 9.50 -4.38
CA LYS A 36 -0.89 10.11 -3.94
C LYS A 36 -1.11 10.92 -2.66
N GLU A 37 -0.34 10.68 -1.65
CA GLU A 37 -0.52 11.43 -0.37
C GLU A 37 0.50 12.56 -0.27
N GLU A 38 0.04 13.76 -0.02
CA GLU A 38 0.99 14.91 0.10
C GLU A 38 0.57 15.82 1.25
N GLY A 39 1.22 15.71 2.38
CA GLY A 39 0.85 16.58 3.54
C GLY A 39 0.00 15.77 4.53
N GLY A 40 0.05 14.47 4.45
CA GLY A 40 -0.75 13.63 5.39
C GLY A 40 -2.12 13.34 4.78
N LYS A 41 -2.44 13.98 3.68
CA LYS A 41 -3.74 13.73 3.03
C LYS A 41 -3.56 12.83 1.80
N CYS A 42 -4.56 12.05 1.47
CA CYS A 42 -4.43 11.15 0.29
C CYS A 42 -5.40 11.59 -0.81
N VAL A 43 -4.89 11.80 -2.00
CA VAL A 43 -5.78 12.23 -3.12
C VAL A 43 -5.51 11.38 -4.36
N PRO A 44 -6.42 11.44 -5.29
CA PRO A 44 -6.28 10.67 -6.54
C PRO A 44 -4.97 11.06 -7.25
N ALA A 45 -4.26 10.12 -7.77
CA ALA A 45 -2.98 10.44 -8.46
C ALA A 45 -3.09 10.13 -9.97
N SER A 46 -2.03 9.67 -10.56
CA SER A 46 -2.06 9.34 -12.02
C SER A 46 -0.66 8.95 -12.51
N ASN A 47 0.36 9.55 -11.96
CA ASN A 47 1.74 9.21 -12.40
C ASN A 47 2.28 8.02 -11.61
N VAL A 48 1.52 7.53 -10.66
CA VAL A 48 2.00 6.38 -9.85
C VAL A 48 2.16 5.14 -10.74
N THR A 49 3.35 4.58 -10.79
CA THR A 49 3.58 3.38 -11.63
C THR A 49 4.97 2.81 -11.37
N CYS A 50 5.26 1.65 -11.91
CA CYS A 50 6.61 1.04 -11.68
C CYS A 50 7.70 2.12 -11.66
N LYS A 51 7.51 3.20 -12.36
CA LYS A 51 8.55 4.28 -12.35
C LYS A 51 9.13 4.43 -10.95
N ASP A 52 8.31 4.69 -9.98
CA ASP A 52 8.80 4.83 -8.58
C ASP A 52 8.25 3.66 -7.75
N ASN A 53 7.53 3.93 -6.70
CA ASN A 53 6.96 2.81 -5.92
C ASN A 53 5.97 2.11 -6.82
N ASN A 54 6.30 0.92 -7.23
CA ASN A 54 5.41 0.16 -8.15
C ASN A 54 3.94 0.54 -7.97
N GLY A 55 3.54 1.61 -8.61
CA GLY A 55 2.11 2.08 -8.52
C GLY A 55 1.53 1.77 -7.14
N GLY A 56 2.30 1.95 -6.10
CA GLY A 56 1.78 1.66 -4.73
C GLY A 56 1.64 0.16 -4.57
N CYS A 57 2.54 -0.59 -5.13
CA CYS A 57 2.47 -2.07 -5.02
C CYS A 57 3.31 -2.55 -3.83
N ALA A 58 4.28 -1.76 -3.43
CA ALA A 58 5.15 -2.15 -2.27
C ALA A 58 6.39 -2.92 -2.76
N PRO A 59 7.52 -2.56 -2.20
CA PRO A 59 8.80 -3.21 -2.57
C PRO A 59 8.77 -4.72 -2.28
N GLU A 60 8.23 -5.11 -1.16
CA GLU A 60 8.17 -6.56 -0.84
C GLU A 60 7.51 -7.31 -2.01
N ALA A 61 6.78 -6.60 -2.81
CA ALA A 61 6.10 -7.23 -3.97
C ALA A 61 6.87 -6.87 -5.25
N GLU A 62 6.77 -7.69 -6.27
CA GLU A 62 7.51 -7.39 -7.53
C GLU A 62 6.64 -6.53 -8.43
N CYS A 63 7.25 -5.64 -9.19
CA CYS A 63 6.46 -4.72 -10.05
C CYS A 63 6.45 -5.20 -11.51
N LYS A 64 5.28 -5.47 -12.02
CA LYS A 64 5.15 -5.91 -13.43
C LYS A 64 4.19 -4.96 -14.15
N MET A 65 4.58 -4.42 -15.28
CA MET A 65 3.69 -3.48 -16.00
C MET A 65 3.29 -4.03 -17.36
N THR A 66 2.10 -3.76 -17.81
CA THR A 66 1.65 -4.28 -19.13
C THR A 66 2.03 -3.31 -20.25
N ASP A 67 1.70 -3.64 -21.47
CA ASP A 67 2.04 -2.75 -22.62
C ASP A 67 1.38 -1.38 -22.45
N SER A 68 0.45 -1.26 -21.55
CA SER A 68 -0.24 0.04 -21.34
C SER A 68 0.45 0.80 -20.21
N ASN A 69 1.57 0.31 -19.78
CA ASN A 69 2.31 0.98 -18.68
C ASN A 69 1.48 0.93 -17.39
N LYS A 70 0.69 -0.09 -17.22
CA LYS A 70 -0.15 -0.20 -16.00
C LYS A 70 0.63 -0.96 -14.91
N ILE A 71 0.75 -0.38 -13.75
CA ILE A 71 1.52 -1.06 -12.66
C ILE A 71 0.70 -2.20 -12.05
N VAL A 72 1.36 -3.26 -11.67
CA VAL A 72 0.65 -4.41 -11.04
C VAL A 72 1.39 -4.81 -9.76
N CYS A 73 0.69 -5.21 -8.75
CA CYS A 73 1.38 -5.59 -7.48
C CYS A 73 1.42 -7.11 -7.32
N LYS A 74 2.57 -7.64 -7.05
CA LYS A 74 2.70 -9.11 -6.86
C LYS A 74 3.71 -9.40 -5.75
N CYS A 75 3.28 -10.02 -4.68
CA CYS A 75 4.24 -10.33 -3.59
C CYS A 75 4.17 -11.81 -3.21
N THR A 76 5.30 -12.46 -3.20
CA THR A 76 5.30 -13.92 -2.86
C THR A 76 6.65 -14.31 -2.22
N LYS A 77 7.35 -13.36 -1.67
CA LYS A 77 8.66 -13.67 -1.03
C LYS A 77 8.45 -14.57 0.20
N GLU A 78 7.92 -15.74 0.00
CA GLU A 78 7.69 -16.66 1.16
C GLU A 78 6.69 -16.03 2.14
N GLY A 79 5.46 -16.48 2.10
CA GLY A 79 4.43 -15.91 3.02
C GLY A 79 4.21 -14.43 2.70
N SER A 80 4.46 -14.04 1.48
CA SER A 80 4.25 -12.62 1.10
C SER A 80 2.87 -12.41 0.49
N GLU A 81 2.05 -11.60 1.09
CA GLU A 81 0.69 -11.34 0.55
C GLU A 81 0.35 -9.86 0.64
N PRO A 82 0.10 -9.27 -0.50
CA PRO A 82 -0.23 -7.82 -0.57
C PRO A 82 -1.49 -7.53 0.27
N LEU A 83 -1.47 -6.46 1.03
CA LEU A 83 -2.65 -6.12 1.86
C LEU A 83 -3.61 -5.20 1.12
N PHE A 84 -4.83 -5.63 0.95
CA PHE A 84 -5.87 -4.83 0.24
C PHE A 84 -5.32 -4.18 -1.03
N GLU A 85 -4.49 -3.19 -0.87
CA GLU A 85 -3.93 -2.47 -2.06
C GLU A 85 -2.62 -3.09 -2.53
N GLY A 86 -1.91 -3.74 -1.65
CA GLY A 86 -0.61 -4.35 -2.06
C GLY A 86 0.53 -3.45 -1.57
N VAL A 87 0.25 -2.20 -1.36
CA VAL A 87 1.31 -1.27 -0.87
C VAL A 87 2.11 -1.97 0.22
N PHE A 88 1.51 -2.94 0.84
CA PHE A 88 2.21 -3.68 1.93
C PHE A 88 1.80 -5.16 1.87
N CYS A 89 2.69 -6.02 1.49
CA CYS A 89 2.32 -7.46 1.42
C CYS A 89 3.02 -8.25 2.53
N SER A 90 2.29 -9.06 3.23
CA SER A 90 2.90 -9.86 4.34
C SER A 90 2.14 -11.17 4.55
N THR A 1 -10.11 -8.41 -0.22
CA THR A 1 -10.03 -7.26 0.73
C THR A 1 -10.93 -7.52 1.94
N MET A 2 -11.28 -6.48 2.66
CA MET A 2 -12.15 -6.67 3.86
C MET A 2 -11.50 -7.64 4.84
N SER A 3 -10.41 -7.24 5.44
CA SER A 3 -9.72 -8.14 6.41
C SER A 3 -9.41 -7.38 7.71
N SER A 4 -8.77 -6.24 7.60
CA SER A 4 -8.45 -5.46 8.82
C SER A 4 -7.75 -6.35 9.85
N GLU A 5 -6.93 -7.26 9.40
CA GLU A 5 -6.21 -8.15 10.35
C GLU A 5 -4.99 -7.44 10.94
N HIS A 6 -4.61 -6.33 10.37
CA HIS A 6 -3.43 -5.59 10.89
C HIS A 6 -3.52 -4.11 10.51
N THR A 7 -4.70 -3.63 10.21
CA THR A 7 -4.85 -2.20 9.83
C THR A 7 -5.01 -1.33 11.08
N CYS A 8 -4.44 -0.15 11.08
CA CYS A 8 -4.56 0.74 12.27
C CYS A 8 -5.91 0.54 12.96
N ILE A 9 -5.94 0.65 14.26
CA ILE A 9 -7.23 0.45 14.99
C ILE A 9 -7.92 1.80 15.24
N ASP A 10 -7.17 2.86 15.30
CA ASP A 10 -7.80 4.20 15.55
C ASP A 10 -6.79 5.31 15.25
N THR A 11 -6.08 5.21 14.16
CA THR A 11 -5.09 6.27 13.82
C THR A 11 -5.66 7.19 12.75
N ASN A 12 -5.03 8.31 12.51
CA ASN A 12 -5.53 9.25 11.48
C ASN A 12 -5.19 8.69 10.09
N VAL A 13 -6.17 8.26 9.36
CA VAL A 13 -5.89 7.69 8.01
C VAL A 13 -6.78 8.38 6.95
N PRO A 14 -6.15 9.23 6.19
CA PRO A 14 -6.87 9.97 5.13
C PRO A 14 -7.62 9.01 4.20
N ASP A 15 -8.80 9.36 3.80
CA ASP A 15 -9.58 8.45 2.90
C ASP A 15 -8.70 8.02 1.71
N ASN A 16 -9.06 6.95 1.06
CA ASN A 16 -8.24 6.48 -0.10
C ASN A 16 -6.84 6.10 0.36
N ALA A 17 -6.73 5.51 1.52
CA ALA A 17 -5.38 5.12 2.02
C ALA A 17 -5.47 3.84 2.86
N ALA A 18 -4.35 3.19 3.07
CA ALA A 18 -4.36 1.95 3.89
C ALA A 18 -3.36 2.08 5.04
N CYS A 19 -3.75 1.73 6.24
CA CYS A 19 -2.81 1.86 7.39
C CYS A 19 -2.37 0.47 7.88
N TYR A 20 -1.12 0.33 8.22
CA TYR A 20 -0.63 -0.99 8.71
C TYR A 20 -0.30 -0.92 10.21
N ARG A 21 -0.71 -1.91 10.95
CA ARG A 21 -0.42 -1.91 12.42
C ARG A 21 0.68 -2.92 12.74
N TYR A 22 1.45 -2.66 13.76
CA TYR A 22 2.55 -3.61 14.12
C TYR A 22 2.13 -4.48 15.31
N LEU A 23 3.00 -5.34 15.76
CA LEU A 23 2.66 -6.22 16.91
C LEU A 23 2.67 -5.43 18.22
N ASP A 24 3.39 -4.34 18.26
CA ASP A 24 3.44 -3.53 19.51
C ASP A 24 2.16 -2.71 19.67
N GLY A 25 1.20 -2.92 18.81
CA GLY A 25 -0.08 -2.15 18.92
C GLY A 25 0.07 -0.80 18.22
N THR A 26 1.19 -0.56 17.60
CA THR A 26 1.39 0.73 16.90
C THR A 26 0.46 0.83 15.69
N GLU A 27 0.56 1.89 14.93
CA GLU A 27 -0.32 2.04 13.73
C GLU A 27 0.41 2.81 12.63
N GLU A 28 0.35 2.33 11.42
CA GLU A 28 1.04 3.04 10.31
C GLU A 28 0.03 3.40 9.20
N TRP A 29 0.07 4.61 8.72
CA TRP A 29 -0.89 5.02 7.65
C TRP A 29 -0.24 5.06 6.27
N ARG A 30 -0.77 4.32 5.34
CA ARG A 30 -0.22 4.33 3.95
C ARG A 30 -1.30 4.80 2.97
N CYS A 31 -0.92 5.36 1.87
CA CYS A 31 -1.95 5.84 0.89
C CYS A 31 -1.88 5.01 -0.40
N LEU A 32 -3.02 4.67 -0.94
CA LEU A 32 -3.03 3.87 -2.20
C LEU A 32 -2.12 4.51 -3.24
N LEU A 33 -1.32 3.72 -3.91
CA LEU A 33 -0.40 4.29 -4.93
C LEU A 33 -1.13 5.35 -5.76
N THR A 34 -2.23 4.99 -6.38
CA THR A 34 -2.98 5.98 -7.18
C THR A 34 -3.09 7.30 -6.39
N PHE A 35 -3.04 7.21 -5.09
CA PHE A 35 -3.13 8.44 -4.26
C PHE A 35 -1.76 8.78 -3.69
N LYS A 36 -1.40 10.03 -3.67
CA LYS A 36 -0.07 10.43 -3.12
C LYS A 36 -0.25 11.33 -1.90
N GLU A 37 0.36 11.01 -0.80
CA GLU A 37 0.21 11.86 0.41
C GLU A 37 1.41 12.79 0.56
N GLU A 38 1.19 14.07 0.50
CA GLU A 38 2.31 15.04 0.63
C GLU A 38 1.97 16.11 1.67
N GLY A 39 2.48 15.99 2.87
CA GLY A 39 2.18 17.00 3.91
C GLY A 39 1.06 16.48 4.82
N GLY A 40 0.86 15.19 4.86
CA GLY A 40 -0.20 14.62 5.72
C GLY A 40 -1.50 14.53 4.91
N LYS A 41 -1.52 15.10 3.74
CA LYS A 41 -2.75 15.04 2.90
C LYS A 41 -2.48 14.21 1.64
N CYS A 42 -3.44 13.45 1.20
CA CYS A 42 -3.21 12.61 -0.02
C CYS A 42 -4.09 13.08 -1.17
N VAL A 43 -3.56 13.05 -2.37
CA VAL A 43 -4.35 13.48 -3.55
C VAL A 43 -4.23 12.45 -4.67
N PRO A 44 -5.11 12.57 -5.63
CA PRO A 44 -5.11 11.63 -6.78
C PRO A 44 -3.76 11.71 -7.50
N ALA A 45 -3.23 10.59 -7.90
CA ALA A 45 -1.91 10.61 -8.61
C ALA A 45 -2.12 10.30 -10.10
N SER A 46 -2.59 9.12 -10.41
CA SER A 46 -2.82 8.75 -11.85
C SER A 46 -1.50 8.39 -12.53
N ASN A 47 -0.45 9.13 -12.26
CA ASN A 47 0.86 8.82 -12.92
C ASN A 47 1.53 7.62 -12.25
N VAL A 48 0.83 6.95 -11.37
CA VAL A 48 1.44 5.78 -10.68
C VAL A 48 1.44 4.56 -11.62
N THR A 49 2.52 3.84 -11.67
CA THR A 49 2.59 2.63 -12.56
C THR A 49 4.00 2.04 -12.54
N CYS A 50 4.18 0.88 -13.09
CA CYS A 50 5.53 0.26 -13.11
C CYS A 50 6.60 1.32 -13.40
N LYS A 51 6.41 2.10 -14.43
CA LYS A 51 7.40 3.15 -14.75
C LYS A 51 7.72 3.97 -13.50
N ASP A 52 6.72 4.25 -12.71
CA ASP A 52 6.95 5.03 -11.46
C ASP A 52 7.35 4.10 -10.33
N ASN A 53 7.16 4.50 -9.11
CA ASN A 53 7.53 3.63 -7.97
C ASN A 53 6.33 2.77 -7.58
N ASN A 54 6.42 1.51 -7.82
CA ASN A 54 5.30 0.58 -7.47
C ASN A 54 3.95 1.24 -7.78
N GLY A 55 3.33 0.86 -8.87
CA GLY A 55 2.00 1.46 -9.23
C GLY A 55 1.00 1.11 -8.13
N GLY A 56 1.31 0.12 -7.35
CA GLY A 56 0.42 -0.31 -6.24
C GLY A 56 1.11 -1.47 -5.51
N CYS A 57 2.42 -1.44 -5.50
CA CYS A 57 3.19 -2.53 -4.85
C CYS A 57 4.02 -1.96 -3.69
N ALA A 58 4.99 -2.70 -3.22
CA ALA A 58 5.84 -2.20 -2.11
C ALA A 58 7.31 -2.48 -2.41
N PRO A 59 8.16 -1.97 -1.56
CA PRO A 59 9.62 -2.15 -1.76
C PRO A 59 9.97 -3.64 -1.85
N GLU A 60 9.07 -4.51 -1.50
CA GLU A 60 9.36 -5.97 -1.57
C GLU A 60 8.43 -6.65 -2.58
N ALA A 61 7.77 -5.88 -3.42
CA ALA A 61 6.85 -6.50 -4.41
C ALA A 61 7.34 -6.18 -5.83
N GLU A 62 7.05 -7.04 -6.78
CA GLU A 62 7.51 -6.79 -8.18
C GLU A 62 6.42 -6.04 -8.95
N CYS A 63 6.81 -5.17 -9.84
CA CYS A 63 5.81 -4.40 -10.63
C CYS A 63 5.69 -4.97 -12.04
N LYS A 64 4.50 -5.27 -12.45
CA LYS A 64 4.28 -5.83 -13.81
C LYS A 64 3.05 -5.16 -14.45
N MET A 65 3.14 -4.81 -15.70
CA MET A 65 1.98 -4.14 -16.37
C MET A 65 1.20 -5.14 -17.22
N THR A 66 -0.09 -4.98 -17.29
CA THR A 66 -0.93 -5.92 -18.09
C THR A 66 -1.15 -5.36 -19.51
N ASP A 67 -1.87 -6.08 -20.32
CA ASP A 67 -2.13 -5.61 -21.72
C ASP A 67 -2.86 -4.27 -21.70
N SER A 68 -3.37 -3.86 -20.57
CA SER A 68 -4.08 -2.55 -20.49
C SER A 68 -3.15 -1.49 -19.93
N ASN A 69 -1.89 -1.80 -19.82
CA ASN A 69 -0.92 -0.82 -19.28
C ASN A 69 -1.18 -0.56 -17.80
N LYS A 70 -1.85 -1.47 -17.15
CA LYS A 70 -2.15 -1.30 -15.70
C LYS A 70 -1.00 -1.88 -14.87
N ILE A 71 -0.52 -1.15 -13.89
CA ILE A 71 0.60 -1.68 -13.07
C ILE A 71 0.09 -2.75 -12.09
N VAL A 72 0.58 -3.94 -12.21
CA VAL A 72 0.15 -5.03 -11.29
C VAL A 72 1.22 -5.22 -10.21
N CYS A 73 0.82 -5.47 -8.99
CA CYS A 73 1.83 -5.64 -7.91
C CYS A 73 1.63 -6.97 -7.17
N LYS A 74 2.69 -7.68 -6.94
CA LYS A 74 2.58 -8.98 -6.22
C LYS A 74 3.78 -9.15 -5.29
N CYS A 75 3.55 -9.23 -4.01
CA CYS A 75 4.69 -9.39 -3.06
C CYS A 75 4.72 -10.83 -2.52
N THR A 76 5.85 -11.46 -2.57
CA THR A 76 5.94 -12.87 -2.07
C THR A 76 7.29 -13.10 -1.39
N LYS A 77 7.79 -12.13 -0.68
CA LYS A 77 9.10 -12.31 0.01
C LYS A 77 8.97 -13.38 1.09
N GLU A 78 8.79 -14.62 0.71
CA GLU A 78 8.67 -15.70 1.71
C GLU A 78 7.43 -15.47 2.58
N GLY A 79 6.41 -16.28 2.43
CA GLY A 79 5.19 -16.09 3.24
C GLY A 79 4.82 -14.61 3.29
N SER A 80 5.08 -13.90 2.23
CA SER A 80 4.75 -12.44 2.21
C SER A 80 3.26 -12.23 1.93
N GLU A 81 2.66 -11.28 2.58
CA GLU A 81 1.21 -11.01 2.35
C GLU A 81 0.99 -9.51 2.07
N PRO A 82 0.86 -9.20 0.81
CA PRO A 82 0.66 -7.78 0.40
C PRO A 82 -0.59 -7.20 1.05
N LEU A 83 -0.51 -6.00 1.55
CA LEU A 83 -1.70 -5.38 2.20
C LEU A 83 -2.58 -4.65 1.19
N PHE A 84 -3.82 -5.08 1.10
CA PHE A 84 -4.77 -4.45 0.14
C PHE A 84 -4.14 -4.24 -1.23
N GLU A 85 -3.29 -3.26 -1.33
CA GLU A 85 -2.63 -2.97 -2.64
C GLU A 85 -1.30 -3.69 -2.78
N GLY A 86 -0.67 -4.00 -1.68
CA GLY A 86 0.65 -4.69 -1.74
C GLY A 86 1.72 -3.74 -1.20
N VAL A 87 1.43 -2.46 -1.15
CA VAL A 87 2.43 -1.49 -0.63
C VAL A 87 3.10 -2.07 0.61
N PHE A 88 2.43 -2.98 1.27
CA PHE A 88 3.02 -3.61 2.47
C PHE A 88 2.64 -5.09 2.49
N CYS A 89 3.56 -5.95 2.20
CA CYS A 89 3.22 -7.40 2.19
C CYS A 89 3.87 -8.11 3.38
N SER A 90 3.06 -8.52 4.33
CA SER A 90 3.61 -9.22 5.52
C SER A 90 2.60 -10.24 6.05
N THR A 1 -11.49 -11.39 10.98
CA THR A 1 -10.53 -11.81 12.06
C THR A 1 -11.01 -11.31 13.42
N MET A 2 -11.66 -10.18 13.45
CA MET A 2 -12.14 -9.63 14.75
C MET A 2 -10.98 -9.46 15.73
N SER A 3 -9.88 -8.95 15.26
CA SER A 3 -8.70 -8.76 16.16
C SER A 3 -7.88 -7.54 15.71
N SER A 4 -7.53 -7.49 14.45
CA SER A 4 -6.73 -6.33 13.95
C SER A 4 -5.59 -6.02 14.93
N GLU A 5 -4.67 -6.93 15.09
CA GLU A 5 -3.54 -6.69 16.04
C GLU A 5 -2.39 -5.97 15.30
N HIS A 6 -2.37 -6.04 14.00
CA HIS A 6 -1.29 -5.36 13.24
C HIS A 6 -1.86 -4.24 12.37
N THR A 7 -3.16 -4.16 12.26
CA THR A 7 -3.77 -3.09 11.43
C THR A 7 -3.95 -1.81 12.26
N CYS A 8 -3.76 -0.67 11.66
CA CYS A 8 -3.91 0.61 12.40
C CYS A 8 -5.14 0.55 13.30
N ILE A 9 -5.03 0.98 14.52
CA ILE A 9 -6.20 0.93 15.45
C ILE A 9 -6.97 2.26 15.39
N ASP A 10 -6.27 3.35 15.36
CA ASP A 10 -6.96 4.67 15.31
C ASP A 10 -6.08 5.68 14.57
N THR A 11 -5.69 5.38 13.37
CA THR A 11 -4.82 6.31 12.60
C THR A 11 -5.69 7.25 11.75
N ASN A 12 -5.31 8.50 11.66
CA ASN A 12 -6.10 9.44 10.83
C ASN A 12 -5.84 9.16 9.35
N VAL A 13 -6.80 8.63 8.65
CA VAL A 13 -6.59 8.31 7.21
C VAL A 13 -7.81 8.73 6.39
N PRO A 14 -7.56 9.48 5.36
CA PRO A 14 -8.65 9.96 4.47
C PRO A 14 -9.37 8.77 3.82
N ASP A 15 -10.58 8.97 3.40
CA ASP A 15 -11.33 7.85 2.76
C ASP A 15 -10.70 7.49 1.42
N ASN A 16 -9.44 7.14 1.43
CA ASN A 16 -8.75 6.78 0.16
C ASN A 16 -7.34 6.26 0.45
N ALA A 17 -7.13 5.74 1.63
CA ALA A 17 -5.77 5.23 1.99
C ALA A 17 -5.89 4.03 2.92
N ALA A 18 -4.82 3.31 3.11
CA ALA A 18 -4.86 2.13 4.03
C ALA A 18 -3.79 2.30 5.11
N CYS A 19 -4.14 2.05 6.34
CA CYS A 19 -3.13 2.20 7.43
C CYS A 19 -2.85 0.85 8.08
N TYR A 20 -1.65 0.66 8.57
CA TYR A 20 -1.30 -0.64 9.20
C TYR A 20 -0.35 -0.42 10.38
N ARG A 21 -0.52 -1.18 11.43
CA ARG A 21 0.37 -1.02 12.62
C ARG A 21 1.47 -2.09 12.60
N TYR A 22 2.62 -1.79 13.14
CA TYR A 22 3.73 -2.78 13.14
C TYR A 22 3.64 -3.67 14.39
N LEU A 23 4.46 -4.68 14.47
CA LEU A 23 4.43 -5.59 15.65
C LEU A 23 5.05 -4.91 16.86
N ASP A 24 5.91 -3.96 16.66
CA ASP A 24 6.55 -3.26 17.81
C ASP A 24 5.58 -2.26 18.43
N GLY A 25 4.36 -2.23 17.98
CA GLY A 25 3.36 -1.28 18.55
C GLY A 25 3.45 0.05 17.83
N THR A 26 4.30 0.15 16.83
CA THR A 26 4.42 1.44 16.09
C THR A 26 3.18 1.65 15.22
N GLU A 27 3.30 2.46 14.19
CA GLU A 27 2.12 2.70 13.31
C GLU A 27 2.57 2.98 11.88
N GLU A 28 2.01 2.28 10.93
CA GLU A 28 2.40 2.50 9.50
C GLU A 28 1.17 2.87 8.68
N TRP A 29 1.27 3.88 7.86
CA TRP A 29 0.08 4.28 7.04
C TRP A 29 0.44 4.27 5.55
N ARG A 30 -0.49 3.91 4.71
CA ARG A 30 -0.20 3.88 3.25
C ARG A 30 -1.46 4.22 2.45
N CYS A 31 -1.30 4.62 1.22
CA CYS A 31 -2.49 4.96 0.39
C CYS A 31 -2.69 3.93 -0.72
N LEU A 32 -3.84 3.93 -1.34
CA LEU A 32 -4.08 2.94 -2.44
C LEU A 32 -3.00 3.07 -3.52
N LEU A 33 -3.25 2.54 -4.68
CA LEU A 33 -2.24 2.63 -5.78
C LEU A 33 -2.49 3.88 -6.63
N THR A 34 -3.72 4.10 -7.01
CA THR A 34 -4.03 5.30 -7.85
C THR A 34 -4.03 6.56 -6.98
N PHE A 35 -3.72 6.43 -5.71
CA PHE A 35 -3.71 7.61 -4.81
C PHE A 35 -2.33 7.78 -4.18
N LYS A 36 -1.84 8.99 -4.10
CA LYS A 36 -0.50 9.21 -3.48
C LYS A 36 -0.65 10.11 -2.25
N GLU A 37 -0.13 9.69 -1.13
CA GLU A 37 -0.26 10.54 0.09
C GLU A 37 0.99 11.40 0.28
N GLU A 38 0.83 12.70 0.24
CA GLU A 38 2.01 13.59 0.42
C GLU A 38 1.69 14.67 1.46
N GLY A 39 2.15 14.51 2.67
CA GLY A 39 1.88 15.53 3.72
C GLY A 39 0.74 15.04 4.62
N GLY A 40 0.51 13.76 4.66
CA GLY A 40 -0.58 13.22 5.52
C GLY A 40 -1.89 13.19 4.71
N LYS A 41 -1.89 13.79 3.55
CA LYS A 41 -3.13 13.79 2.72
C LYS A 41 -2.86 13.05 1.41
N CYS A 42 -3.86 12.42 0.85
CA CYS A 42 -3.66 11.67 -0.43
C CYS A 42 -4.44 12.32 -1.56
N VAL A 43 -3.91 12.26 -2.75
CA VAL A 43 -4.61 12.88 -3.91
C VAL A 43 -4.55 11.92 -5.11
N PRO A 44 -5.34 12.22 -6.10
CA PRO A 44 -5.37 11.37 -7.31
C PRO A 44 -3.96 11.27 -7.90
N ALA A 45 -3.57 10.10 -8.33
CA ALA A 45 -2.20 9.94 -8.91
C ALA A 45 -2.28 9.58 -10.39
N SER A 46 -2.78 8.41 -10.70
CA SER A 46 -2.90 8.00 -12.12
C SER A 46 -1.51 7.67 -12.70
N ASN A 47 -0.57 8.57 -12.57
CA ASN A 47 0.80 8.32 -13.11
C ASN A 47 1.49 7.21 -12.30
N VAL A 48 0.85 6.72 -11.26
CA VAL A 48 1.49 5.64 -10.44
C VAL A 48 1.85 4.46 -11.34
N THR A 49 3.03 3.94 -11.19
CA THR A 49 3.45 2.76 -12.04
C THR A 49 4.89 2.38 -11.73
N CYS A 50 5.30 1.20 -12.11
CA CYS A 50 6.70 0.77 -11.84
C CYS A 50 7.65 1.95 -12.04
N LYS A 51 7.38 2.79 -12.99
CA LYS A 51 8.26 3.96 -13.23
C LYS A 51 8.44 4.77 -11.95
N ASP A 52 7.37 5.02 -11.24
CA ASP A 52 7.48 5.78 -9.97
C ASP A 52 7.88 4.84 -8.83
N ASN A 53 7.23 4.93 -7.71
CA ASN A 53 7.57 4.03 -6.58
C ASN A 53 6.70 2.78 -6.67
N ASN A 54 7.31 1.68 -6.99
CA ASN A 54 6.55 0.39 -7.10
C ASN A 54 5.10 0.63 -7.52
N GLY A 55 4.88 1.60 -8.37
CA GLY A 55 3.48 1.90 -8.82
C GLY A 55 2.52 1.75 -7.63
N GLY A 56 2.94 2.13 -6.45
CA GLY A 56 2.05 2.00 -5.27
C GLY A 56 1.82 0.51 -4.99
N CYS A 57 2.85 -0.28 -5.09
CA CYS A 57 2.69 -1.74 -4.86
C CYS A 57 3.38 -2.15 -3.54
N ALA A 58 4.00 -1.22 -2.87
CA ALA A 58 4.72 -1.55 -1.59
C ALA A 58 6.13 -2.07 -1.88
N PRO A 59 7.04 -1.70 -1.02
CA PRO A 59 8.46 -2.13 -1.18
C PRO A 59 8.59 -3.65 -1.02
N GLU A 60 7.90 -4.21 -0.06
CA GLU A 60 8.00 -5.69 0.14
C GLU A 60 7.36 -6.43 -1.04
N ALA A 61 6.76 -5.71 -1.94
CA ALA A 61 6.11 -6.36 -3.12
C ALA A 61 6.80 -5.92 -4.42
N GLU A 62 6.77 -6.74 -5.42
CA GLU A 62 7.43 -6.38 -6.71
C GLU A 62 6.41 -5.66 -7.62
N CYS A 63 6.85 -4.72 -8.41
CA CYS A 63 5.91 -3.99 -9.29
C CYS A 63 6.02 -4.51 -10.73
N LYS A 64 4.92 -4.99 -11.25
CA LYS A 64 4.91 -5.50 -12.65
C LYS A 64 4.15 -4.51 -13.53
N MET A 65 4.56 -4.34 -14.74
CA MET A 65 3.85 -3.35 -15.62
C MET A 65 2.88 -4.05 -16.57
N THR A 66 1.81 -3.40 -16.89
CA THR A 66 0.81 -4.00 -17.82
C THR A 66 1.38 -4.00 -19.23
N ASP A 67 0.63 -4.41 -20.20
CA ASP A 67 1.18 -4.46 -21.58
C ASP A 67 1.84 -3.12 -21.93
N SER A 68 1.57 -2.08 -21.17
CA SER A 68 2.21 -0.77 -21.46
C SER A 68 1.42 0.35 -20.80
N ASN A 69 1.23 0.32 -19.50
CA ASN A 69 0.46 1.43 -18.88
C ASN A 69 0.31 1.28 -17.35
N LYS A 70 -0.50 0.36 -16.89
CA LYS A 70 -0.73 0.23 -15.43
C LYS A 70 0.25 -0.71 -14.74
N ILE A 71 0.61 -0.40 -13.52
CA ILE A 71 1.56 -1.26 -12.75
C ILE A 71 0.79 -2.36 -11.99
N VAL A 72 1.24 -3.57 -12.09
CA VAL A 72 0.56 -4.68 -11.36
C VAL A 72 1.35 -4.97 -10.08
N CYS A 73 0.68 -5.22 -8.98
CA CYS A 73 1.42 -5.49 -7.72
C CYS A 73 1.42 -6.97 -7.35
N LYS A 74 2.55 -7.49 -6.95
CA LYS A 74 2.62 -8.92 -6.55
C LYS A 74 3.59 -9.06 -5.35
N CYS A 75 3.09 -9.50 -4.23
CA CYS A 75 3.99 -9.65 -3.05
C CYS A 75 4.03 -11.11 -2.60
N THR A 76 5.21 -11.64 -2.44
CA THR A 76 5.33 -13.07 -1.99
C THR A 76 6.66 -13.28 -1.27
N LYS A 77 7.00 -12.42 -0.36
CA LYS A 77 8.29 -12.58 0.38
C LYS A 77 8.17 -13.70 1.41
N GLU A 78 7.76 -14.87 0.99
CA GLU A 78 7.62 -16.00 1.94
C GLU A 78 6.50 -15.72 2.95
N GLY A 79 5.32 -16.23 2.70
CA GLY A 79 4.19 -15.98 3.64
C GLY A 79 3.74 -14.53 3.53
N SER A 80 4.02 -13.89 2.43
CA SER A 80 3.61 -12.47 2.27
C SER A 80 2.28 -12.38 1.50
N GLU A 81 1.41 -11.50 1.91
CA GLU A 81 0.09 -11.37 1.21
C GLU A 81 -0.28 -9.89 1.04
N PRO A 82 -0.28 -9.45 -0.19
CA PRO A 82 -0.62 -8.04 -0.50
C PRO A 82 -2.02 -7.72 0.01
N LEU A 83 -2.22 -6.52 0.49
CA LEU A 83 -3.57 -6.14 1.02
C LEU A 83 -4.32 -5.26 0.01
N PHE A 84 -5.46 -5.73 -0.42
CA PHE A 84 -6.29 -4.95 -1.39
C PHE A 84 -5.44 -4.48 -2.57
N GLU A 85 -4.63 -3.48 -2.34
CA GLU A 85 -3.79 -2.93 -3.45
C GLU A 85 -2.41 -3.59 -3.47
N GLY A 86 -1.96 -4.09 -2.37
CA GLY A 86 -0.60 -4.72 -2.33
C GLY A 86 0.38 -3.72 -1.73
N VAL A 87 -0.04 -2.48 -1.59
CA VAL A 87 0.87 -1.45 -1.00
C VAL A 87 1.43 -1.97 0.34
N PHE A 88 0.85 -3.01 0.85
CA PHE A 88 1.34 -3.59 2.13
C PHE A 88 0.95 -5.07 2.18
N CYS A 89 1.89 -5.95 1.96
CA CYS A 89 1.55 -7.40 1.98
C CYS A 89 2.11 -8.08 3.22
N SER A 90 1.30 -8.86 3.89
CA SER A 90 1.79 -9.56 5.12
C SER A 90 0.77 -10.60 5.57
N THR A 1 -12.70 -5.93 15.85
CA THR A 1 -14.03 -5.30 15.60
C THR A 1 -14.09 -4.75 14.17
N MET A 2 -13.05 -4.92 13.41
CA MET A 2 -13.04 -4.41 12.02
C MET A 2 -12.78 -5.55 11.03
N SER A 3 -12.25 -5.25 9.88
CA SER A 3 -11.97 -6.32 8.88
C SER A 3 -10.45 -6.56 8.78
N SER A 4 -9.71 -6.22 9.80
CA SER A 4 -8.24 -6.43 9.75
C SER A 4 -7.65 -6.36 11.16
N GLU A 5 -6.77 -7.27 11.49
CA GLU A 5 -6.16 -7.26 12.85
C GLU A 5 -4.91 -6.37 12.86
N HIS A 6 -4.53 -5.86 11.73
CA HIS A 6 -3.32 -4.99 11.67
C HIS A 6 -3.70 -3.59 11.16
N THR A 7 -4.89 -3.15 11.44
CA THR A 7 -5.31 -1.80 10.97
C THR A 7 -4.88 -0.74 11.98
N CYS A 8 -4.40 0.39 11.51
CA CYS A 8 -3.95 1.46 12.45
C CYS A 8 -4.97 1.60 13.60
N ILE A 9 -4.57 2.25 14.66
CA ILE A 9 -5.50 2.43 15.81
C ILE A 9 -6.39 3.65 15.54
N ASP A 10 -6.85 3.79 14.33
CA ASP A 10 -7.71 4.95 13.96
C ASP A 10 -6.85 6.18 13.76
N THR A 11 -5.65 6.00 13.27
CA THR A 11 -4.75 7.17 13.03
C THR A 11 -5.37 8.11 12.00
N ASN A 12 -4.62 9.08 11.55
CA ASN A 12 -5.17 10.01 10.53
C ASN A 12 -5.23 9.32 9.17
N VAL A 13 -6.40 9.02 8.69
CA VAL A 13 -6.52 8.34 7.38
C VAL A 13 -7.69 8.92 6.57
N PRO A 14 -7.34 9.57 5.49
CA PRO A 14 -8.36 10.18 4.61
C PRO A 14 -9.24 9.10 3.98
N ASP A 15 -10.43 9.44 3.57
CA ASP A 15 -11.32 8.41 2.95
C ASP A 15 -10.77 7.98 1.59
N ASN A 16 -9.58 7.46 1.59
CA ASN A 16 -8.97 7.00 0.30
C ASN A 16 -7.53 6.55 0.56
N ALA A 17 -7.27 6.04 1.73
CA ALA A 17 -5.88 5.59 2.06
C ALA A 17 -5.91 4.31 2.89
N ALA A 18 -4.79 3.65 3.03
CA ALA A 18 -4.75 2.40 3.84
C ALA A 18 -3.70 2.51 4.94
N CYS A 19 -4.04 2.13 6.14
CA CYS A 19 -3.06 2.22 7.26
C CYS A 19 -2.77 0.83 7.82
N TYR A 20 -1.52 0.46 7.91
CA TYR A 20 -1.17 -0.88 8.45
C TYR A 20 -0.51 -0.77 9.84
N ARG A 21 -1.07 -1.41 10.82
CA ARG A 21 -0.48 -1.34 12.19
C ARG A 21 0.44 -2.55 12.44
N TYR A 22 1.45 -2.37 13.25
CA TYR A 22 2.37 -3.49 13.54
C TYR A 22 2.04 -4.12 14.90
N LEU A 23 2.50 -5.31 15.15
CA LEU A 23 2.22 -5.97 16.45
C LEU A 23 2.58 -5.05 17.62
N ASP A 24 3.48 -4.13 17.41
CA ASP A 24 3.88 -3.21 18.52
C ASP A 24 2.80 -2.15 18.76
N GLY A 25 1.67 -2.28 18.14
CA GLY A 25 0.58 -1.27 18.34
C GLY A 25 0.86 -0.04 17.49
N THR A 26 1.88 -0.08 16.68
CA THR A 26 2.20 1.10 15.82
C THR A 26 1.59 0.90 14.42
N GLU A 27 1.39 1.97 13.69
CA GLU A 27 0.81 1.81 12.33
C GLU A 27 1.30 2.92 11.40
N GLU A 28 1.22 2.68 10.12
CA GLU A 28 1.68 3.70 9.13
C GLU A 28 0.52 4.04 8.20
N TRP A 29 0.57 5.18 7.56
CA TRP A 29 -0.54 5.54 6.63
C TRP A 29 -0.08 5.35 5.18
N ARG A 30 -0.78 4.53 4.44
CA ARG A 30 -0.38 4.30 3.03
C ARG A 30 -1.49 4.76 2.07
N CYS A 31 -1.15 4.98 0.83
CA CYS A 31 -2.17 5.44 -0.16
C CYS A 31 -2.48 4.30 -1.14
N LEU A 32 -3.74 4.08 -1.42
CA LEU A 32 -4.11 2.99 -2.35
C LEU A 32 -3.33 3.11 -3.66
N LEU A 33 -3.18 2.03 -4.38
CA LEU A 33 -2.43 2.09 -5.66
C LEU A 33 -2.87 3.30 -6.48
N THR A 34 -4.14 3.45 -6.70
CA THR A 34 -4.64 4.62 -7.49
C THR A 34 -4.47 5.90 -6.68
N PHE A 35 -4.02 5.80 -5.46
CA PHE A 35 -3.84 7.01 -4.61
C PHE A 35 -2.37 7.15 -4.21
N LYS A 36 -1.89 8.36 -4.12
CA LYS A 36 -0.46 8.56 -3.73
C LYS A 36 -0.39 9.48 -2.51
N GLU A 37 0.35 9.10 -1.50
CA GLU A 37 0.43 9.96 -0.29
C GLU A 37 1.72 10.80 -0.30
N GLU A 38 1.57 12.09 -0.21
CA GLU A 38 2.77 12.98 -0.21
C GLU A 38 2.55 14.15 0.76
N GLY A 39 3.10 14.07 1.94
CA GLY A 39 2.91 15.18 2.92
C GLY A 39 1.97 14.73 4.04
N GLY A 40 1.70 13.45 4.13
CA GLY A 40 0.79 12.96 5.21
C GLY A 40 -0.66 12.96 4.70
N LYS A 41 -0.85 13.08 3.42
CA LYS A 41 -2.23 13.08 2.86
C LYS A 41 -2.32 12.09 1.69
N CYS A 42 -3.50 11.69 1.33
CA CYS A 42 -3.65 10.72 0.20
C CYS A 42 -4.33 11.41 -0.99
N VAL A 43 -3.73 11.38 -2.14
CA VAL A 43 -4.35 12.03 -3.32
C VAL A 43 -4.43 11.03 -4.49
N PRO A 44 -5.22 11.39 -5.47
CA PRO A 44 -5.39 10.52 -6.65
C PRO A 44 -4.04 10.31 -7.35
N ALA A 45 -3.79 9.12 -7.82
CA ALA A 45 -2.49 8.84 -8.51
C ALA A 45 -2.66 8.99 -10.03
N SER A 46 -3.13 7.97 -10.69
CA SER A 46 -3.32 8.06 -12.16
C SER A 46 -1.96 8.13 -12.87
N ASN A 47 -1.18 9.14 -12.56
CA ASN A 47 0.16 9.26 -13.21
C ASN A 47 1.17 8.36 -12.53
N VAL A 48 0.72 7.53 -11.61
CA VAL A 48 1.67 6.62 -10.90
C VAL A 48 1.77 5.28 -11.63
N THR A 49 2.97 4.88 -11.98
CA THR A 49 3.14 3.59 -12.70
C THR A 49 4.53 3.02 -12.42
N CYS A 50 4.67 1.72 -12.47
CA CYS A 50 6.01 1.11 -12.20
C CYS A 50 7.13 1.99 -12.79
N LYS A 51 6.88 2.61 -13.91
CA LYS A 51 7.93 3.48 -14.51
C LYS A 51 8.59 4.32 -13.42
N ASP A 52 7.87 4.62 -12.38
CA ASP A 52 8.45 5.42 -11.26
C ASP A 52 8.82 4.50 -10.10
N ASN A 53 8.62 4.93 -8.89
CA ASN A 53 8.94 4.06 -7.73
C ASN A 53 7.71 3.26 -7.33
N ASN A 54 7.75 1.98 -7.56
CA ASN A 54 6.60 1.10 -7.21
C ASN A 54 5.29 1.88 -7.20
N GLY A 55 4.52 1.81 -8.25
CA GLY A 55 3.21 2.54 -8.30
C GLY A 55 2.57 2.51 -6.91
N GLY A 56 2.81 1.48 -6.14
CA GLY A 56 2.21 1.40 -4.79
C GLY A 56 2.17 -0.07 -4.35
N CYS A 57 3.19 -0.83 -4.67
CA CYS A 57 3.19 -2.26 -4.28
C CYS A 57 3.68 -2.41 -2.83
N ALA A 58 4.96 -2.27 -2.60
CA ALA A 58 5.50 -2.40 -1.20
C ALA A 58 6.99 -2.77 -1.25
N PRO A 59 7.63 -2.61 -0.12
CA PRO A 59 9.09 -2.90 -0.02
C PRO A 59 9.37 -4.36 -0.42
N GLU A 60 8.54 -5.27 0.00
CA GLU A 60 8.78 -6.71 -0.35
C GLU A 60 7.80 -7.14 -1.45
N ALA A 61 7.34 -6.21 -2.23
CA ALA A 61 6.37 -6.55 -3.32
C ALA A 61 7.00 -6.29 -4.69
N GLU A 62 6.57 -7.01 -5.70
CA GLU A 62 7.15 -6.80 -7.05
C GLU A 62 6.36 -5.74 -7.81
N CYS A 63 7.01 -4.96 -8.62
CA CYS A 63 6.31 -3.88 -9.37
C CYS A 63 6.07 -4.30 -10.83
N LYS A 64 4.83 -4.37 -11.22
CA LYS A 64 4.51 -4.76 -12.63
C LYS A 64 3.37 -3.88 -13.15
N MET A 65 3.29 -3.69 -14.44
CA MET A 65 2.20 -2.82 -14.99
C MET A 65 1.25 -3.65 -15.87
N THR A 66 -0.01 -3.30 -15.86
CA THR A 66 -1.00 -4.07 -16.69
C THR A 66 -1.13 -3.45 -18.09
N ASP A 67 -1.98 -4.02 -18.90
CA ASP A 67 -2.17 -3.50 -20.29
C ASP A 67 -2.81 -2.11 -20.27
N SER A 68 -3.33 -1.70 -19.14
CA SER A 68 -3.97 -0.35 -19.05
C SER A 68 -2.95 0.65 -18.53
N ASN A 69 -1.70 0.30 -18.62
CA ASN A 69 -0.63 1.21 -18.14
C ASN A 69 -0.79 1.44 -16.63
N LYS A 70 -1.60 0.64 -16.00
CA LYS A 70 -1.80 0.80 -14.52
C LYS A 70 -0.76 -0.05 -13.77
N ILE A 71 -0.22 0.45 -12.71
CA ILE A 71 0.79 -0.34 -11.96
C ILE A 71 0.14 -1.46 -11.17
N VAL A 72 0.48 -2.68 -11.45
CA VAL A 72 -0.11 -3.82 -10.70
C VAL A 72 0.88 -4.28 -9.63
N CYS A 73 0.38 -4.63 -8.47
CA CYS A 73 1.30 -5.06 -7.39
C CYS A 73 1.27 -6.58 -7.19
N LYS A 74 2.42 -7.17 -7.00
CA LYS A 74 2.49 -8.63 -6.78
C LYS A 74 3.56 -8.94 -5.73
N CYS A 75 3.20 -9.50 -4.61
CA CYS A 75 4.21 -9.81 -3.58
C CYS A 75 4.30 -11.31 -3.32
N THR A 76 5.49 -11.85 -3.32
CA THR A 76 5.65 -13.31 -3.08
C THR A 76 7.07 -13.61 -2.62
N LYS A 77 7.72 -12.67 -2.00
CA LYS A 77 9.13 -12.91 -1.53
C LYS A 77 9.13 -13.94 -0.41
N GLU A 78 8.77 -15.17 -0.71
CA GLU A 78 8.76 -16.22 0.34
C GLU A 78 7.83 -15.83 1.48
N GLY A 79 6.80 -16.60 1.71
CA GLY A 79 5.85 -16.26 2.81
C GLY A 79 5.40 -14.81 2.66
N SER A 80 5.49 -14.26 1.49
CA SER A 80 5.07 -12.85 1.28
C SER A 80 3.54 -12.75 1.19
N GLU A 81 2.95 -11.80 1.86
CA GLU A 81 1.47 -11.66 1.82
C GLU A 81 1.08 -10.19 1.68
N PRO A 82 0.81 -9.79 0.47
CA PRO A 82 0.42 -8.39 0.20
C PRO A 82 -0.93 -8.08 0.87
N LEU A 83 -1.12 -6.86 1.30
CA LEU A 83 -2.41 -6.50 1.96
C LEU A 83 -3.17 -5.47 1.14
N PHE A 84 -4.40 -5.76 0.83
CA PHE A 84 -5.24 -4.84 0.00
C PHE A 84 -4.43 -4.26 -1.15
N GLU A 85 -3.58 -3.33 -0.85
CA GLU A 85 -2.75 -2.70 -1.92
C GLU A 85 -1.41 -3.42 -2.07
N GLY A 86 -0.94 -4.05 -1.03
CA GLY A 86 0.36 -4.75 -1.10
C GLY A 86 1.41 -3.88 -0.41
N VAL A 87 1.19 -2.59 -0.38
CA VAL A 87 2.16 -1.67 0.28
C VAL A 87 2.59 -2.27 1.63
N PHE A 88 1.82 -3.19 2.13
CA PHE A 88 2.17 -3.85 3.41
C PHE A 88 2.08 -5.37 3.18
N CYS A 89 3.16 -5.99 2.84
CA CYS A 89 3.10 -7.45 2.57
C CYS A 89 3.79 -8.24 3.68
N SER A 90 3.06 -9.12 4.32
CA SER A 90 3.67 -9.92 5.42
C SER A 90 4.84 -10.75 4.89
#